data_7OCU
#
_entry.id   7OCU
#
_cell.length_a   99.439
_cell.length_b   157.433
_cell.length_c   219.824
_cell.angle_alpha   90.000
_cell.angle_beta   90.000
_cell.angle_gamma   90.000
#
_symmetry.space_group_name_H-M   'C 2 2 21'
#
loop_
_entity.id
_entity.type
_entity.pdbx_description
1 polymer 'Mannitol-1-phosphate dehydrogenase/phosphatase MtlD'
2 non-polymer BETA-MERCAPTOETHANOL
3 non-polymer 'MAGNESIUM ION'
4 non-polymer 'SULFATE ION'
5 non-polymer 'CHLORIDE ION'
6 non-polymer '4-(2-HYDROXYETHYL)-1-PIPERAZINE ETHANESULFONIC ACID'
7 non-polymer D-Mannitol-1-phosphate
8 water water
#
_entity_poly.entity_id   1
_entity_poly.type   'polypeptide(L)'
_entity_poly.pdbx_seq_one_letter_code
;MVLIFHGKPVHGAIFDMDGTMFDTERLRFQTLQQASQELIGQEFSHEYLMQCLGLSATTAEKLAQRLYGVDVPYKEIRKR
ADEMELEHIRKHGVPIKKGLVQVLERLRKSGLRMAVATSSRRAIAEEYLINANVYKFFDVITCGDEVEQGKPHPEIFLKA
ASQLHLDANQCLMFEDSENGLTSAHTSKGLTILLKDIKEPNDEMLEKAHFYYDQMYDFLTDLDQFIPVMDMPEMQEPFPQ
SLNQLTVGIHGFGAIGGGYIAQILSHWDGYTKPKRIIASTRNSLFREAVNAFGTYSIRYGQFSYDERIENMSIVDSDNEQ
QMLEMYTHSSLIALCLPEQAIESESKIIAKGLYARFNSQLETCIEPLTFLIILAKVGAKYLVMKHLKEALLELTNDEDVT
EHILKEHYFCDTVVNRMVSKLSNQNLYRQLRIKHNFLEQHLEDVEQEDQIEIEDCNKLTPDQLNQASIYVDNMRRNFQPG
HILQSMDLILFHSETDMPIYVEKGSPLLEKLRQVVLVDQITDIQLIKNRLWNGVHAMLAWYASLMGYESIGVAMGDHLVK
AFAENLIAEVKQGLAIVLPNYAKDLDRMSQSFLDSCEYAFKDPCQRVARDPLRKLNHNERVMASIAVNIRHDLPYKNLLK
GAALGYAYAIQFLEIEETKAVEHLQQQIQNLDLSTAQRRQLEAELVQLIQYLFSEQGKQPLDIKSNNTKTTSTQYVAAAL
EHHHHHH
;
_entity_poly.pdbx_strand_id   A,B
#
loop_
_chem_comp.id
_chem_comp.type
_chem_comp.name
_chem_comp.formula
44H non-polymer D-Mannitol-1-phosphate 'C6 H15 O9 P'
BME non-polymer BETA-MERCAPTOETHANOL 'C2 H6 O S'
CL non-polymer 'CHLORIDE ION' 'Cl -1'
EPE non-polymer '4-(2-HYDROXYETHYL)-1-PIPERAZINE ETHANESULFONIC ACID' 'C8 H18 N2 O4 S'
MG non-polymer 'MAGNESIUM ION' 'Mg 2'
SO4 non-polymer 'SULFATE ION' 'O4 S -2'
#
# COMPACT_ATOMS: atom_id res chain seq x y z
N VAL A 2 22.73 -3.23 -15.18
CA VAL A 2 23.76 -2.30 -14.63
C VAL A 2 23.41 -0.88 -15.06
N LEU A 3 23.58 0.11 -14.17
CA LEU A 3 23.44 1.55 -14.50
C LEU A 3 24.66 2.00 -15.31
N ILE A 4 24.43 2.52 -16.52
CA ILE A 4 25.47 3.15 -17.38
C ILE A 4 25.35 4.67 -17.23
N PHE A 5 26.38 5.32 -16.72
CA PHE A 5 26.50 6.81 -16.61
C PHE A 5 27.65 7.28 -17.50
N HIS A 6 27.32 7.96 -18.60
CA HIS A 6 28.27 8.48 -19.61
C HIS A 6 29.27 7.38 -20.00
N GLY A 7 28.74 6.22 -20.41
CA GLY A 7 29.51 5.09 -20.98
C GLY A 7 30.35 4.35 -19.96
N LYS A 8 30.06 4.53 -18.66
CA LYS A 8 30.81 3.89 -17.54
C LYS A 8 29.85 3.04 -16.72
N PRO A 9 30.16 1.74 -16.48
CA PRO A 9 29.31 0.89 -15.65
C PRO A 9 29.44 1.27 -14.17
N VAL A 10 28.32 1.60 -13.52
CA VAL A 10 28.23 2.04 -12.09
C VAL A 10 27.53 0.94 -11.29
N HIS A 11 28.16 0.48 -10.21
CA HIS A 11 27.62 -0.54 -9.27
C HIS A 11 27.41 0.06 -7.87
N GLY A 12 27.96 1.24 -7.60
CA GLY A 12 27.90 1.89 -6.28
C GLY A 12 27.70 3.40 -6.37
N ALA A 13 27.34 4.03 -5.25
CA ALA A 13 27.18 5.49 -5.10
C ALA A 13 27.50 5.88 -3.66
N ILE A 14 28.56 6.68 -3.46
CA ILE A 14 29.00 7.18 -2.13
C ILE A 14 28.75 8.69 -2.10
N PHE A 15 27.96 9.17 -1.14
CA PHE A 15 27.54 10.58 -1.00
C PHE A 15 28.26 11.23 0.19
N ASP A 16 28.65 12.50 0.04
CA ASP A 16 28.97 13.41 1.17
C ASP A 16 27.64 13.87 1.78
N MET A 17 27.61 14.11 3.10
CA MET A 17 26.39 14.48 3.85
C MET A 17 26.20 16.00 3.78
N ASP A 18 26.94 16.77 4.58
CA ASP A 18 26.76 18.25 4.74
C ASP A 18 27.25 18.95 3.46
N GLY A 19 26.36 19.71 2.81
CA GLY A 19 26.66 20.50 1.60
C GLY A 19 26.16 19.84 0.33
N THR A 20 26.32 18.51 0.23
CA THR A 20 25.95 17.70 -0.96
C THR A 20 24.49 17.25 -0.85
N MET A 21 24.15 16.55 0.23
CA MET A 21 22.79 15.98 0.47
C MET A 21 21.90 17.01 1.17
N PHE A 22 22.40 17.64 2.24
CA PHE A 22 21.65 18.58 3.11
C PHE A 22 22.21 20.00 2.95
N ASP A 23 21.33 21.00 3.08
CA ASP A 23 21.65 22.46 2.97
C ASP A 23 21.99 22.98 4.37
N THR A 24 22.92 22.31 5.06
CA THR A 24 23.29 22.57 6.48
C THR A 24 24.34 23.68 6.55
N GLU A 25 25.02 23.97 5.44
CA GLU A 25 26.05 25.04 5.34
C GLU A 25 25.37 26.41 5.40
N ARG A 26 24.19 26.54 4.76
CA ARG A 26 23.39 27.79 4.73
C ARG A 26 22.71 28.00 6.09
N LEU A 27 22.42 26.91 6.82
CA LEU A 27 21.85 26.96 8.19
C LEU A 27 22.94 27.41 9.18
N ARG A 28 24.18 26.93 8.99
CA ARG A 28 25.36 27.33 9.79
C ARG A 28 25.64 28.82 9.62
N PHE A 29 25.50 29.34 8.39
CA PHE A 29 25.59 30.78 8.04
C PHE A 29 24.60 31.58 8.90
N GLN A 30 23.31 31.19 8.87
CA GLN A 30 22.18 31.89 9.53
C GLN A 30 22.38 31.88 11.06
N THR A 31 22.74 30.72 11.63
CA THR A 31 22.92 30.52 13.10
C THR A 31 24.10 31.36 13.59
N LEU A 32 25.22 31.36 12.86
CA LEU A 32 26.45 32.12 13.19
C LEU A 32 26.14 33.62 13.21
N GLN A 33 25.30 34.10 12.28
CA GLN A 33 24.86 35.52 12.20
C GLN A 33 23.96 35.83 13.40
N GLN A 34 22.97 34.97 13.66
CA GLN A 34 21.99 35.12 14.77
C GLN A 34 22.71 35.07 16.12
N ALA A 35 23.71 34.19 16.26
CA ALA A 35 24.51 33.98 17.49
C ALA A 35 25.35 35.22 17.79
N SER A 36 26.01 35.79 16.77
CA SER A 36 26.84 37.02 16.86
C SER A 36 25.98 38.19 17.34
N GLN A 37 24.78 38.34 16.77
CA GLN A 37 23.81 39.43 17.09
C GLN A 37 23.45 39.39 18.57
N GLU A 38 23.39 38.20 19.18
CA GLU A 38 23.02 38.00 20.61
C GLU A 38 24.18 38.44 21.52
N LEU A 39 25.38 37.91 21.29
CA LEU A 39 26.54 38.00 22.22
C LEU A 39 27.29 39.33 22.04
N ILE A 40 27.87 39.57 20.86
CA ILE A 40 28.76 40.74 20.59
C ILE A 40 27.93 41.96 20.14
N GLY A 41 26.71 41.73 19.64
CA GLY A 41 25.76 42.80 19.25
C GLY A 41 25.71 43.02 17.75
N GLN A 42 26.84 42.84 17.06
CA GLN A 42 26.98 42.98 15.59
C GLN A 42 26.97 41.59 14.94
N GLU A 43 26.28 41.44 13.81
CA GLU A 43 26.29 40.20 12.99
C GLU A 43 27.65 40.06 12.30
N PHE A 44 28.22 38.84 12.29
CA PHE A 44 29.36 38.48 11.41
C PHE A 44 28.91 38.70 9.96
N SER A 45 29.71 39.44 9.18
CA SER A 45 29.39 39.81 7.78
C SER A 45 29.21 38.55 6.93
N HIS A 46 28.33 38.61 5.92
CA HIS A 46 28.12 37.57 4.90
C HIS A 46 29.47 37.24 4.23
N GLU A 47 30.28 38.27 3.97
CA GLU A 47 31.57 38.18 3.22
C GLU A 47 32.59 37.39 4.05
N TYR A 48 32.64 37.61 5.37
CA TYR A 48 33.51 36.86 6.32
C TYR A 48 33.19 35.36 6.25
N LEU A 49 31.90 35.02 6.38
CA LEU A 49 31.41 33.60 6.41
C LEU A 49 31.71 32.91 5.07
N MET A 50 31.58 33.63 3.95
CA MET A 50 31.93 33.14 2.59
C MET A 50 33.42 32.82 2.52
N GLN A 51 34.26 33.65 3.16
CA GLN A 51 35.74 33.50 3.18
C GLN A 51 36.12 32.31 4.07
N CYS A 52 35.30 31.97 5.07
CA CYS A 52 35.55 30.90 6.07
C CYS A 52 35.28 29.51 5.46
N LEU A 53 34.46 29.43 4.39
CA LEU A 53 34.15 28.14 3.69
C LEU A 53 35.45 27.56 3.13
N GLY A 54 35.81 26.35 3.57
CA GLY A 54 37.03 25.63 3.16
C GLY A 54 38.10 25.64 4.24
N LEU A 55 38.12 26.68 5.09
CA LEU A 55 39.13 26.88 6.16
C LEU A 55 38.76 26.03 7.39
N SER A 56 39.71 25.85 8.31
CA SER A 56 39.54 25.14 9.61
C SER A 56 38.95 26.11 10.64
N ALA A 57 38.44 25.58 11.75
CA ALA A 57 37.79 26.33 12.85
C ALA A 57 38.81 27.29 13.52
N THR A 58 40.08 26.89 13.57
CA THR A 58 41.20 27.68 14.16
C THR A 58 41.53 28.87 13.24
N THR A 59 41.52 28.66 11.92
CA THR A 59 41.79 29.69 10.88
C THR A 59 40.65 30.72 10.88
N ALA A 60 39.40 30.23 10.86
CA ALA A 60 38.16 31.05 10.89
C ALA A 60 38.15 31.91 12.15
N GLU A 61 38.58 31.36 13.29
CA GLU A 61 38.67 32.05 14.61
C GLU A 61 39.69 33.20 14.51
N LYS A 62 40.87 32.94 13.91
CA LYS A 62 41.97 33.93 13.75
C LYS A 62 41.52 35.06 12.84
N LEU A 63 40.71 34.76 11.82
CA LEU A 63 40.17 35.76 10.85
C LEU A 63 39.16 36.66 11.59
N ALA A 64 38.26 36.05 12.37
CA ALA A 64 37.27 36.76 13.23
C ALA A 64 38.00 37.68 14.21
N GLN A 65 39.15 37.24 14.73
CA GLN A 65 40.00 38.02 15.68
C GLN A 65 40.61 39.23 14.97
N ARG A 66 40.99 39.08 13.69
CA ARG A 66 41.62 40.15 12.87
C ARG A 66 40.59 41.26 12.59
N LEU A 67 39.31 40.90 12.42
CA LEU A 67 38.23 41.82 11.96
C LEU A 67 37.46 42.40 13.16
N TYR A 68 37.13 41.57 14.15
CA TYR A 68 36.18 41.91 15.26
C TYR A 68 36.91 41.96 16.61
N GLY A 69 38.25 42.03 16.61
CA GLY A 69 39.08 42.18 17.82
C GLY A 69 39.52 40.84 18.39
N VAL A 70 40.65 40.83 19.11
CA VAL A 70 41.35 39.62 19.62
C VAL A 70 40.47 38.91 20.66
N ASP A 71 39.69 39.67 21.45
CA ASP A 71 38.85 39.15 22.56
C ASP A 71 37.42 38.87 22.09
N VAL A 72 37.23 38.57 20.80
CA VAL A 72 35.91 38.18 20.22
C VAL A 72 35.57 36.78 20.73
N PRO A 73 34.38 36.56 21.35
CA PRO A 73 34.01 35.26 21.88
C PRO A 73 33.54 34.31 20.77
N TYR A 74 34.47 33.87 19.92
CA TYR A 74 34.21 33.06 18.69
C TYR A 74 33.70 31.67 19.09
N LYS A 75 34.36 31.02 20.05
CA LYS A 75 34.05 29.64 20.51
C LYS A 75 32.67 29.64 21.18
N GLU A 76 32.31 30.70 21.90
CA GLU A 76 30.97 30.89 22.53
C GLU A 76 29.92 31.06 21.41
N ILE A 77 30.21 31.92 20.42
CA ILE A 77 29.33 32.18 19.24
C ILE A 77 29.15 30.88 18.46
N ARG A 78 30.24 30.13 18.24
CA ARG A 78 30.26 28.86 17.46
C ARG A 78 29.45 27.78 18.19
N LYS A 79 29.55 27.74 19.52
CA LYS A 79 28.84 26.74 20.37
C LYS A 79 27.33 27.03 20.36
N ARG A 80 26.94 28.29 20.60
CA ARG A 80 25.53 28.76 20.58
C ARG A 80 24.91 28.47 19.21
N ALA A 81 25.66 28.75 18.14
CA ALA A 81 25.25 28.51 16.73
C ALA A 81 25.00 27.02 16.50
N ASP A 82 25.86 26.15 17.08
CA ASP A 82 25.74 24.67 16.99
C ASP A 82 24.46 24.22 17.71
N GLU A 83 24.14 24.83 18.85
CA GLU A 83 22.91 24.55 19.64
C GLU A 83 21.67 24.95 18.84
N MET A 84 21.70 26.16 18.23
CA MET A 84 20.61 26.72 17.40
C MET A 84 20.38 25.83 16.16
N GLU A 85 21.45 25.23 15.64
CA GLU A 85 21.41 24.35 14.43
C GLU A 85 20.68 23.04 14.77
N LEU A 86 21.13 22.35 15.83
CA LEU A 86 20.53 21.07 16.31
C LEU A 86 19.06 21.30 16.68
N GLU A 87 18.76 22.40 17.37
CA GLU A 87 17.40 22.75 17.86
C GLU A 87 16.45 22.90 16.67
N HIS A 88 16.85 23.68 15.65
CA HIS A 88 16.08 23.94 14.41
C HIS A 88 15.87 22.62 13.64
N ILE A 89 16.94 21.83 13.50
CA ILE A 89 16.96 20.54 12.73
C ILE A 89 16.00 19.53 13.39
N ARG A 90 15.99 19.47 14.72
CA ARG A 90 15.28 18.41 15.48
C ARG A 90 13.76 18.62 15.42
N LYS A 91 13.29 19.87 15.31
CA LYS A 91 11.84 20.21 15.32
C LYS A 91 11.33 20.41 13.88
N HIS A 92 12.02 21.22 13.06
CA HIS A 92 11.59 21.61 11.69
C HIS A 92 12.08 20.60 10.65
N GLY A 93 13.08 19.77 11.01
CA GLY A 93 13.65 18.74 10.12
C GLY A 93 14.91 19.25 9.42
N VAL A 94 15.79 18.32 9.01
CA VAL A 94 17.05 18.62 8.28
C VAL A 94 16.69 19.23 6.92
N PRO A 95 17.30 20.36 6.51
CA PRO A 95 17.06 20.92 5.18
C PRO A 95 17.68 20.02 4.09
N ILE A 96 16.83 19.35 3.30
CA ILE A 96 17.22 18.40 2.22
C ILE A 96 17.36 19.17 0.91
N LYS A 97 18.49 18.98 0.21
CA LYS A 97 18.74 19.59 -1.13
C LYS A 97 17.66 19.11 -2.10
N LYS A 98 17.02 20.04 -2.81
CA LYS A 98 15.94 19.77 -3.79
C LYS A 98 16.46 18.77 -4.82
N GLY A 99 15.77 17.63 -4.99
CA GLY A 99 16.06 16.61 -6.00
C GLY A 99 16.75 15.38 -5.44
N LEU A 100 17.24 15.44 -4.19
CA LEU A 100 18.04 14.34 -3.56
C LEU A 100 17.25 13.03 -3.60
N VAL A 101 16.08 12.99 -2.97
CA VAL A 101 15.25 11.77 -2.78
C VAL A 101 14.89 11.21 -4.17
N GLN A 102 14.64 12.08 -5.15
CA GLN A 102 14.37 11.69 -6.56
C GLN A 102 15.60 10.97 -7.14
N VAL A 103 16.80 11.46 -6.84
CA VAL A 103 18.09 10.86 -7.29
C VAL A 103 18.31 9.51 -6.59
N LEU A 104 18.19 9.48 -5.25
CA LEU A 104 18.49 8.29 -4.41
C LEU A 104 17.62 7.12 -4.85
N GLU A 105 16.32 7.35 -5.09
CA GLU A 105 15.34 6.31 -5.52
C GLU A 105 15.76 5.76 -6.89
N ARG A 106 16.17 6.63 -7.81
CA ARG A 106 16.64 6.26 -9.18
C ARG A 106 17.87 5.35 -9.07
N LEU A 107 18.85 5.73 -8.23
CA LEU A 107 20.11 4.97 -8.03
C LEU A 107 19.79 3.63 -7.34
N ARG A 108 18.85 3.63 -6.39
CA ARG A 108 18.50 2.42 -5.60
C ARG A 108 17.74 1.43 -6.49
N LYS A 109 16.80 1.91 -7.30
CA LYS A 109 15.97 1.07 -8.22
C LYS A 109 16.82 0.63 -9.42
N SER A 110 18.03 1.18 -9.58
CA SER A 110 19.06 0.76 -10.58
C SER A 110 19.97 -0.31 -9.99
N GLY A 111 19.74 -0.71 -8.73
CA GLY A 111 20.44 -1.81 -8.04
C GLY A 111 21.80 -1.40 -7.50
N LEU A 112 22.05 -0.10 -7.30
CA LEU A 112 23.33 0.42 -6.76
C LEU A 112 23.39 0.17 -5.25
N ARG A 113 24.54 -0.31 -4.77
CA ARG A 113 24.87 -0.38 -3.32
C ARG A 113 25.43 0.99 -2.90
N MET A 114 24.77 1.66 -1.96
CA MET A 114 24.99 3.10 -1.66
C MET A 114 25.55 3.26 -0.24
N ALA A 115 26.38 4.29 -0.03
CA ALA A 115 27.03 4.62 1.25
C ALA A 115 27.06 6.13 1.46
N VAL A 116 27.43 6.56 2.68
CA VAL A 116 27.66 7.99 3.06
C VAL A 116 29.09 8.09 3.62
N ALA A 117 29.92 8.92 3.00
CA ALA A 117 31.29 9.27 3.47
C ALA A 117 31.26 10.69 4.01
N THR A 118 31.12 10.84 5.34
CA THR A 118 30.94 12.14 6.04
C THR A 118 32.11 12.39 7.00
N SER A 119 32.52 13.64 7.13
CA SER A 119 33.56 14.11 8.08
C SER A 119 32.97 14.14 9.51
N SER A 120 31.64 14.22 9.61
CA SER A 120 30.87 14.27 10.89
C SER A 120 31.07 12.99 11.70
N ARG A 121 30.61 13.00 12.96
CA ARG A 121 30.72 11.86 13.92
C ARG A 121 29.54 10.91 13.69
N ARG A 122 29.72 9.64 14.04
CA ARG A 122 28.74 8.53 13.80
C ARG A 122 27.37 8.94 14.36
N ALA A 123 27.31 9.42 15.60
CA ALA A 123 26.07 9.73 16.36
C ALA A 123 25.25 10.78 15.61
N ILE A 124 25.83 11.97 15.38
CA ILE A 124 25.14 13.13 14.74
C ILE A 124 24.78 12.78 13.29
N ALA A 125 25.65 12.03 12.60
CA ALA A 125 25.48 11.60 11.19
C ALA A 125 24.23 10.73 11.04
N GLU A 126 24.08 9.71 11.89
CA GLU A 126 22.95 8.74 11.87
C GLU A 126 21.63 9.46 12.16
N GLU A 127 21.62 10.41 13.11
CA GLU A 127 20.41 11.19 13.49
C GLU A 127 19.93 12.02 12.31
N TYR A 128 20.86 12.70 11.61
CA TYR A 128 20.58 13.58 10.44
C TYR A 128 19.91 12.76 9.33
N LEU A 129 20.46 11.58 9.03
CA LEU A 129 19.96 10.66 7.96
C LEU A 129 18.60 10.09 8.36
N ILE A 130 18.42 9.74 9.65
CA ILE A 130 17.13 9.24 10.22
C ILE A 130 16.10 10.39 10.19
N ASN A 131 16.53 11.60 10.56
CA ASN A 131 15.68 12.83 10.57
C ASN A 131 15.08 13.05 9.18
N ALA A 132 15.92 13.05 8.14
CA ALA A 132 15.56 13.35 6.73
C ALA A 132 14.81 12.16 6.09
N ASN A 133 14.87 10.98 6.71
CA ASN A 133 14.24 9.72 6.24
C ASN A 133 14.91 9.31 4.92
N VAL A 134 16.25 9.34 4.88
CA VAL A 134 17.08 8.92 3.71
C VAL A 134 18.07 7.82 4.15
N TYR A 135 18.06 7.43 5.44
CA TYR A 135 18.94 6.39 6.02
C TYR A 135 18.69 5.05 5.33
N LYS A 136 17.40 4.76 5.06
CA LYS A 136 16.89 3.54 4.37
C LYS A 136 17.67 3.26 3.08
N PHE A 137 18.13 4.31 2.38
CA PHE A 137 18.74 4.23 1.03
C PHE A 137 20.18 3.72 1.09
N PHE A 138 20.83 3.75 2.26
CA PHE A 138 22.29 3.51 2.41
C PHE A 138 22.54 2.17 3.11
N ASP A 139 23.54 1.43 2.62
CA ASP A 139 23.94 0.08 3.09
C ASP A 139 24.95 0.24 4.24
N VAL A 140 25.89 1.17 4.11
CA VAL A 140 26.94 1.47 5.15
C VAL A 140 27.11 2.99 5.24
N ILE A 141 27.50 3.48 6.42
CA ILE A 141 27.92 4.89 6.67
C ILE A 141 29.36 4.87 7.18
N THR A 142 30.26 5.57 6.49
CA THR A 142 31.70 5.71 6.86
C THR A 142 31.92 7.13 7.38
N CYS A 143 32.47 7.26 8.60
CA CYS A 143 32.55 8.55 9.35
C CYS A 143 34.01 8.94 9.60
N GLY A 144 34.24 10.22 9.91
CA GLY A 144 35.57 10.82 10.11
C GLY A 144 36.26 10.31 11.38
N ASP A 145 35.48 9.88 12.37
CA ASP A 145 35.98 9.36 13.68
C ASP A 145 36.32 7.86 13.54
N GLU A 146 36.16 7.28 12.35
CA GLU A 146 36.43 5.85 12.07
C GLU A 146 37.47 5.70 10.96
N VAL A 147 38.30 6.74 10.75
CA VAL A 147 39.43 6.75 9.78
C VAL A 147 40.62 7.48 10.41
N GLU A 148 41.84 7.00 10.15
CA GLU A 148 43.10 7.54 10.73
C GLU A 148 43.42 8.90 10.10
N GLN A 149 43.27 9.01 8.77
CA GLN A 149 43.48 10.25 7.99
C GLN A 149 42.19 10.59 7.23
N GLY A 150 41.52 11.68 7.63
CA GLY A 150 40.30 12.19 6.97
C GLY A 150 40.64 12.97 5.70
N LYS A 151 39.63 13.62 5.10
CA LYS A 151 39.78 14.43 3.86
C LYS A 151 40.84 15.50 4.09
N PRO A 152 41.74 15.78 3.12
CA PRO A 152 41.61 15.31 1.73
C PRO A 152 42.25 13.96 1.39
N HIS A 153 42.61 13.15 2.40
CA HIS A 153 43.15 11.77 2.21
C HIS A 153 42.02 10.87 1.72
N PRO A 154 42.27 9.97 0.73
CA PRO A 154 41.19 9.17 0.14
C PRO A 154 40.68 7.99 0.98
N GLU A 155 41.25 7.77 2.18
CA GLU A 155 40.97 6.60 3.07
C GLU A 155 39.44 6.42 3.24
N ILE A 156 38.71 7.50 3.49
CA ILE A 156 37.26 7.49 3.85
C ILE A 156 36.44 6.95 2.67
N PHE A 157 36.77 7.35 1.44
CA PHE A 157 36.06 6.94 0.20
C PHE A 157 36.51 5.53 -0.23
N LEU A 158 37.78 5.20 -0.01
CA LEU A 158 38.37 3.85 -0.29
C LEU A 158 37.73 2.81 0.64
N LYS A 159 37.52 3.17 1.92
CA LYS A 159 36.91 2.29 2.96
C LYS A 159 35.44 2.04 2.61
N ALA A 160 34.69 3.12 2.35
CA ALA A 160 33.25 3.09 1.99
C ALA A 160 33.04 2.14 0.80
N ALA A 161 33.92 2.20 -0.20
CA ALA A 161 33.89 1.36 -1.42
C ALA A 161 34.13 -0.11 -1.07
N SER A 162 35.14 -0.40 -0.25
CA SER A 162 35.56 -1.77 0.15
C SER A 162 34.45 -2.44 0.96
N GLN A 163 33.74 -1.68 1.80
CA GLN A 163 32.60 -2.16 2.64
C GLN A 163 31.41 -2.56 1.76
N LEU A 164 31.29 -1.96 0.56
CA LEU A 164 30.21 -2.26 -0.43
C LEU A 164 30.64 -3.36 -1.41
N HIS A 165 31.82 -3.95 -1.20
N HIS A 165 31.81 -3.98 -1.22
CA HIS A 165 32.45 -4.99 -2.06
CA HIS A 165 32.38 -5.02 -2.12
C HIS A 165 32.61 -4.44 -3.48
C HIS A 165 32.64 -4.44 -3.51
N LEU A 166 33.21 -3.24 -3.60
CA LEU A 166 33.40 -2.52 -4.89
C LEU A 166 34.76 -1.83 -4.92
N ASP A 167 35.36 -1.74 -6.12
CA ASP A 167 36.49 -0.83 -6.44
C ASP A 167 35.92 0.58 -6.56
N ALA A 168 36.73 1.60 -6.24
CA ALA A 168 36.33 3.03 -6.25
C ALA A 168 35.83 3.43 -7.64
N ASN A 169 36.47 2.92 -8.71
CA ASN A 169 36.19 3.28 -10.12
C ASN A 169 34.85 2.67 -10.59
N GLN A 170 34.17 1.91 -9.73
CA GLN A 170 32.81 1.37 -9.99
C GLN A 170 31.74 2.23 -9.31
N CYS A 171 32.15 3.23 -8.52
CA CYS A 171 31.27 4.06 -7.65
C CYS A 171 31.22 5.50 -8.14
N LEU A 172 30.01 6.07 -8.22
CA LEU A 172 29.78 7.54 -8.29
C LEU A 172 30.07 8.13 -6.90
N MET A 173 30.80 9.24 -6.84
CA MET A 173 31.17 9.92 -5.57
C MET A 173 30.73 11.38 -5.63
N PHE A 174 29.74 11.74 -4.83
CA PHE A 174 29.10 13.08 -4.76
C PHE A 174 29.76 13.90 -3.64
N GLU A 175 30.14 15.15 -3.94
CA GLU A 175 30.92 16.02 -3.03
C GLU A 175 30.75 17.48 -3.44
N ASP A 176 30.93 18.41 -2.47
CA ASP A 176 30.79 19.87 -2.66
C ASP A 176 32.11 20.58 -2.35
N SER A 177 32.80 20.18 -1.26
CA SER A 177 34.02 20.84 -0.74
C SER A 177 35.23 20.51 -1.61
N GLU A 178 36.31 21.28 -1.45
CA GLU A 178 37.60 21.13 -2.20
C GLU A 178 38.32 19.87 -1.69
N ASN A 179 38.55 19.79 -0.38
CA ASN A 179 39.25 18.67 0.30
C ASN A 179 38.48 17.36 0.05
N GLY A 180 37.15 17.42 0.09
CA GLY A 180 36.25 16.28 -0.19
C GLY A 180 36.43 15.74 -1.60
N LEU A 181 36.44 16.63 -2.60
CA LEU A 181 36.56 16.27 -4.04
C LEU A 181 37.94 15.64 -4.28
N THR A 182 38.99 16.24 -3.70
CA THR A 182 40.40 15.73 -3.71
C THR A 182 40.41 14.30 -3.19
N SER A 183 39.73 14.04 -2.07
CA SER A 183 39.61 12.71 -1.41
C SER A 183 38.92 11.73 -2.37
N ALA A 184 37.81 12.14 -2.97
CA ALA A 184 37.00 11.34 -3.92
C ALA A 184 37.82 11.04 -5.18
N HIS A 185 38.46 12.05 -5.75
CA HIS A 185 39.25 11.96 -7.02
C HIS A 185 40.43 11.00 -6.85
N THR A 186 41.20 11.16 -5.76
CA THR A 186 42.43 10.38 -5.48
C THR A 186 42.11 8.88 -5.39
N SER A 187 40.96 8.51 -4.81
CA SER A 187 40.51 7.12 -4.58
C SER A 187 40.21 6.42 -5.92
N LYS A 188 39.97 7.18 -6.99
CA LYS A 188 39.79 6.73 -8.41
C LYS A 188 38.30 6.62 -8.76
N GLY A 189 37.41 7.19 -7.94
CA GLY A 189 35.95 7.15 -8.16
C GLY A 189 35.52 8.14 -9.24
N LEU A 190 34.32 7.94 -9.80
CA LEU A 190 33.66 8.88 -10.76
C LEU A 190 33.11 10.06 -9.98
N THR A 191 33.89 11.14 -9.86
CA THR A 191 33.60 12.33 -9.02
C THR A 191 32.50 13.17 -9.68
N ILE A 192 31.48 13.55 -8.89
CA ILE A 192 30.40 14.48 -9.29
C ILE A 192 30.42 15.69 -8.33
N LEU A 193 30.97 16.82 -8.78
CA LEU A 193 31.06 18.08 -8.00
C LEU A 193 29.73 18.82 -8.08
N LEU A 194 29.17 19.20 -6.93
CA LEU A 194 27.89 19.95 -6.80
C LEU A 194 28.16 21.27 -6.07
N LYS A 195 27.86 22.40 -6.72
CA LYS A 195 27.98 23.76 -6.12
C LYS A 195 26.97 23.87 -4.97
N ASP A 196 27.46 24.24 -3.78
CA ASP A 196 26.62 24.52 -2.59
C ASP A 196 26.39 26.03 -2.49
N ILE A 197 27.32 26.77 -1.86
CA ILE A 197 27.24 28.25 -1.67
C ILE A 197 28.32 28.91 -2.52
N LYS A 198 29.60 28.60 -2.24
CA LYS A 198 30.77 29.24 -2.89
C LYS A 198 31.02 28.58 -4.24
N GLU A 199 31.14 29.39 -5.31
CA GLU A 199 31.51 28.96 -6.68
C GLU A 199 32.84 28.22 -6.60
N PRO A 200 32.97 27.03 -7.21
CA PRO A 200 34.23 26.26 -7.14
C PRO A 200 35.33 26.92 -7.97
N ASN A 201 36.59 26.84 -7.50
CA ASN A 201 37.79 27.36 -8.20
C ASN A 201 38.05 26.49 -9.44
N ASP A 202 38.93 26.95 -10.34
CA ASP A 202 39.22 26.31 -11.65
C ASP A 202 39.89 24.94 -11.41
N GLU A 203 40.68 24.82 -10.34
CA GLU A 203 41.44 23.58 -9.98
C GLU A 203 40.44 22.46 -9.66
N MET A 204 39.39 22.77 -8.90
CA MET A 204 38.30 21.82 -8.51
C MET A 204 37.56 21.35 -9.77
N LEU A 205 37.14 22.29 -10.63
CA LEU A 205 36.39 22.01 -11.89
C LEU A 205 37.23 21.14 -12.83
N GLU A 206 38.56 21.25 -12.75
CA GLU A 206 39.51 20.44 -13.56
C GLU A 206 39.53 18.99 -13.05
N LYS A 207 39.57 18.80 -11.72
CA LYS A 207 39.60 17.46 -11.06
C LYS A 207 38.30 16.70 -11.35
N ALA A 208 37.15 17.35 -11.10
CA ALA A 208 35.79 16.76 -11.19
C ALA A 208 35.55 16.16 -12.57
N HIS A 209 35.04 14.92 -12.63
CA HIS A 209 34.65 14.22 -13.88
C HIS A 209 33.39 14.88 -14.46
N PHE A 210 32.43 15.23 -13.60
CA PHE A 210 31.17 15.93 -13.96
C PHE A 210 30.88 17.03 -12.93
N TYR A 211 30.38 18.18 -13.39
CA TYR A 211 30.00 19.33 -12.54
C TYR A 211 28.55 19.74 -12.82
N TYR A 212 27.81 20.11 -11.78
CA TYR A 212 26.40 20.60 -11.83
C TYR A 212 26.23 21.75 -10.85
N ASP A 213 25.44 22.76 -11.22
CA ASP A 213 25.16 23.97 -10.41
C ASP A 213 24.33 23.59 -9.17
N GLN A 214 23.50 22.54 -9.29
CA GLN A 214 22.59 22.07 -8.20
C GLN A 214 22.28 20.58 -8.40
N MET A 215 21.67 19.96 -7.38
CA MET A 215 21.26 18.52 -7.39
C MET A 215 20.31 18.24 -8.55
N TYR A 216 19.37 19.14 -8.82
CA TYR A 216 18.28 18.96 -9.81
C TYR A 216 18.87 18.88 -11.22
N ASP A 217 19.99 19.56 -11.46
CA ASP A 217 20.72 19.55 -12.76
C ASP A 217 21.33 18.15 -12.99
N PHE A 218 21.83 17.51 -11.93
CA PHE A 218 22.33 16.11 -11.96
C PHE A 218 21.15 15.15 -12.20
N LEU A 219 20.03 15.39 -11.50
CA LEU A 219 18.77 14.60 -11.63
C LEU A 219 18.30 14.61 -13.09
N THR A 220 18.37 15.77 -13.74
CA THR A 220 17.97 15.97 -15.17
C THR A 220 18.89 15.11 -16.06
N ASP A 221 20.18 15.06 -15.74
CA ASP A 221 21.22 14.33 -16.52
C ASP A 221 21.08 12.82 -16.25
N LEU A 222 20.81 12.43 -15.00
CA LEU A 222 20.63 11.01 -14.58
C LEU A 222 19.39 10.43 -15.28
N ASP A 223 18.35 11.25 -15.50
CA ASP A 223 17.07 10.87 -16.16
C ASP A 223 17.35 10.32 -17.57
N GLN A 224 18.44 10.72 -18.21
CA GLN A 224 18.83 10.29 -19.58
C GLN A 224 19.31 8.82 -19.56
N PHE A 225 19.69 8.30 -18.38
CA PHE A 225 20.31 6.95 -18.21
C PHE A 225 19.40 6.00 -17.43
N ILE A 226 18.29 6.50 -16.85
CA ILE A 226 17.28 5.67 -16.13
C ILE A 226 15.97 5.71 -16.91
N PRO A 227 15.19 4.60 -16.95
CA PRO A 227 14.03 4.51 -17.81
C PRO A 227 12.76 5.17 -17.24
N VAL A 228 11.90 5.69 -18.12
CA VAL A 228 10.48 6.00 -17.81
C VAL A 228 9.77 4.66 -17.56
N MET A 229 9.06 4.53 -16.44
CA MET A 229 8.38 3.28 -16.03
C MET A 229 7.14 3.05 -16.90
N ASP A 230 6.65 1.81 -16.95
CA ASP A 230 5.49 1.38 -17.77
C ASP A 230 4.20 1.93 -17.15
N MET A 231 3.13 1.97 -17.95
CA MET A 231 1.74 2.31 -17.54
C MET A 231 1.41 1.55 -16.25
N PRO A 232 1.03 2.25 -15.15
CA PRO A 232 0.59 1.58 -13.93
C PRO A 232 -0.61 0.65 -14.16
N GLU A 233 -0.59 -0.53 -13.53
CA GLU A 233 -1.72 -1.49 -13.51
C GLU A 233 -2.70 -1.08 -12.40
N MET A 234 -3.92 -1.60 -12.44
CA MET A 234 -4.94 -1.41 -11.37
C MET A 234 -4.44 -2.07 -10.08
N GLN A 235 -4.64 -1.41 -8.94
CA GLN A 235 -4.30 -1.90 -7.57
C GLN A 235 -2.78 -1.93 -7.38
N GLU A 236 -2.02 -1.21 -8.21
CA GLU A 236 -0.54 -1.07 -8.07
C GLU A 236 -0.27 0.05 -7.05
N PRO A 237 0.64 -0.17 -6.07
CA PRO A 237 0.92 0.85 -5.06
C PRO A 237 1.56 2.12 -5.64
N PHE A 238 1.31 3.26 -5.00
CA PHE A 238 1.99 4.56 -5.26
C PHE A 238 3.40 4.48 -4.68
N PRO A 239 4.35 5.33 -5.15
CA PRO A 239 5.69 5.38 -4.55
C PRO A 239 5.65 5.77 -3.07
N GLN A 240 6.53 5.17 -2.26
CA GLN A 240 6.65 5.44 -0.80
C GLN A 240 7.29 6.82 -0.58
N SER A 241 8.39 7.11 -1.28
CA SER A 241 9.24 8.32 -1.10
C SER A 241 8.55 9.53 -1.74
N LEU A 242 8.48 10.64 -0.98
CA LEU A 242 7.94 11.94 -1.46
C LEU A 242 9.09 12.82 -1.95
N ASN A 243 8.89 13.52 -3.07
CA ASN A 243 9.80 14.59 -3.57
C ASN A 243 9.37 15.91 -2.92
N GLN A 244 10.04 17.01 -3.23
CA GLN A 244 9.81 18.34 -2.58
C GLN A 244 8.93 19.22 -3.48
N LEU A 245 8.28 18.65 -4.51
CA LEU A 245 7.38 19.40 -5.44
C LEU A 245 5.95 19.36 -4.90
N THR A 246 5.17 20.39 -5.22
CA THR A 246 3.71 20.48 -5.01
C THR A 246 3.02 20.49 -6.38
N VAL A 247 1.81 19.93 -6.47
CA VAL A 247 0.98 19.90 -7.70
C VAL A 247 -0.42 20.41 -7.37
N GLY A 248 -1.15 20.89 -8.38
CA GLY A 248 -2.48 21.51 -8.23
C GLY A 248 -3.53 20.82 -9.09
N ILE A 249 -4.76 20.72 -8.58
CA ILE A 249 -5.96 20.27 -9.33
C ILE A 249 -7.01 21.37 -9.23
N HIS A 250 -6.96 22.34 -10.15
CA HIS A 250 -7.91 23.48 -10.25
C HIS A 250 -9.30 22.93 -10.63
N GLY A 251 -10.07 22.52 -9.62
CA GLY A 251 -11.39 21.90 -9.79
C GLY A 251 -11.41 20.47 -9.28
N PHE A 252 -11.59 20.29 -7.97
CA PHE A 252 -11.67 18.98 -7.27
C PHE A 252 -13.05 18.35 -7.56
N GLY A 253 -13.34 18.10 -8.84
CA GLY A 253 -14.59 17.48 -9.30
C GLY A 253 -14.43 15.99 -9.48
N ALA A 254 -15.33 15.36 -10.24
CA ALA A 254 -15.34 13.90 -10.53
C ALA A 254 -13.99 13.48 -11.11
N ILE A 255 -13.65 14.03 -12.28
CA ILE A 255 -12.44 13.65 -13.07
C ILE A 255 -11.17 14.11 -12.33
N GLY A 256 -11.24 15.26 -11.65
CA GLY A 256 -10.13 15.84 -10.88
C GLY A 256 -9.69 14.95 -9.73
N GLY A 257 -10.65 14.54 -8.89
CA GLY A 257 -10.40 13.74 -7.68
C GLY A 257 -10.40 12.24 -7.94
N GLY A 258 -11.05 11.80 -9.04
CA GLY A 258 -11.30 10.38 -9.32
C GLY A 258 -10.38 9.81 -10.39
N TYR A 259 -9.48 10.62 -10.97
CA TYR A 259 -8.56 10.20 -12.06
C TYR A 259 -7.22 10.95 -11.94
N ILE A 260 -7.23 12.28 -12.06
CA ILE A 260 -6.01 13.13 -12.10
C ILE A 260 -5.22 12.90 -10.80
N ALA A 261 -5.92 12.78 -9.67
CA ALA A 261 -5.34 12.51 -8.33
C ALA A 261 -4.51 11.22 -8.36
N GLN A 262 -4.97 10.20 -9.11
CA GLN A 262 -4.27 8.89 -9.26
C GLN A 262 -3.00 9.08 -10.10
N ILE A 263 -3.11 9.78 -11.23
CA ILE A 263 -1.97 10.03 -12.17
C ILE A 263 -0.85 10.75 -11.42
N LEU A 264 -1.19 11.83 -10.71
CA LEU A 264 -0.23 12.68 -9.96
C LEU A 264 0.32 11.91 -8.74
N SER A 265 -0.49 11.00 -8.17
CA SER A 265 -0.10 10.12 -7.03
C SER A 265 0.93 9.09 -7.50
N HIS A 266 0.82 8.60 -8.74
CA HIS A 266 1.77 7.66 -9.37
C HIS A 266 3.03 8.41 -9.79
N TRP A 267 2.87 9.58 -10.42
CA TRP A 267 3.97 10.48 -10.85
C TRP A 267 4.91 9.73 -11.80
N ASP A 268 6.19 9.54 -11.45
CA ASP A 268 7.21 8.90 -12.31
C ASP A 268 7.51 7.47 -11.82
N GLY A 269 6.95 7.07 -10.67
CA GLY A 269 7.14 5.73 -10.06
C GLY A 269 8.32 5.69 -9.11
N TYR A 270 9.21 6.68 -9.16
CA TYR A 270 10.40 6.82 -8.28
C TYR A 270 10.01 7.60 -7.02
N THR A 271 9.30 8.72 -7.21
CA THR A 271 8.78 9.60 -6.12
C THR A 271 7.38 10.09 -6.50
N LYS A 272 6.75 10.86 -5.60
CA LYS A 272 5.45 11.56 -5.84
C LYS A 272 5.46 12.89 -5.09
N PRO A 273 4.67 13.89 -5.52
CA PRO A 273 4.62 15.19 -4.84
C PRO A 273 4.35 15.06 -3.33
N LYS A 274 4.94 15.95 -2.52
CA LYS A 274 4.80 15.96 -1.03
C LYS A 274 3.39 16.43 -0.65
N ARG A 275 2.75 17.22 -1.51
CA ARG A 275 1.39 17.77 -1.27
C ARG A 275 0.66 17.94 -2.62
N ILE A 276 -0.64 17.63 -2.65
CA ILE A 276 -1.56 17.83 -3.81
C ILE A 276 -2.67 18.78 -3.37
N ILE A 277 -2.70 20.00 -3.93
CA ILE A 277 -3.70 21.05 -3.62
C ILE A 277 -4.83 20.94 -4.65
N ALA A 278 -6.09 20.90 -4.18
CA ALA A 278 -7.30 20.76 -5.02
C ALA A 278 -8.35 21.78 -4.57
N SER A 279 -8.90 22.55 -5.52
CA SER A 279 -9.85 23.67 -5.28
C SER A 279 -11.29 23.21 -5.51
N THR A 280 -12.19 23.52 -4.57
CA THR A 280 -13.66 23.23 -4.64
C THR A 280 -14.43 24.28 -3.83
N ARG A 281 -15.68 24.53 -4.21
CA ARG A 281 -16.62 25.43 -3.49
C ARG A 281 -17.49 24.59 -2.53
N ASN A 282 -17.53 23.27 -2.72
CA ASN A 282 -18.22 22.30 -1.83
C ASN A 282 -17.51 22.27 -0.48
N SER A 283 -18.04 23.00 0.51
CA SER A 283 -17.45 23.18 1.86
C SER A 283 -17.38 21.84 2.61
N LEU A 284 -18.42 21.00 2.46
CA LEU A 284 -18.52 19.67 3.12
C LEU A 284 -17.35 18.79 2.67
N PHE A 285 -17.06 18.77 1.37
CA PHE A 285 -15.94 18.00 0.76
C PHE A 285 -14.60 18.50 1.30
N ARG A 286 -14.41 19.83 1.34
CA ARG A 286 -13.15 20.49 1.78
C ARG A 286 -12.85 20.12 3.24
N GLU A 287 -13.83 20.31 4.13
CA GLU A 287 -13.68 20.15 5.60
C GLU A 287 -13.52 18.67 5.97
N ALA A 288 -14.15 17.77 5.21
CA ALA A 288 -14.16 16.30 5.44
C ALA A 288 -12.78 15.70 5.11
N VAL A 289 -12.23 16.04 3.94
CA VAL A 289 -10.93 15.51 3.42
C VAL A 289 -9.81 15.97 4.35
N ASN A 290 -9.84 17.24 4.76
CA ASN A 290 -8.79 17.88 5.61
C ASN A 290 -8.88 17.34 7.04
N ALA A 291 -10.05 16.85 7.47
CA ALA A 291 -10.29 16.25 8.80
C ALA A 291 -9.63 14.87 8.88
N PHE A 292 -9.89 14.01 7.89
CA PHE A 292 -9.28 12.66 7.74
C PHE A 292 -7.80 12.79 7.32
N GLY A 293 -7.49 13.84 6.57
CA GLY A 293 -6.15 14.09 5.98
C GLY A 293 -5.98 13.38 4.65
N THR A 294 -7.00 12.62 4.22
CA THR A 294 -6.97 11.74 3.02
C THR A 294 -8.41 11.45 2.58
N TYR A 295 -8.56 10.92 1.35
CA TYR A 295 -9.83 10.35 0.82
C TYR A 295 -9.49 9.10 0.00
N SER A 296 -10.50 8.44 -0.58
CA SER A 296 -10.35 7.19 -1.36
C SER A 296 -11.25 7.18 -2.58
N ILE A 297 -10.78 6.56 -3.67
CA ILE A 297 -11.55 6.30 -4.93
C ILE A 297 -11.94 4.82 -4.94
N ARG A 298 -13.22 4.52 -5.18
CA ARG A 298 -13.77 3.14 -5.23
C ARG A 298 -13.88 2.69 -6.68
N TYR A 299 -13.17 1.61 -7.03
CA TYR A 299 -13.26 0.91 -8.34
C TYR A 299 -14.18 -0.30 -8.19
N GLY A 300 -15.46 -0.12 -8.53
CA GLY A 300 -16.55 -1.09 -8.30
C GLY A 300 -16.21 -2.49 -8.79
N GLN A 301 -15.67 -2.61 -10.00
CA GLN A 301 -15.42 -3.89 -10.71
C GLN A 301 -14.60 -4.85 -9.82
N PHE A 302 -13.59 -4.33 -9.11
CA PHE A 302 -12.63 -5.11 -8.30
C PHE A 302 -12.86 -4.86 -6.80
N SER A 303 -13.89 -4.08 -6.44
CA SER A 303 -14.24 -3.70 -5.05
C SER A 303 -13.01 -3.18 -4.32
N TYR A 304 -12.22 -2.33 -5.00
CA TYR A 304 -10.90 -1.82 -4.54
C TYR A 304 -11.04 -0.34 -4.17
N ASP A 305 -10.66 0.02 -2.94
CA ASP A 305 -10.64 1.42 -2.42
C ASP A 305 -9.19 1.93 -2.46
N GLU A 306 -8.89 2.80 -3.43
CA GLU A 306 -7.54 3.41 -3.65
C GLU A 306 -7.42 4.68 -2.81
N ARG A 307 -6.55 4.68 -1.80
CA ARG A 307 -6.38 5.79 -0.82
C ARG A 307 -5.38 6.82 -1.39
N ILE A 308 -5.84 8.05 -1.59
CA ILE A 308 -5.03 9.21 -2.10
C ILE A 308 -4.55 10.03 -0.90
N GLU A 309 -3.26 9.91 -0.55
CA GLU A 309 -2.63 10.57 0.63
C GLU A 309 -2.03 11.92 0.22
N ASN A 310 -1.63 12.72 1.21
CA ASN A 310 -0.93 14.02 1.05
C ASN A 310 -1.84 15.00 0.27
N MET A 311 -3.14 14.97 0.55
CA MET A 311 -4.15 15.88 -0.07
C MET A 311 -4.40 17.07 0.89
N SER A 312 -4.66 18.25 0.32
CA SER A 312 -4.97 19.50 1.05
C SER A 312 -5.97 20.32 0.23
N ILE A 313 -7.26 20.27 0.60
CA ILE A 313 -8.37 20.90 -0.15
C ILE A 313 -8.47 22.37 0.27
N VAL A 314 -8.75 23.25 -0.69
CA VAL A 314 -8.84 24.74 -0.49
C VAL A 314 -10.14 25.25 -1.13
N ASP A 315 -10.58 26.45 -0.71
CA ASP A 315 -11.76 27.16 -1.27
C ASP A 315 -11.35 27.82 -2.60
N SER A 316 -12.17 27.66 -3.63
CA SER A 316 -11.96 28.23 -4.99
C SER A 316 -12.10 29.76 -4.94
N ASP A 317 -12.87 30.28 -3.98
CA ASP A 317 -13.18 31.74 -3.83
C ASP A 317 -12.11 32.42 -2.98
N ASN A 318 -11.39 31.66 -2.13
CA ASN A 318 -10.27 32.17 -1.29
C ASN A 318 -9.10 32.54 -2.19
N GLU A 319 -8.70 33.82 -2.19
CA GLU A 319 -7.67 34.38 -3.10
C GLU A 319 -6.28 33.85 -2.69
N GLN A 320 -5.91 34.02 -1.42
CA GLN A 320 -4.57 33.68 -0.86
C GLN A 320 -4.29 32.18 -1.05
N GLN A 321 -5.31 31.33 -0.95
CA GLN A 321 -5.19 29.85 -1.09
C GLN A 321 -4.99 29.47 -2.55
N MET A 322 -5.68 30.16 -3.47
CA MET A 322 -5.62 29.88 -4.94
C MET A 322 -4.30 30.40 -5.52
N LEU A 323 -3.86 31.59 -5.09
CA LEU A 323 -2.56 32.19 -5.49
C LEU A 323 -1.40 31.30 -5.01
N GLU A 324 -1.53 30.73 -3.80
CA GLU A 324 -0.54 29.80 -3.20
C GLU A 324 -0.38 28.56 -4.08
N MET A 325 -1.47 28.09 -4.69
CA MET A 325 -1.47 26.92 -5.62
C MET A 325 -0.59 27.24 -6.83
N TYR A 326 -0.86 28.36 -7.51
CA TYR A 326 -0.17 28.81 -8.75
C TYR A 326 1.25 29.29 -8.43
N THR A 327 1.55 29.60 -7.16
CA THR A 327 2.87 30.07 -6.68
C THR A 327 3.77 28.87 -6.35
N HIS A 328 3.23 27.85 -5.67
CA HIS A 328 4.00 26.71 -5.08
C HIS A 328 4.06 25.52 -6.04
N SER A 329 3.01 25.28 -6.82
CA SER A 329 2.83 24.06 -7.66
C SER A 329 3.71 24.13 -8.91
N SER A 330 4.27 22.97 -9.32
CA SER A 330 5.09 22.78 -10.54
C SER A 330 4.19 22.39 -11.72
N LEU A 331 3.12 21.64 -11.45
CA LEU A 331 2.09 21.21 -12.45
C LEU A 331 0.70 21.49 -11.88
N ILE A 332 -0.22 21.99 -12.73
CA ILE A 332 -1.64 22.26 -12.38
C ILE A 332 -2.54 21.63 -13.45
N ALA A 333 -3.59 20.93 -13.03
CA ALA A 333 -4.59 20.27 -13.89
C ALA A 333 -5.91 21.05 -13.82
N LEU A 334 -6.31 21.67 -14.94
CA LEU A 334 -7.57 22.46 -15.05
C LEU A 334 -8.73 21.50 -15.37
N CYS A 335 -9.52 21.15 -14.35
CA CYS A 335 -10.62 20.16 -14.41
C CYS A 335 -11.97 20.87 -14.19
N LEU A 336 -12.22 21.93 -14.96
CA LEU A 336 -13.44 22.78 -14.86
C LEU A 336 -14.43 22.41 -15.97
N PRO A 337 -15.73 22.72 -15.81
CA PRO A 337 -16.68 22.70 -16.93
C PRO A 337 -16.40 23.84 -17.91
N GLU A 338 -17.04 23.80 -19.09
CA GLU A 338 -16.88 24.81 -20.18
C GLU A 338 -17.53 26.13 -19.75
N GLN A 339 -18.57 26.08 -18.92
CA GLN A 339 -19.37 27.25 -18.47
C GLN A 339 -18.59 28.07 -17.43
N ALA A 340 -17.57 27.47 -16.81
CA ALA A 340 -16.80 28.05 -15.68
C ALA A 340 -15.50 28.71 -16.18
N ILE A 341 -15.15 28.55 -17.46
CA ILE A 341 -13.85 28.97 -18.04
C ILE A 341 -13.69 30.50 -17.90
N GLU A 342 -14.70 31.26 -18.34
CA GLU A 342 -14.69 32.75 -18.37
C GLU A 342 -14.55 33.31 -16.94
N SER A 343 -15.23 32.69 -15.97
CA SER A 343 -15.24 33.11 -14.54
C SER A 343 -13.92 32.75 -13.86
N GLU A 344 -13.40 31.53 -14.11
CA GLU A 344 -12.20 30.97 -13.46
C GLU A 344 -10.92 31.56 -14.05
N SER A 345 -10.96 32.02 -15.31
CA SER A 345 -9.83 32.62 -16.05
C SER A 345 -9.24 33.81 -15.28
N LYS A 346 -10.09 34.56 -14.56
CA LYS A 346 -9.68 35.69 -13.69
C LYS A 346 -8.73 35.19 -12.60
N ILE A 347 -9.03 34.04 -11.99
CA ILE A 347 -8.26 33.46 -10.84
C ILE A 347 -6.96 32.85 -11.37
N ILE A 348 -6.96 32.36 -12.61
CA ILE A 348 -5.75 31.82 -13.31
C ILE A 348 -4.79 32.99 -13.54
N ALA A 349 -5.29 34.09 -14.13
CA ALA A 349 -4.53 35.32 -14.48
C ALA A 349 -3.86 35.88 -13.21
N LYS A 350 -4.60 35.96 -12.11
CA LYS A 350 -4.08 36.42 -10.78
C LYS A 350 -3.00 35.45 -10.29
N GLY A 351 -3.19 34.15 -10.51
CA GLY A 351 -2.25 33.09 -10.11
C GLY A 351 -0.93 33.18 -10.86
N LEU A 352 -0.98 33.34 -12.19
CA LEU A 352 0.22 33.37 -13.07
C LEU A 352 0.96 34.71 -12.90
N TYR A 353 0.22 35.82 -12.69
CA TYR A 353 0.78 37.17 -12.48
C TYR A 353 1.46 37.25 -11.11
N ALA A 354 0.90 36.55 -10.11
CA ALA A 354 1.49 36.39 -8.75
C ALA A 354 2.79 35.58 -8.87
N ARG A 355 2.80 34.57 -9.75
CA ARG A 355 3.97 33.71 -10.05
C ARG A 355 5.04 34.54 -10.77
N PHE A 356 4.62 35.45 -11.66
CA PHE A 356 5.50 36.37 -12.43
C PHE A 356 6.24 37.32 -11.47
N ASN A 357 5.53 37.84 -10.46
CA ASN A 357 6.05 38.83 -9.48
C ASN A 357 6.77 38.12 -8.33
N SER A 358 6.44 36.85 -8.06
CA SER A 358 7.00 36.03 -6.95
C SER A 358 8.52 35.94 -7.06
N GLN A 359 9.22 36.09 -5.92
CA GLN A 359 10.69 35.91 -5.80
C GLN A 359 10.97 34.62 -5.01
N LEU A 360 10.34 33.51 -5.42
CA LEU A 360 10.54 32.15 -4.86
C LEU A 360 11.14 31.25 -5.93
N GLU A 361 11.82 30.17 -5.53
CA GLU A 361 12.57 29.25 -6.42
C GLU A 361 11.65 28.14 -6.93
N THR A 362 10.38 28.12 -6.50
CA THR A 362 9.30 27.26 -7.04
C THR A 362 8.65 27.94 -8.26
N CYS A 363 8.87 29.25 -8.41
CA CYS A 363 8.22 30.12 -9.45
C CYS A 363 9.17 30.40 -10.61
N ILE A 364 10.49 30.40 -10.38
CA ILE A 364 11.53 30.67 -11.41
C ILE A 364 11.39 29.65 -12.55
N GLU A 365 10.94 28.43 -12.25
CA GLU A 365 10.73 27.33 -13.22
C GLU A 365 9.34 27.50 -13.84
N PRO A 366 9.15 27.21 -15.15
CA PRO A 366 7.83 27.35 -15.79
C PRO A 366 6.81 26.34 -15.27
N LEU A 367 5.52 26.64 -15.48
CA LEU A 367 4.36 25.82 -15.05
C LEU A 367 3.88 24.95 -16.21
N THR A 368 3.57 23.68 -15.93
CA THR A 368 2.97 22.71 -16.88
C THR A 368 1.45 22.66 -16.62
N PHE A 369 0.65 23.03 -17.62
CA PHE A 369 -0.82 23.18 -17.52
C PHE A 369 -1.51 22.09 -18.33
N LEU A 370 -2.19 21.16 -17.65
CA LEU A 370 -3.02 20.10 -18.28
C LEU A 370 -4.45 20.62 -18.41
N ILE A 371 -4.98 20.64 -19.64
CA ILE A 371 -6.37 21.07 -19.97
C ILE A 371 -7.27 19.82 -20.01
N ILE A 372 -7.93 19.50 -18.88
CA ILE A 372 -8.90 18.37 -18.78
C ILE A 372 -10.31 18.91 -19.02
N LEU A 373 -10.68 19.01 -20.30
CA LEU A 373 -12.06 19.35 -20.78
C LEU A 373 -12.41 18.42 -21.94
N ALA A 374 -13.63 17.88 -21.97
CA ALA A 374 -14.15 16.96 -23.02
C ALA A 374 -14.80 17.77 -24.14
N LYS A 375 -14.06 18.74 -24.71
CA LYS A 375 -14.51 19.62 -25.82
C LYS A 375 -13.32 19.89 -26.75
N VAL A 376 -13.55 19.86 -28.07
CA VAL A 376 -12.52 20.10 -29.11
C VAL A 376 -12.17 21.59 -29.10
N GLY A 377 -10.87 21.92 -29.16
CA GLY A 377 -10.36 23.30 -29.07
C GLY A 377 -10.59 23.90 -27.69
N ALA A 378 -10.44 23.10 -26.64
CA ALA A 378 -10.56 23.51 -25.23
C ALA A 378 -9.40 24.47 -24.88
N LYS A 379 -8.19 24.11 -25.30
CA LYS A 379 -6.96 24.94 -25.15
C LYS A 379 -7.24 26.33 -25.74
N TYR A 380 -7.68 26.39 -27.00
CA TYR A 380 -8.06 27.62 -27.75
C TYR A 380 -9.01 28.48 -26.89
N LEU A 381 -10.00 27.86 -26.24
CA LEU A 381 -11.03 28.54 -25.41
C LEU A 381 -10.35 29.11 -24.14
N VAL A 382 -9.59 28.30 -23.42
CA VAL A 382 -8.91 28.67 -22.15
C VAL A 382 -7.89 29.78 -22.44
N MET A 383 -7.11 29.64 -23.51
CA MET A 383 -6.03 30.60 -23.91
C MET A 383 -6.65 31.96 -24.26
N LYS A 384 -7.80 31.95 -24.95
CA LYS A 384 -8.53 33.19 -25.36
C LYS A 384 -8.99 33.95 -24.12
N HIS A 385 -9.67 33.27 -23.20
CA HIS A 385 -10.25 33.85 -21.94
C HIS A 385 -9.12 34.33 -21.02
N LEU A 386 -8.03 33.56 -20.91
CA LEU A 386 -6.86 33.88 -20.05
C LEU A 386 -6.17 35.15 -20.57
N LYS A 387 -6.12 35.33 -21.90
CA LYS A 387 -5.53 36.52 -22.57
C LYS A 387 -6.33 37.77 -22.16
N GLU A 388 -7.67 37.68 -22.24
CA GLU A 388 -8.61 38.78 -21.92
C GLU A 388 -8.48 39.18 -20.45
N ALA A 389 -8.33 38.20 -19.56
CA ALA A 389 -8.25 38.38 -18.08
C ALA A 389 -6.90 39.01 -17.70
N LEU A 390 -5.81 38.56 -18.31
CA LEU A 390 -4.42 39.02 -18.02
C LEU A 390 -4.27 40.50 -18.39
N LEU A 391 -4.79 40.91 -19.55
CA LEU A 391 -4.81 42.33 -20.02
C LEU A 391 -5.62 43.18 -19.04
N GLU A 392 -6.76 42.65 -18.57
CA GLU A 392 -7.72 43.34 -17.66
C GLU A 392 -7.06 43.59 -16.29
N LEU A 393 -6.14 42.72 -15.86
CA LEU A 393 -5.46 42.79 -14.55
C LEU A 393 -4.16 43.60 -14.67
N THR A 394 -3.27 43.20 -15.58
CA THR A 394 -1.91 43.78 -15.76
C THR A 394 -1.99 45.13 -16.47
N ASN A 395 -2.78 45.21 -17.54
CA ASN A 395 -2.86 46.38 -18.46
C ASN A 395 -1.49 46.59 -19.11
N ASP A 396 -0.86 45.49 -19.52
CA ASP A 396 0.49 45.46 -20.15
C ASP A 396 0.52 44.29 -21.14
N GLU A 397 0.72 44.59 -22.43
CA GLU A 397 0.64 43.61 -23.55
C GLU A 397 1.87 42.69 -23.53
N ASP A 398 3.04 43.23 -23.14
CA ASP A 398 4.34 42.50 -23.11
C ASP A 398 4.32 41.48 -21.97
N VAL A 399 3.86 41.88 -20.77
CA VAL A 399 3.78 41.01 -19.56
C VAL A 399 2.73 39.92 -19.81
N THR A 400 1.60 40.27 -20.42
CA THR A 400 0.48 39.36 -20.79
C THR A 400 1.02 38.24 -21.70
N GLU A 401 1.71 38.61 -22.79
CA GLU A 401 2.21 37.67 -23.82
C GLU A 401 3.33 36.80 -23.23
N HIS A 402 4.22 37.40 -22.43
CA HIS A 402 5.34 36.72 -21.73
C HIS A 402 4.80 35.52 -20.94
N ILE A 403 3.78 35.77 -20.10
CA ILE A 403 3.16 34.75 -19.21
C ILE A 403 2.58 33.61 -20.06
N LEU A 404 1.90 33.95 -21.17
CA LEU A 404 1.21 32.98 -22.06
C LEU A 404 2.23 32.11 -22.80
N LYS A 405 3.44 32.62 -23.04
CA LYS A 405 4.52 31.92 -23.81
C LYS A 405 5.53 31.26 -22.85
N GLU A 406 5.59 31.70 -21.59
CA GLU A 406 6.52 31.16 -20.56
C GLU A 406 6.10 29.73 -20.18
N HIS A 407 4.82 29.54 -19.85
CA HIS A 407 4.25 28.28 -19.30
C HIS A 407 3.84 27.35 -20.46
N TYR A 408 3.77 26.04 -20.20
CA TYR A 408 3.31 24.99 -21.13
C TYR A 408 1.81 24.74 -20.94
N PHE A 409 1.03 24.83 -22.01
CA PHE A 409 -0.44 24.56 -22.04
C PHE A 409 -0.69 23.31 -22.88
N CYS A 410 -1.01 22.19 -22.21
CA CYS A 410 -1.13 20.84 -22.80
C CYS A 410 -2.61 20.49 -23.03
N ASP A 411 -2.95 20.08 -24.25
CA ASP A 411 -4.29 19.52 -24.61
C ASP A 411 -4.27 18.03 -24.27
N THR A 412 -5.35 17.51 -23.67
CA THR A 412 -5.44 16.12 -23.16
C THR A 412 -6.73 15.45 -23.64
N VAL A 413 -6.72 14.11 -23.71
CA VAL A 413 -7.91 13.26 -24.01
C VAL A 413 -8.04 12.23 -22.89
N VAL A 414 -9.17 12.27 -22.16
CA VAL A 414 -9.48 11.37 -21.00
C VAL A 414 -10.60 10.41 -21.41
N ASN A 415 -10.49 9.14 -20.98
CA ASN A 415 -11.45 8.05 -21.32
C ASN A 415 -12.18 7.57 -20.07
N ARG A 416 -11.56 7.67 -18.88
CA ARG A 416 -12.14 7.19 -17.59
C ARG A 416 -13.40 8.01 -17.26
N MET A 417 -14.51 7.32 -16.98
CA MET A 417 -15.76 7.91 -16.45
C MET A 417 -15.72 7.85 -14.91
N VAL A 418 -16.14 8.93 -14.25
CA VAL A 418 -16.14 9.05 -12.75
C VAL A 418 -17.49 9.64 -12.31
N SER A 419 -17.91 9.31 -11.08
CA SER A 419 -19.14 9.82 -10.42
C SER A 419 -18.78 10.38 -9.04
N LYS A 420 -19.04 11.69 -8.83
CA LYS A 420 -18.83 12.38 -7.53
C LYS A 420 -19.99 12.02 -6.60
N LEU A 421 -19.67 11.55 -5.38
CA LEU A 421 -20.66 11.12 -4.36
C LEU A 421 -21.51 12.34 -3.95
N SER A 422 -22.81 12.13 -3.73
CA SER A 422 -23.78 13.18 -3.33
C SER A 422 -23.47 13.66 -1.90
N ASN A 423 -23.89 14.88 -1.57
CA ASN A 423 -23.66 15.53 -0.25
C ASN A 423 -24.41 14.73 0.84
N GLN A 424 -25.58 14.18 0.50
CA GLN A 424 -26.41 13.36 1.41
C GLN A 424 -25.68 12.04 1.74
N ASN A 425 -25.13 11.39 0.71
CA ASN A 425 -24.37 10.11 0.84
C ASN A 425 -23.11 10.32 1.67
N LEU A 426 -22.49 11.51 1.57
CA LEU A 426 -21.27 11.91 2.33
C LEU A 426 -21.65 12.06 3.81
N TYR A 427 -22.70 12.84 4.11
CA TYR A 427 -23.23 13.05 5.48
C TYR A 427 -23.51 11.70 6.14
N ARG A 428 -24.17 10.79 5.40
CA ARG A 428 -24.49 9.41 5.86
C ARG A 428 -23.19 8.69 6.28
N GLN A 429 -22.15 8.78 5.44
CA GLN A 429 -20.82 8.16 5.68
C GLN A 429 -20.18 8.79 6.93
N LEU A 430 -20.21 10.13 7.03
CA LEU A 430 -19.60 10.90 8.14
C LEU A 430 -20.27 10.53 9.48
N ARG A 431 -21.58 10.26 9.46
CA ARG A 431 -22.37 9.87 10.66
C ARG A 431 -21.92 8.50 11.16
N ILE A 432 -21.79 7.53 10.24
CA ILE A 432 -21.41 6.12 10.54
C ILE A 432 -19.94 6.07 10.97
N LYS A 433 -19.06 6.80 10.29
CA LYS A 433 -17.59 6.85 10.58
C LYS A 433 -17.35 7.54 11.93
N HIS A 434 -18.13 8.57 12.25
CA HIS A 434 -18.10 9.28 13.56
C HIS A 434 -18.53 8.32 14.68
N ASN A 435 -19.49 7.44 14.40
CA ASN A 435 -20.03 6.45 15.36
C ASN A 435 -18.94 5.44 15.72
N PHE A 436 -18.14 4.99 14.74
CA PHE A 436 -17.00 4.06 14.93
C PHE A 436 -15.93 4.72 15.81
N LEU A 437 -15.72 6.02 15.64
CA LEU A 437 -14.73 6.83 16.41
C LEU A 437 -15.16 6.89 17.88
N GLU A 438 -16.46 7.09 18.14
CA GLU A 438 -17.06 7.08 19.50
C GLU A 438 -16.85 5.70 20.13
N GLN A 439 -17.14 4.63 19.38
CA GLN A 439 -16.93 3.21 19.79
C GLN A 439 -15.44 2.98 20.08
N HIS A 440 -14.56 3.56 19.26
CA HIS A 440 -13.08 3.42 19.36
C HIS A 440 -12.54 4.19 20.58
N LEU A 441 -13.14 5.36 20.89
CA LEU A 441 -12.74 6.23 22.03
C LEU A 441 -13.32 5.70 23.35
N GLU A 442 -14.06 4.58 23.31
CA GLU A 442 -14.62 3.91 24.51
C GLU A 442 -13.53 3.09 25.21
N ASP A 443 -12.80 2.26 24.45
CA ASP A 443 -11.86 1.24 24.97
C ASP A 443 -10.48 1.86 25.26
N VAL A 444 -10.16 3.02 24.68
CA VAL A 444 -8.88 3.75 24.91
C VAL A 444 -8.75 4.07 26.41
N GLU A 445 -9.87 4.38 27.07
CA GLU A 445 -9.96 4.58 28.54
C GLU A 445 -10.39 3.26 29.21
N ILE A 450 0.82 3.17 30.65
CA ILE A 450 2.21 3.21 30.09
C ILE A 450 3.19 2.81 31.20
N GLU A 451 3.86 1.66 31.04
CA GLU A 451 4.92 1.17 31.97
C GLU A 451 6.09 0.62 31.12
N ILE A 452 7.29 1.18 31.31
CA ILE A 452 8.55 0.74 30.64
C ILE A 452 9.48 0.16 31.72
N GLU A 453 9.34 -1.12 32.02
CA GLU A 453 10.12 -1.85 33.06
C GLU A 453 11.37 -2.49 32.42
N ASP A 454 12.15 -3.22 33.21
CA ASP A 454 13.29 -4.06 32.77
C ASP A 454 14.51 -3.17 32.48
N CYS A 455 15.72 -3.71 32.70
CA CYS A 455 17.02 -3.03 32.46
C CYS A 455 17.16 -2.69 30.97
N ASN A 456 16.72 -3.60 30.08
CA ASN A 456 16.87 -3.49 28.61
C ASN A 456 18.36 -3.36 28.29
N LYS A 457 18.80 -2.17 27.88
CA LYS A 457 20.23 -1.73 27.87
C LYS A 457 20.28 -0.21 28.01
N LEU A 458 19.30 0.37 28.71
CA LEU A 458 19.03 1.83 28.75
C LEU A 458 19.27 2.36 30.16
N THR A 459 19.77 3.60 30.27
CA THR A 459 19.98 4.34 31.54
C THR A 459 18.62 4.75 32.09
N PRO A 460 18.48 4.95 33.43
CA PRO A 460 17.17 5.26 34.01
C PRO A 460 16.64 6.65 33.61
N ASP A 461 17.52 7.55 33.17
CA ASP A 461 17.17 8.90 32.64
C ASP A 461 16.38 8.74 31.34
N GLN A 462 16.91 7.96 30.39
CA GLN A 462 16.34 7.78 29.03
C GLN A 462 15.26 6.67 29.04
N LEU A 463 15.12 5.95 30.15
CA LEU A 463 14.03 4.95 30.38
C LEU A 463 12.78 5.69 30.84
N ASN A 464 12.95 6.73 31.68
CA ASN A 464 11.88 7.68 32.11
C ASN A 464 11.46 8.53 30.91
N GLN A 465 12.43 8.97 30.10
CA GLN A 465 12.22 9.88 28.93
C GLN A 465 11.43 9.14 27.84
N ALA A 466 11.66 7.83 27.68
CA ALA A 466 10.97 6.96 26.69
C ALA A 466 9.48 6.84 27.05
N SER A 467 9.16 6.73 28.34
CA SER A 467 7.77 6.65 28.88
C SER A 467 7.00 7.92 28.52
N ILE A 468 7.65 9.09 28.58
CA ILE A 468 7.07 10.41 28.24
C ILE A 468 6.76 10.46 26.74
N TYR A 469 7.70 10.00 25.90
CA TYR A 469 7.59 10.00 24.41
C TYR A 469 6.42 9.11 23.98
N VAL A 470 6.42 7.84 24.42
CA VAL A 470 5.43 6.79 24.02
C VAL A 470 4.03 7.22 24.47
N ASP A 471 3.91 7.72 25.71
CA ASP A 471 2.63 8.15 26.32
C ASP A 471 2.04 9.32 25.52
N ASN A 472 2.88 10.31 25.19
CA ASN A 472 2.50 11.52 24.42
C ASN A 472 2.05 11.10 23.01
N MET A 473 2.80 10.21 22.36
CA MET A 473 2.50 9.63 21.03
C MET A 473 1.17 8.86 21.10
N ARG A 474 1.02 7.99 22.11
CA ARG A 474 -0.17 7.12 22.32
C ARG A 474 -1.42 7.99 22.45
N ARG A 475 -1.38 9.04 23.26
CA ARG A 475 -2.52 9.96 23.54
C ARG A 475 -2.99 10.63 22.25
N ASN A 476 -2.06 10.93 21.32
CA ASN A 476 -2.32 11.70 20.07
C ASN A 476 -2.72 10.75 18.93
N PHE A 477 -2.08 9.57 18.84
CA PHE A 477 -2.22 8.62 17.70
C PHE A 477 -3.39 7.66 17.93
N GLN A 478 -3.63 7.23 19.18
CA GLN A 478 -4.63 6.17 19.54
C GLN A 478 -5.99 6.49 18.92
N PRO A 479 -6.50 7.75 18.98
CA PRO A 479 -7.77 8.09 18.32
C PRO A 479 -7.78 7.84 16.81
N GLY A 480 -6.62 7.92 16.15
CA GLY A 480 -6.46 7.76 14.69
C GLY A 480 -5.98 6.38 14.28
N HIS A 481 -6.05 5.39 15.20
CA HIS A 481 -5.71 3.96 14.93
C HIS A 481 -6.76 3.35 13.99
N ILE A 482 -8.01 3.80 14.09
CA ILE A 482 -9.19 3.28 13.31
C ILE A 482 -8.97 3.54 11.82
N LEU A 483 -8.17 4.53 11.45
CA LEU A 483 -7.90 4.94 10.04
C LEU A 483 -7.07 3.89 9.30
N GLN A 484 -6.48 2.92 10.02
CA GLN A 484 -5.78 1.73 9.44
C GLN A 484 -6.69 1.05 8.42
N SER A 485 -7.94 0.78 8.81
CA SER A 485 -8.98 0.12 7.99
C SER A 485 -10.29 0.94 8.03
N MET A 486 -10.23 2.18 7.52
CA MET A 486 -11.38 3.12 7.44
C MET A 486 -11.10 4.18 6.37
N ASP A 487 -11.77 4.08 5.22
CA ASP A 487 -11.57 4.94 4.03
C ASP A 487 -12.76 5.89 3.87
N LEU A 488 -12.51 7.16 3.56
CA LEU A 488 -13.52 8.18 3.21
C LEU A 488 -13.74 8.16 1.69
N ILE A 489 -14.78 7.44 1.23
CA ILE A 489 -15.10 7.23 -0.21
C ILE A 489 -15.83 8.47 -0.73
N LEU A 490 -15.30 9.10 -1.79
CA LEU A 490 -15.88 10.33 -2.41
C LEU A 490 -16.15 10.13 -3.91
N PHE A 491 -15.55 9.12 -4.54
CA PHE A 491 -15.56 8.92 -6.01
C PHE A 491 -15.75 7.45 -6.37
N HIS A 492 -16.59 7.20 -7.39
CA HIS A 492 -16.80 5.88 -8.05
C HIS A 492 -16.35 5.98 -9.52
N SER A 493 -15.18 5.42 -9.84
CA SER A 493 -14.53 5.55 -11.17
C SER A 493 -14.37 4.18 -11.83
N GLU A 494 -14.08 4.18 -13.14
CA GLU A 494 -13.83 2.97 -13.98
C GLU A 494 -12.33 2.67 -13.98
N THR A 495 -11.91 1.64 -14.71
CA THR A 495 -10.56 1.02 -14.63
C THR A 495 -9.59 1.65 -15.65
N ASP A 496 -10.07 2.55 -16.52
CA ASP A 496 -9.25 3.17 -17.61
C ASP A 496 -8.10 3.98 -16.98
N MET A 497 -6.85 3.63 -17.33
CA MET A 497 -5.62 4.23 -16.76
C MET A 497 -5.06 5.32 -17.67
N PRO A 498 -4.74 5.05 -18.96
CA PRO A 498 -3.95 5.99 -19.77
C PRO A 498 -4.61 7.35 -20.02
N ILE A 499 -3.86 8.44 -19.79
CA ILE A 499 -4.21 9.83 -20.22
C ILE A 499 -3.29 10.22 -21.38
N TYR A 500 -3.87 10.70 -22.48
CA TYR A 500 -3.13 11.20 -23.68
C TYR A 500 -2.91 12.72 -23.51
N VAL A 501 -1.66 13.16 -23.60
CA VAL A 501 -1.24 14.58 -23.36
C VAL A 501 -0.33 15.02 -24.50
N GLU A 502 -0.40 16.30 -24.89
CA GLU A 502 0.49 16.93 -25.91
C GLU A 502 1.93 16.89 -25.41
N LYS A 503 2.85 16.38 -26.23
CA LYS A 503 4.31 16.39 -25.95
C LYS A 503 4.82 17.83 -26.03
N GLY A 504 5.63 18.25 -25.06
CA GLY A 504 6.20 19.62 -24.98
C GLY A 504 6.92 19.85 -23.66
N SER A 505 6.19 19.79 -22.54
CA SER A 505 6.71 20.00 -21.17
C SER A 505 7.73 18.91 -20.83
N PRO A 506 8.94 19.28 -20.37
CA PRO A 506 9.93 18.30 -19.89
C PRO A 506 9.49 17.54 -18.63
N LEU A 507 8.57 18.12 -17.85
CA LEU A 507 8.07 17.56 -16.56
C LEU A 507 7.14 16.36 -16.82
N LEU A 508 6.63 16.21 -18.05
CA LEU A 508 5.72 15.11 -18.45
C LEU A 508 6.52 13.89 -18.94
N GLU A 509 7.79 14.08 -19.29
CA GLU A 509 8.64 13.08 -19.99
C GLU A 509 8.74 11.78 -19.18
N LYS A 510 8.69 11.86 -17.84
CA LYS A 510 8.94 10.72 -16.93
C LYS A 510 7.65 10.27 -16.22
N LEU A 511 6.51 10.90 -16.51
CA LEU A 511 5.20 10.54 -15.89
C LEU A 511 4.65 9.27 -16.54
N ARG A 512 4.54 8.19 -15.76
CA ARG A 512 4.38 6.80 -16.25
C ARG A 512 2.93 6.53 -16.69
N GLN A 513 1.94 7.21 -16.11
CA GLN A 513 0.50 7.02 -16.42
C GLN A 513 0.07 7.94 -17.57
N VAL A 514 0.99 8.77 -18.08
CA VAL A 514 0.77 9.70 -19.23
C VAL A 514 1.26 9.02 -20.51
N VAL A 515 0.54 9.25 -21.63
CA VAL A 515 0.95 8.83 -23.01
C VAL A 515 1.17 10.11 -23.83
N LEU A 516 2.43 10.44 -24.12
CA LEU A 516 2.82 11.68 -24.86
C LEU A 516 2.60 11.46 -26.37
N VAL A 517 1.92 12.40 -27.03
CA VAL A 517 1.65 12.40 -28.50
C VAL A 517 2.14 13.73 -29.08
N ASP A 518 2.73 13.69 -30.28
CA ASP A 518 3.24 14.89 -31.00
C ASP A 518 2.05 15.76 -31.45
N GLN A 519 0.92 15.13 -31.79
CA GLN A 519 -0.36 15.81 -32.12
C GLN A 519 -1.52 15.05 -31.44
N ILE A 520 -2.43 15.80 -30.80
CA ILE A 520 -3.60 15.26 -30.05
C ILE A 520 -4.75 14.95 -31.02
N THR A 521 -4.64 15.42 -32.27
CA THR A 521 -5.68 15.27 -33.34
C THR A 521 -6.07 13.79 -33.50
N ASP A 522 -5.08 12.90 -33.61
CA ASP A 522 -5.27 11.46 -33.95
C ASP A 522 -6.15 10.78 -32.90
N ILE A 523 -5.81 10.95 -31.61
CA ILE A 523 -6.51 10.27 -30.47
C ILE A 523 -7.86 10.95 -30.20
N GLN A 524 -7.97 12.25 -30.50
CA GLN A 524 -9.25 13.02 -30.41
C GLN A 524 -10.25 12.46 -31.42
N LEU A 525 -9.78 12.12 -32.63
CA LEU A 525 -10.61 11.54 -33.73
C LEU A 525 -11.12 10.15 -33.31
N ILE A 526 -10.30 9.38 -32.60
CA ILE A 526 -10.67 8.03 -32.05
C ILE A 526 -11.69 8.24 -30.92
N LYS A 527 -11.38 9.11 -29.97
CA LYS A 527 -12.28 9.51 -28.85
C LYS A 527 -13.64 9.96 -29.41
N ASN A 528 -13.62 10.67 -30.53
CA ASN A 528 -14.84 11.20 -31.22
C ASN A 528 -15.64 10.04 -31.79
N ARG A 529 -15.03 9.21 -32.66
CA ARG A 529 -15.72 8.20 -33.49
C ARG A 529 -15.97 6.92 -32.70
N LEU A 530 -14.93 6.38 -32.04
CA LEU A 530 -14.97 5.05 -31.37
C LEU A 530 -15.74 5.13 -30.05
N TRP A 531 -15.49 6.18 -29.25
CA TRP A 531 -16.05 6.32 -27.87
C TRP A 531 -17.36 7.12 -27.91
N ASN A 532 -17.28 8.43 -28.15
CA ASN A 532 -18.43 9.38 -28.07
C ASN A 532 -19.49 9.00 -29.12
N GLY A 533 -19.05 8.63 -30.32
CA GLY A 533 -19.92 8.27 -31.46
C GLY A 533 -20.83 7.09 -31.13
N VAL A 534 -20.25 6.00 -30.63
CA VAL A 534 -20.97 4.76 -30.22
C VAL A 534 -21.87 5.09 -29.03
N HIS A 535 -21.34 5.85 -28.06
CA HIS A 535 -22.05 6.29 -26.82
C HIS A 535 -23.34 7.03 -27.20
N ALA A 536 -23.27 7.91 -28.21
CA ALA A 536 -24.40 8.70 -28.73
C ALA A 536 -25.38 7.78 -29.47
N MET A 537 -24.88 6.93 -30.36
CA MET A 537 -25.69 6.00 -31.20
C MET A 537 -26.40 4.97 -30.32
N LEU A 538 -25.75 4.53 -29.24
CA LEU A 538 -26.32 3.57 -28.24
C LEU A 538 -27.37 4.28 -27.39
N ALA A 539 -27.11 5.53 -27.00
CA ALA A 539 -28.01 6.37 -26.17
C ALA A 539 -29.33 6.64 -26.90
N TRP A 540 -29.26 6.86 -28.22
CA TRP A 540 -30.46 7.06 -29.09
C TRP A 540 -31.29 5.77 -29.11
N TYR A 541 -30.64 4.62 -29.31
CA TYR A 541 -31.28 3.28 -29.34
C TYR A 541 -31.96 3.02 -27.99
N ALA A 542 -31.24 3.18 -26.89
CA ALA A 542 -31.70 2.95 -25.50
C ALA A 542 -32.95 3.79 -25.20
N SER A 543 -32.97 5.06 -25.64
CA SER A 543 -34.07 6.03 -25.42
C SER A 543 -35.34 5.58 -26.15
N LEU A 544 -35.21 5.22 -27.44
CA LEU A 544 -36.33 4.78 -28.31
C LEU A 544 -36.88 3.44 -27.83
N MET A 545 -36.00 2.53 -27.38
CA MET A 545 -36.36 1.23 -26.77
C MET A 545 -37.09 1.48 -25.44
N GLY A 546 -36.76 2.58 -24.75
CA GLY A 546 -37.49 3.09 -23.58
C GLY A 546 -36.75 2.80 -22.27
N TYR A 547 -35.50 3.27 -22.16
CA TYR A 547 -34.64 3.12 -20.95
C TYR A 547 -34.12 4.50 -20.52
N GLU A 548 -34.00 4.72 -19.21
CA GLU A 548 -33.59 6.01 -18.59
C GLU A 548 -32.06 6.12 -18.66
N SER A 549 -31.34 5.16 -18.08
CA SER A 549 -29.85 5.08 -18.06
C SER A 549 -29.37 4.04 -19.07
N ILE A 550 -28.15 4.21 -19.58
CA ILE A 550 -27.52 3.30 -20.59
C ILE A 550 -27.11 2.00 -19.90
N GLY A 551 -26.90 2.04 -18.58
CA GLY A 551 -26.57 0.87 -17.75
C GLY A 551 -27.69 -0.16 -17.75
N VAL A 552 -28.92 0.27 -17.47
CA VAL A 552 -30.15 -0.60 -17.46
C VAL A 552 -30.36 -1.16 -18.88
N ALA A 553 -30.10 -0.35 -19.90
CA ALA A 553 -30.33 -0.66 -21.34
C ALA A 553 -29.49 -1.88 -21.76
N MET A 554 -28.29 -2.04 -21.20
CA MET A 554 -27.34 -3.15 -21.53
C MET A 554 -27.93 -4.50 -21.12
N GLY A 555 -28.89 -4.51 -20.19
CA GLY A 555 -29.66 -5.70 -19.80
C GLY A 555 -30.42 -6.30 -20.97
N ASP A 556 -30.93 -5.45 -21.87
CA ASP A 556 -31.58 -5.86 -23.15
C ASP A 556 -30.49 -6.41 -24.08
N HIS A 557 -30.70 -7.61 -24.62
CA HIS A 557 -29.74 -8.34 -25.50
C HIS A 557 -29.51 -7.56 -26.80
N LEU A 558 -30.57 -6.97 -27.35
CA LEU A 558 -30.55 -6.21 -28.64
C LEU A 558 -29.61 -5.00 -28.52
N VAL A 559 -29.63 -4.33 -27.37
CA VAL A 559 -28.84 -3.09 -27.09
C VAL A 559 -27.36 -3.46 -26.96
N LYS A 560 -27.03 -4.45 -26.13
CA LYS A 560 -25.65 -4.90 -25.84
C LYS A 560 -25.02 -5.48 -27.12
N ALA A 561 -25.80 -6.24 -27.90
CA ALA A 561 -25.39 -6.83 -29.19
C ALA A 561 -25.06 -5.71 -30.19
N PHE A 562 -25.93 -4.68 -30.27
CA PHE A 562 -25.78 -3.49 -31.14
C PHE A 562 -24.47 -2.76 -30.78
N ALA A 563 -24.24 -2.54 -29.48
CA ALA A 563 -23.05 -1.85 -28.93
C ALA A 563 -21.77 -2.60 -29.33
N GLU A 564 -21.78 -3.93 -29.22
CA GLU A 564 -20.62 -4.82 -29.51
C GLU A 564 -20.33 -4.85 -31.01
N ASN A 565 -21.37 -4.82 -31.85
CA ASN A 565 -21.26 -4.88 -33.33
C ASN A 565 -20.86 -3.50 -33.88
N LEU A 566 -21.24 -2.42 -33.19
CA LEU A 566 -21.01 -1.02 -33.63
C LEU A 566 -19.54 -0.64 -33.42
N ILE A 567 -18.98 -0.94 -32.25
CA ILE A 567 -17.55 -0.69 -31.90
C ILE A 567 -16.64 -1.48 -32.86
N ALA A 568 -17.11 -2.64 -33.34
CA ALA A 568 -16.38 -3.54 -34.26
C ALA A 568 -16.22 -2.88 -35.64
N GLU A 569 -17.30 -2.27 -36.16
CA GLU A 569 -17.34 -1.64 -37.51
C GLU A 569 -16.49 -0.37 -37.53
N VAL A 570 -16.49 0.40 -36.44
CA VAL A 570 -15.75 1.69 -36.33
C VAL A 570 -14.25 1.42 -36.25
N LYS A 571 -13.82 0.50 -35.38
CA LYS A 571 -12.39 0.21 -35.10
C LYS A 571 -11.76 -0.49 -36.31
N GLN A 572 -12.53 -1.29 -37.06
CA GLN A 572 -12.10 -1.96 -38.31
C GLN A 572 -11.68 -0.87 -39.32
N GLY A 573 -12.48 0.19 -39.43
CA GLY A 573 -12.21 1.35 -40.32
C GLY A 573 -11.04 2.18 -39.82
N LEU A 574 -11.02 2.50 -38.52
CA LEU A 574 -9.96 3.33 -37.87
C LEU A 574 -8.61 2.62 -37.95
N ALA A 575 -8.60 1.28 -37.98
CA ALA A 575 -7.39 0.43 -38.09
C ALA A 575 -6.67 0.69 -39.42
N ILE A 576 -7.41 1.09 -40.46
CA ILE A 576 -6.88 1.40 -41.82
C ILE A 576 -6.43 2.87 -41.84
N VAL A 577 -7.22 3.78 -41.26
CA VAL A 577 -6.96 5.25 -41.24
C VAL A 577 -5.78 5.54 -40.30
N LEU A 578 -5.82 4.99 -39.08
CA LEU A 578 -4.79 5.17 -38.02
C LEU A 578 -4.26 3.81 -37.57
N PRO A 579 -3.41 3.15 -38.40
CA PRO A 579 -2.87 1.83 -38.04
C PRO A 579 -1.83 1.87 -36.92
N ASN A 580 -1.31 3.07 -36.61
CA ASN A 580 -0.28 3.31 -35.57
C ASN A 580 -0.92 3.32 -34.18
N TYR A 581 -2.25 3.39 -34.08
CA TYR A 581 -3.04 3.38 -32.81
C TYR A 581 -3.83 2.06 -32.69
N ALA A 582 -3.38 1.00 -33.38
CA ALA A 582 -4.05 -0.32 -33.44
C ALA A 582 -4.28 -0.87 -32.03
N LYS A 583 -3.26 -0.78 -31.16
CA LYS A 583 -3.32 -1.26 -29.75
C LYS A 583 -4.30 -0.41 -28.94
N ASP A 584 -4.31 0.91 -29.18
CA ASP A 584 -5.14 1.90 -28.44
C ASP A 584 -6.62 1.67 -28.73
N LEU A 585 -6.95 1.38 -29.99
CA LEU A 585 -8.34 1.09 -30.46
C LEU A 585 -8.91 -0.12 -29.70
N ASP A 586 -8.16 -1.22 -29.66
CA ASP A 586 -8.56 -2.50 -29.00
C ASP A 586 -8.77 -2.27 -27.50
N ARG A 587 -7.88 -1.51 -26.85
CA ARG A 587 -7.93 -1.21 -25.40
C ARG A 587 -9.18 -0.35 -25.10
N MET A 588 -9.37 0.73 -25.87
CA MET A 588 -10.50 1.70 -25.69
C MET A 588 -11.84 1.01 -26.00
N SER A 589 -11.86 0.09 -26.96
CA SER A 589 -13.07 -0.69 -27.36
C SER A 589 -13.67 -1.39 -26.13
N GLN A 590 -12.85 -2.18 -25.42
CA GLN A 590 -13.27 -2.99 -24.25
C GLN A 590 -13.57 -2.06 -23.06
N SER A 591 -12.74 -1.04 -22.85
CA SER A 591 -12.87 -0.04 -21.75
C SER A 591 -14.25 0.64 -21.80
N PHE A 592 -14.75 0.92 -23.01
CA PHE A 592 -16.07 1.56 -23.26
C PHE A 592 -17.20 0.58 -22.87
N LEU A 593 -17.11 -0.67 -23.35
CA LEU A 593 -18.13 -1.72 -23.14
C LEU A 593 -18.22 -2.07 -21.65
N ASP A 594 -17.09 -2.09 -20.94
CA ASP A 594 -16.99 -2.40 -19.49
C ASP A 594 -17.69 -1.29 -18.68
N SER A 595 -17.38 -0.02 -18.98
CA SER A 595 -17.92 1.18 -18.30
C SER A 595 -19.42 1.32 -18.55
N CYS A 596 -19.88 0.93 -19.75
CA CYS A 596 -21.32 1.00 -20.19
C CYS A 596 -22.19 0.03 -19.37
N GLU A 597 -21.62 -1.08 -18.92
CA GLU A 597 -22.37 -2.24 -18.35
C GLU A 597 -23.25 -1.77 -17.17
N TYR A 598 -22.65 -1.18 -16.14
CA TYR A 598 -23.34 -0.72 -14.91
C TYR A 598 -23.27 0.80 -14.79
N ALA A 599 -23.56 1.50 -15.89
CA ALA A 599 -23.63 2.98 -15.97
C ALA A 599 -25.06 3.45 -15.67
N PHE A 600 -25.52 3.19 -14.45
CA PHE A 600 -26.89 3.53 -13.96
C PHE A 600 -26.96 5.04 -13.67
N LYS A 601 -25.82 5.65 -13.35
CA LYS A 601 -25.70 7.07 -12.94
C LYS A 601 -25.50 7.97 -14.16
N ASP A 602 -25.34 7.37 -15.36
CA ASP A 602 -25.13 8.08 -16.65
C ASP A 602 -26.45 8.17 -17.40
N PRO A 603 -27.13 9.34 -17.44
CA PRO A 603 -28.40 9.49 -18.13
C PRO A 603 -28.25 9.52 -19.66
N CYS A 604 -29.23 8.97 -20.37
CA CYS A 604 -29.27 8.85 -21.85
C CYS A 604 -29.46 10.24 -22.48
N GLN A 605 -30.20 11.13 -21.81
CA GLN A 605 -30.53 12.50 -22.29
C GLN A 605 -29.23 13.29 -22.56
N ARG A 606 -28.34 13.34 -21.57
CA ARG A 606 -27.04 14.08 -21.62
C ARG A 606 -26.21 13.62 -22.82
N VAL A 607 -26.20 12.31 -23.10
CA VAL A 607 -25.37 11.67 -24.15
C VAL A 607 -26.04 11.87 -25.53
N ALA A 608 -27.37 12.01 -25.55
CA ALA A 608 -28.20 12.07 -26.79
C ALA A 608 -28.53 13.52 -27.17
N ARG A 609 -27.90 14.51 -26.51
CA ARG A 609 -28.14 15.97 -26.76
C ARG A 609 -27.57 16.35 -28.13
N ASP A 610 -28.25 17.27 -28.83
CA ASP A 610 -27.81 17.87 -30.11
C ASP A 610 -27.52 16.75 -31.12
N PRO A 611 -28.54 15.98 -31.54
CA PRO A 611 -28.34 14.86 -32.47
C PRO A 611 -27.89 15.32 -33.86
N LEU A 612 -28.49 16.38 -34.40
CA LEU A 612 -28.23 16.90 -35.77
C LEU A 612 -26.77 17.34 -35.90
N ARG A 613 -26.21 17.95 -34.85
CA ARG A 613 -24.79 18.41 -34.82
C ARG A 613 -23.85 17.20 -34.87
N LYS A 614 -24.23 16.11 -34.20
CA LYS A 614 -23.43 14.85 -34.09
C LYS A 614 -23.58 14.02 -35.37
N LEU A 615 -24.57 14.33 -36.22
CA LEU A 615 -24.83 13.64 -37.51
C LEU A 615 -24.24 14.44 -38.67
N ASN A 616 -23.30 15.35 -38.40
CA ASN A 616 -22.58 16.16 -39.43
C ASN A 616 -21.61 15.26 -40.20
N HIS A 617 -21.25 15.67 -41.42
CA HIS A 617 -20.46 14.87 -42.41
C HIS A 617 -19.09 14.49 -41.85
N ASN A 618 -18.45 15.39 -41.10
CA ASN A 618 -17.09 15.18 -40.52
C ASN A 618 -17.20 15.06 -39.00
N GLU A 619 -18.20 14.30 -38.51
CA GLU A 619 -18.49 14.10 -37.06
C GLU A 619 -18.54 12.61 -36.74
N ARG A 620 -19.05 12.25 -35.57
CA ARG A 620 -18.86 10.95 -34.88
C ARG A 620 -19.78 9.85 -35.43
N VAL A 621 -20.38 10.03 -36.61
CA VAL A 621 -21.30 9.02 -37.23
C VAL A 621 -21.01 8.95 -38.74
N MET A 622 -21.31 10.02 -39.48
CA MET A 622 -21.28 10.05 -40.97
C MET A 622 -19.86 9.83 -41.48
N ALA A 623 -18.84 10.29 -40.73
CA ALA A 623 -17.41 10.15 -41.08
C ALA A 623 -17.01 8.67 -41.06
N SER A 624 -17.43 7.93 -40.04
CA SER A 624 -17.16 6.48 -39.85
C SER A 624 -17.76 5.68 -41.00
N ILE A 625 -18.93 6.09 -41.50
CA ILE A 625 -19.66 5.42 -42.62
C ILE A 625 -18.87 5.61 -43.92
N ALA A 626 -18.44 6.85 -44.20
CA ALA A 626 -17.71 7.26 -45.42
C ALA A 626 -16.38 6.49 -45.53
N VAL A 627 -15.69 6.29 -44.40
CA VAL A 627 -14.42 5.52 -44.32
C VAL A 627 -14.71 4.05 -44.66
N ASN A 628 -15.69 3.45 -43.99
CA ASN A 628 -16.06 2.01 -44.14
C ASN A 628 -16.54 1.74 -45.58
N ILE A 629 -17.26 2.69 -46.19
CA ILE A 629 -17.76 2.59 -47.60
C ILE A 629 -16.57 2.67 -48.56
N ARG A 630 -15.67 3.64 -48.35
CA ARG A 630 -14.46 3.86 -49.20
C ARG A 630 -13.57 2.61 -49.19
N HIS A 631 -13.42 1.96 -48.03
CA HIS A 631 -12.52 0.79 -47.82
C HIS A 631 -13.31 -0.53 -47.87
N ASP A 632 -14.57 -0.48 -48.32
CA ASP A 632 -15.43 -1.67 -48.58
C ASP A 632 -15.50 -2.54 -47.30
N LEU A 633 -16.08 -1.99 -46.23
CA LEU A 633 -16.28 -2.68 -44.93
C LEU A 633 -17.77 -2.59 -44.56
N PRO A 634 -18.28 -3.50 -43.69
CA PRO A 634 -19.67 -3.45 -43.26
C PRO A 634 -20.00 -2.18 -42.45
N TYR A 635 -21.11 -1.52 -42.80
CA TYR A 635 -21.57 -0.23 -42.18
C TYR A 635 -23.06 -0.30 -41.85
N LYS A 636 -23.60 -1.51 -41.67
CA LYS A 636 -25.05 -1.77 -41.45
C LYS A 636 -25.48 -1.25 -40.07
N ASN A 637 -24.61 -1.36 -39.06
CA ASN A 637 -24.87 -0.96 -37.66
C ASN A 637 -24.69 0.56 -37.51
N LEU A 638 -23.76 1.15 -38.27
CA LEU A 638 -23.52 2.61 -38.33
C LEU A 638 -24.71 3.30 -39.00
N LEU A 639 -25.17 2.76 -40.13
CA LEU A 639 -26.33 3.27 -40.92
C LEU A 639 -27.60 3.20 -40.05
N LYS A 640 -27.74 2.16 -39.25
CA LYS A 640 -28.82 1.98 -38.25
C LYS A 640 -28.68 3.06 -37.17
N GLY A 641 -27.45 3.32 -36.73
CA GLY A 641 -27.11 4.35 -35.72
C GLY A 641 -27.50 5.74 -36.18
N ALA A 642 -27.23 6.06 -37.45
CA ALA A 642 -27.58 7.35 -38.09
C ALA A 642 -29.11 7.50 -38.14
N ALA A 643 -29.82 6.42 -38.47
CA ALA A 643 -31.30 6.36 -38.56
C ALA A 643 -31.91 6.64 -37.18
N LEU A 644 -31.33 6.06 -36.12
CA LEU A 644 -31.78 6.23 -34.71
C LEU A 644 -31.56 7.69 -34.28
N GLY A 645 -30.54 8.36 -34.82
CA GLY A 645 -30.23 9.78 -34.56
C GLY A 645 -31.34 10.70 -35.05
N TYR A 646 -31.75 10.54 -36.32
CA TYR A 646 -32.82 11.34 -36.97
C TYR A 646 -34.18 10.97 -36.37
N ALA A 647 -34.35 9.70 -35.97
CA ALA A 647 -35.57 9.16 -35.32
C ALA A 647 -35.75 9.80 -33.94
N TYR A 648 -34.69 9.81 -33.13
CA TYR A 648 -34.66 10.40 -31.76
C TYR A 648 -35.04 11.88 -31.82
N ALA A 649 -34.38 12.63 -32.72
CA ALA A 649 -34.58 14.08 -32.94
C ALA A 649 -36.07 14.37 -33.22
N ILE A 650 -36.70 13.58 -34.09
CA ILE A 650 -38.10 13.80 -34.58
C ILE A 650 -39.09 13.44 -33.46
N GLN A 651 -38.80 12.39 -32.68
CA GLN A 651 -39.74 11.83 -31.67
C GLN A 651 -39.60 12.57 -30.33
N PHE A 652 -38.37 12.72 -29.82
CA PHE A 652 -38.07 13.22 -28.46
C PHE A 652 -37.91 14.74 -28.45
N LEU A 653 -37.09 15.29 -29.36
CA LEU A 653 -36.77 16.74 -29.44
C LEU A 653 -37.81 17.49 -30.28
N GLU A 654 -38.79 16.78 -30.86
CA GLU A 654 -39.92 17.34 -31.64
C GLU A 654 -39.38 18.12 -32.84
N ILE A 655 -38.36 17.56 -33.53
CA ILE A 655 -37.78 18.11 -34.79
C ILE A 655 -38.66 17.65 -35.95
N GLU A 656 -38.73 18.44 -37.03
CA GLU A 656 -39.55 18.16 -38.24
C GLU A 656 -38.84 17.10 -39.11
N GLU A 657 -39.63 16.24 -39.76
CA GLU A 657 -39.14 15.18 -40.68
C GLU A 657 -38.50 15.84 -41.91
N THR A 658 -38.98 17.01 -42.32
CA THR A 658 -38.49 17.81 -43.47
C THR A 658 -37.09 18.35 -43.16
N LYS A 659 -36.86 18.80 -41.92
CA LYS A 659 -35.56 19.35 -41.43
C LYS A 659 -34.50 18.24 -41.38
N ALA A 660 -34.91 17.03 -40.97
CA ALA A 660 -34.04 15.83 -40.85
C ALA A 660 -33.43 15.48 -42.22
N VAL A 661 -34.27 15.41 -43.26
CA VAL A 661 -33.88 15.02 -44.65
C VAL A 661 -33.06 16.17 -45.28
N GLU A 662 -33.49 17.41 -45.07
CA GLU A 662 -32.78 18.65 -45.52
C GLU A 662 -31.33 18.60 -45.04
N HIS A 663 -31.13 18.32 -43.75
CA HIS A 663 -29.80 18.19 -43.10
C HIS A 663 -29.05 16.99 -43.69
N LEU A 664 -29.67 15.80 -43.66
CA LEU A 664 -29.09 14.51 -44.11
C LEU A 664 -28.43 14.68 -45.49
N GLN A 665 -29.19 15.16 -46.49
CA GLN A 665 -28.77 15.29 -47.91
C GLN A 665 -27.51 16.16 -48.01
N GLN A 666 -27.48 17.30 -47.31
CA GLN A 666 -26.36 18.27 -47.32
C GLN A 666 -25.08 17.59 -46.81
N GLN A 667 -25.20 16.70 -45.81
CA GLN A 667 -24.05 15.99 -45.19
C GLN A 667 -23.48 14.95 -46.17
N ILE A 668 -24.35 14.23 -46.88
CA ILE A 668 -23.98 13.15 -47.84
C ILE A 668 -23.21 13.75 -49.03
N GLN A 669 -23.58 14.95 -49.47
CA GLN A 669 -22.96 15.65 -50.63
C GLN A 669 -21.55 16.12 -50.26
N ASN A 670 -21.28 16.35 -48.97
CA ASN A 670 -19.98 16.82 -48.44
C ASN A 670 -19.00 15.66 -48.31
N LEU A 671 -19.49 14.42 -48.20
CA LEU A 671 -18.65 13.19 -48.05
C LEU A 671 -17.90 12.93 -49.36
N ASP A 672 -16.66 12.42 -49.26
CA ASP A 672 -15.79 12.08 -50.42
C ASP A 672 -16.17 10.68 -50.92
N LEU A 673 -17.35 10.56 -51.54
CA LEU A 673 -17.90 9.29 -52.10
C LEU A 673 -18.33 9.54 -53.55
N SER A 674 -18.48 8.46 -54.33
CA SER A 674 -18.99 8.49 -55.72
C SER A 674 -20.45 8.94 -55.72
N THR A 675 -20.90 9.60 -56.79
CA THR A 675 -22.29 10.11 -56.97
C THR A 675 -23.27 8.95 -56.82
N ALA A 676 -22.87 7.73 -57.23
CA ALA A 676 -23.65 6.48 -57.09
C ALA A 676 -23.75 6.10 -55.62
N GLN A 677 -22.63 6.13 -54.89
CA GLN A 677 -22.53 5.76 -53.44
C GLN A 677 -23.37 6.72 -52.60
N ARG A 678 -23.35 8.02 -52.93
CA ARG A 678 -24.11 9.09 -52.22
C ARG A 678 -25.61 8.75 -52.20
N ARG A 679 -26.18 8.47 -53.37
CA ARG A 679 -27.64 8.22 -53.57
C ARG A 679 -28.08 6.97 -52.79
N GLN A 680 -27.30 5.89 -52.89
CA GLN A 680 -27.59 4.56 -52.29
C GLN A 680 -27.71 4.68 -50.76
N LEU A 681 -26.84 5.49 -50.14
CA LEU A 681 -26.78 5.69 -48.67
C LEU A 681 -28.10 6.31 -48.18
N GLU A 682 -28.56 7.37 -48.84
CA GLU A 682 -29.81 8.12 -48.50
C GLU A 682 -31.02 7.19 -48.66
N ALA A 683 -31.11 6.51 -49.81
CA ALA A 683 -32.21 5.58 -50.17
C ALA A 683 -32.41 4.54 -49.05
N GLU A 684 -31.32 3.97 -48.54
CA GLU A 684 -31.32 2.94 -47.47
C GLU A 684 -31.71 3.58 -46.13
N LEU A 685 -31.18 4.78 -45.85
CA LEU A 685 -31.28 5.46 -44.52
C LEU A 685 -32.70 5.94 -44.26
N VAL A 686 -33.32 6.61 -45.23
CA VAL A 686 -34.69 7.21 -45.11
C VAL A 686 -35.70 6.11 -44.79
N GLN A 687 -35.50 4.89 -45.34
CA GLN A 687 -36.41 3.72 -45.18
C GLN A 687 -36.35 3.20 -43.73
N LEU A 688 -35.15 3.22 -43.12
CA LEU A 688 -34.92 2.74 -41.72
C LEU A 688 -35.67 3.64 -40.74
N ILE A 689 -35.70 4.96 -41.00
CA ILE A 689 -36.27 6.00 -40.09
C ILE A 689 -37.80 5.85 -40.04
N GLN A 690 -38.43 5.51 -41.18
CA GLN A 690 -39.91 5.39 -41.34
C GLN A 690 -40.45 4.28 -40.43
N TYR A 691 -39.76 3.14 -40.36
CA TYR A 691 -40.13 1.96 -39.53
C TYR A 691 -40.25 2.37 -38.06
N LEU A 692 -39.25 3.10 -37.56
CA LEU A 692 -39.11 3.50 -36.13
C LEU A 692 -40.25 4.47 -35.75
N VAL B 2 -16.33 -17.08 -15.33
CA VAL B 2 -17.39 -18.08 -15.03
C VAL B 2 -16.85 -19.07 -13.99
N LEU B 3 -17.57 -19.25 -12.88
CA LEU B 3 -17.24 -20.22 -11.80
C LEU B 3 -18.06 -21.50 -12.01
N ILE B 4 -17.44 -22.67 -11.79
CA ILE B 4 -18.10 -24.01 -11.84
C ILE B 4 -18.24 -24.53 -10.42
N PHE B 5 -19.45 -24.44 -9.85
CA PHE B 5 -19.79 -24.88 -8.47
C PHE B 5 -20.59 -26.19 -8.53
N HIS B 6 -19.90 -27.32 -8.35
CA HIS B 6 -20.44 -28.70 -8.43
C HIS B 6 -21.03 -28.95 -9.82
N GLY B 7 -20.24 -28.64 -10.87
CA GLY B 7 -20.59 -28.89 -12.29
C GLY B 7 -21.76 -28.04 -12.76
N LYS B 8 -21.83 -26.78 -12.33
CA LYS B 8 -22.89 -25.79 -12.73
C LYS B 8 -22.21 -24.46 -13.09
N PRO B 9 -22.42 -23.93 -14.33
CA PRO B 9 -21.80 -22.67 -14.72
C PRO B 9 -22.48 -21.46 -14.06
N VAL B 10 -21.79 -20.83 -13.12
CA VAL B 10 -22.28 -19.67 -12.30
C VAL B 10 -21.69 -18.37 -12.87
N HIS B 11 -22.55 -17.39 -13.18
CA HIS B 11 -22.17 -16.05 -13.73
C HIS B 11 -22.43 -14.94 -12.69
N GLY B 12 -23.42 -15.13 -11.80
CA GLY B 12 -23.79 -14.16 -10.76
C GLY B 12 -23.98 -14.81 -9.40
N ALA B 13 -24.31 -14.02 -8.37
CA ALA B 13 -24.54 -14.48 -6.98
C ALA B 13 -25.36 -13.42 -6.22
N ILE B 14 -26.67 -13.66 -6.07
CA ILE B 14 -27.63 -12.76 -5.36
C ILE B 14 -27.72 -13.24 -3.90
N PHE B 15 -27.65 -12.31 -2.93
CA PHE B 15 -27.60 -12.58 -1.48
C PHE B 15 -28.84 -12.01 -0.79
N ASP B 16 -29.28 -12.67 0.29
CA ASP B 16 -30.27 -12.14 1.27
C ASP B 16 -29.50 -11.47 2.41
N MET B 17 -30.06 -10.42 3.01
CA MET B 17 -29.37 -9.58 4.03
C MET B 17 -29.70 -10.11 5.43
N ASP B 18 -30.96 -10.05 5.84
CA ASP B 18 -31.42 -10.34 7.23
C ASP B 18 -31.43 -11.86 7.47
N GLY B 19 -30.48 -12.35 8.28
CA GLY B 19 -30.40 -13.76 8.72
C GLY B 19 -29.42 -14.57 7.89
N THR B 20 -29.07 -14.10 6.68
CA THR B 20 -28.17 -14.78 5.73
C THR B 20 -26.78 -14.12 5.79
N MET B 21 -26.72 -12.80 5.59
CA MET B 21 -25.47 -11.98 5.65
C MET B 21 -25.20 -11.57 7.10
N PHE B 22 -26.18 -10.94 7.74
CA PHE B 22 -26.11 -10.45 9.15
C PHE B 22 -27.15 -11.20 10.00
N ASP B 23 -26.94 -11.22 11.32
CA ASP B 23 -27.84 -11.88 12.31
C ASP B 23 -28.79 -10.83 12.88
N THR B 24 -29.54 -10.15 12.02
CA THR B 24 -30.47 -9.04 12.36
C THR B 24 -31.88 -9.57 12.63
N GLU B 25 -32.23 -10.73 12.07
CA GLU B 25 -33.56 -11.37 12.23
C GLU B 25 -33.82 -11.67 13.72
N ARG B 26 -32.80 -12.15 14.44
CA ARG B 26 -32.87 -12.45 15.90
C ARG B 26 -33.07 -11.16 16.69
N LEU B 27 -32.44 -10.06 16.26
CA LEU B 27 -32.47 -8.74 16.96
C LEU B 27 -33.86 -8.11 16.81
N ARG B 28 -34.36 -7.99 15.57
CA ARG B 28 -35.68 -7.36 15.27
C ARG B 28 -36.80 -8.19 15.90
N PHE B 29 -36.55 -9.49 16.11
CA PHE B 29 -37.43 -10.42 16.87
C PHE B 29 -37.68 -9.85 18.28
N GLN B 30 -36.61 -9.34 18.92
CA GLN B 30 -36.62 -8.81 20.31
C GLN B 30 -37.20 -7.39 20.34
N THR B 31 -36.85 -6.55 19.36
CA THR B 31 -37.24 -5.11 19.30
C THR B 31 -38.74 -4.99 19.06
N LEU B 32 -39.31 -5.84 18.18
CA LEU B 32 -40.76 -5.87 17.85
C LEU B 32 -41.57 -6.25 19.09
N GLN B 33 -41.05 -7.16 19.91
CA GLN B 33 -41.69 -7.63 21.18
C GLN B 33 -41.65 -6.50 22.22
N GLN B 34 -40.48 -5.87 22.40
CA GLN B 34 -40.26 -4.76 23.37
C GLN B 34 -41.07 -3.53 22.97
N ALA B 35 -41.24 -3.29 21.67
CA ALA B 35 -42.02 -2.17 21.09
C ALA B 35 -43.50 -2.36 21.41
N SER B 36 -44.03 -3.58 21.21
CA SER B 36 -45.45 -3.96 21.44
C SER B 36 -45.82 -3.80 22.92
N GLN B 37 -44.86 -4.05 23.82
CA GLN B 37 -45.03 -3.95 25.30
C GLN B 37 -45.33 -2.50 25.70
N GLU B 38 -44.64 -1.53 25.07
CA GLU B 38 -44.65 -0.10 25.47
C GLU B 38 -45.53 0.73 24.52
N LEU B 39 -46.47 0.09 23.81
CA LEU B 39 -47.43 0.78 22.89
C LEU B 39 -48.82 0.16 23.03
N ILE B 40 -49.02 -1.06 22.51
CA ILE B 40 -50.35 -1.77 22.50
C ILE B 40 -50.48 -2.62 23.78
N GLY B 41 -49.37 -2.94 24.43
CA GLY B 41 -49.33 -3.71 25.70
C GLY B 41 -49.07 -5.18 25.45
N GLN B 42 -49.88 -5.82 24.59
CA GLN B 42 -49.79 -7.26 24.26
C GLN B 42 -48.59 -7.50 23.32
N GLU B 43 -47.58 -8.24 23.79
CA GLU B 43 -46.39 -8.64 23.01
C GLU B 43 -46.82 -9.55 21.85
N PHE B 44 -46.19 -9.42 20.69
CA PHE B 44 -46.47 -10.22 19.47
C PHE B 44 -46.15 -11.70 19.74
N SER B 45 -47.01 -12.60 19.26
CA SER B 45 -46.85 -14.08 19.35
C SER B 45 -45.66 -14.51 18.49
N HIS B 46 -45.03 -15.63 18.84
CA HIS B 46 -43.86 -16.21 18.13
C HIS B 46 -44.30 -16.76 16.77
N GLU B 47 -45.54 -17.24 16.67
CA GLU B 47 -46.13 -17.80 15.42
C GLU B 47 -46.25 -16.71 14.36
N TYR B 48 -46.58 -15.47 14.78
CA TYR B 48 -46.69 -14.27 13.91
C TYR B 48 -45.29 -13.90 13.37
N LEU B 49 -44.32 -13.76 14.27
CA LEU B 49 -42.93 -13.31 13.96
C LEU B 49 -42.22 -14.36 13.09
N MET B 50 -42.50 -15.65 13.29
CA MET B 50 -41.87 -16.78 12.55
C MET B 50 -42.36 -16.79 11.09
N GLN B 51 -43.56 -16.27 10.83
CA GLN B 51 -44.14 -16.13 9.47
C GLN B 51 -43.68 -14.82 8.81
N CYS B 52 -43.19 -13.87 9.62
CA CYS B 52 -42.71 -12.53 9.17
C CYS B 52 -41.23 -12.58 8.77
N LEU B 53 -40.56 -13.72 8.92
CA LEU B 53 -39.13 -13.92 8.57
C LEU B 53 -38.98 -13.84 7.04
N GLY B 54 -38.11 -12.94 6.56
CA GLY B 54 -37.89 -12.66 5.13
C GLY B 54 -39.17 -12.18 4.45
N LEU B 55 -39.93 -11.32 5.14
CA LEU B 55 -41.22 -10.76 4.67
C LEU B 55 -41.15 -9.23 4.71
N SER B 56 -41.60 -8.57 3.63
CA SER B 56 -41.62 -7.09 3.48
C SER B 56 -42.48 -6.47 4.58
N ALA B 57 -42.04 -5.32 5.11
CA ALA B 57 -42.71 -4.58 6.21
C ALA B 57 -44.17 -4.28 5.85
N THR B 58 -44.43 -3.98 4.57
CA THR B 58 -45.79 -3.74 4.00
C THR B 58 -46.60 -5.04 4.03
N THR B 59 -45.98 -6.17 3.70
CA THR B 59 -46.60 -7.53 3.68
C THR B 59 -46.77 -8.03 5.12
N ALA B 60 -45.86 -7.65 6.02
CA ALA B 60 -45.89 -8.00 7.47
C ALA B 60 -47.09 -7.31 8.14
N GLU B 61 -47.46 -6.12 7.67
CA GLU B 61 -48.60 -5.31 8.18
C GLU B 61 -49.92 -5.98 7.77
N LYS B 62 -49.95 -6.67 6.62
CA LYS B 62 -51.13 -7.42 6.11
C LYS B 62 -51.42 -8.59 7.05
N LEU B 63 -50.38 -9.35 7.43
CA LEU B 63 -50.48 -10.54 8.31
C LEU B 63 -50.93 -10.11 9.71
N ALA B 64 -50.57 -8.90 10.14
CA ALA B 64 -50.93 -8.29 11.45
C ALA B 64 -52.46 -8.06 11.50
N GLN B 65 -53.06 -7.68 10.37
CA GLN B 65 -54.51 -7.39 10.25
C GLN B 65 -55.31 -8.70 10.29
N ARG B 66 -54.77 -9.78 9.71
CA ARG B 66 -55.40 -11.13 9.66
C ARG B 66 -55.56 -11.68 11.08
N LEU B 67 -54.57 -11.43 11.95
CA LEU B 67 -54.56 -11.87 13.38
C LEU B 67 -55.27 -10.81 14.23
N TYR B 68 -54.84 -9.55 14.12
CA TYR B 68 -55.42 -8.38 14.83
C TYR B 68 -56.28 -7.56 13.85
N TYR B 74 -49.20 -1.17 13.36
CA TYR B 74 -47.91 -1.82 13.06
C TYR B 74 -46.86 -0.77 12.66
N LYS B 75 -47.28 0.26 11.90
CA LYS B 75 -46.42 1.40 11.48
C LYS B 75 -45.76 2.03 12.71
N GLU B 76 -46.54 2.29 13.76
CA GLU B 76 -46.07 2.90 15.04
C GLU B 76 -45.15 1.92 15.77
N ILE B 77 -45.48 0.62 15.72
CA ILE B 77 -44.73 -0.48 16.40
C ILE B 77 -43.35 -0.63 15.73
N ARG B 78 -43.35 -0.82 14.41
CA ARG B 78 -42.13 -1.09 13.60
C ARG B 78 -41.20 0.13 13.63
N LYS B 79 -41.76 1.35 13.71
CA LYS B 79 -41.01 2.63 13.77
C LYS B 79 -40.06 2.59 14.98
N ARG B 80 -40.59 2.32 16.17
CA ARG B 80 -39.81 2.28 17.45
C ARG B 80 -38.93 1.03 17.47
N ALA B 81 -39.37 -0.07 16.85
CA ALA B 81 -38.64 -1.35 16.74
C ALA B 81 -37.40 -1.17 15.84
N ASP B 82 -37.57 -0.49 14.71
CA ASP B 82 -36.47 -0.16 13.75
C ASP B 82 -35.50 0.82 14.42
N GLU B 83 -36.02 1.80 15.15
CA GLU B 83 -35.22 2.82 15.91
C GLU B 83 -34.37 2.12 16.98
N MET B 84 -34.94 1.12 17.66
CA MET B 84 -34.22 0.28 18.66
C MET B 84 -33.15 -0.57 17.95
N GLU B 85 -33.48 -1.11 16.78
CA GLU B 85 -32.60 -2.03 15.99
C GLU B 85 -31.32 -1.29 15.58
N LEU B 86 -31.46 -0.18 14.84
CA LEU B 86 -30.33 0.63 14.30
C LEU B 86 -29.52 1.26 15.44
N GLU B 87 -30.15 1.48 16.61
CA GLU B 87 -29.48 2.02 17.83
C GLU B 87 -28.56 0.94 18.41
N HIS B 88 -28.99 -0.32 18.41
CA HIS B 88 -28.19 -1.50 18.81
C HIS B 88 -26.99 -1.67 17.86
N ILE B 89 -27.18 -1.36 16.57
CA ILE B 89 -26.13 -1.45 15.51
C ILE B 89 -25.09 -0.35 15.73
N ARG B 90 -25.53 0.85 16.16
CA ARG B 90 -24.63 2.01 16.41
C ARG B 90 -23.73 1.74 17.63
N LYS B 91 -24.21 0.95 18.59
CA LYS B 91 -23.49 0.68 19.88
C LYS B 91 -22.67 -0.60 19.78
N HIS B 92 -23.27 -1.70 19.30
CA HIS B 92 -22.66 -3.07 19.29
C HIS B 92 -22.14 -3.43 17.90
N GLY B 93 -22.37 -2.59 16.88
CA GLY B 93 -21.99 -2.87 15.48
C GLY B 93 -22.96 -3.79 14.80
N VAL B 94 -22.77 -4.06 13.51
CA VAL B 94 -23.58 -5.02 12.70
C VAL B 94 -23.09 -6.43 13.03
N PRO B 95 -23.99 -7.37 13.41
CA PRO B 95 -23.61 -8.76 13.66
C PRO B 95 -23.39 -9.52 12.34
N ILE B 96 -22.15 -9.54 11.84
CA ILE B 96 -21.76 -10.17 10.54
C ILE B 96 -21.63 -11.68 10.76
N LYS B 97 -22.28 -12.48 9.92
CA LYS B 97 -22.18 -13.97 9.92
C LYS B 97 -20.75 -14.35 9.52
N LYS B 98 -20.13 -15.27 10.29
CA LYS B 98 -18.70 -15.68 10.12
C LYS B 98 -18.52 -16.35 8.76
N GLY B 99 -17.59 -15.83 7.96
CA GLY B 99 -17.21 -16.38 6.63
C GLY B 99 -17.74 -15.55 5.48
N LEU B 100 -18.68 -14.63 5.74
CA LEU B 100 -19.36 -13.80 4.70
C LEU B 100 -18.32 -13.06 3.86
N VAL B 101 -17.45 -12.28 4.51
CA VAL B 101 -16.44 -11.40 3.84
C VAL B 101 -15.50 -12.28 3.00
N GLN B 102 -15.14 -13.46 3.51
CA GLN B 102 -14.26 -14.46 2.83
C GLN B 102 -14.96 -14.97 1.56
N VAL B 103 -16.27 -15.25 1.64
CA VAL B 103 -17.12 -15.71 0.50
C VAL B 103 -17.20 -14.58 -0.54
N LEU B 104 -17.61 -13.38 -0.12
CA LEU B 104 -17.91 -12.23 -1.02
C LEU B 104 -16.71 -11.91 -1.92
N GLU B 105 -15.49 -11.89 -1.35
CA GLU B 105 -14.24 -11.55 -2.08
C GLU B 105 -13.95 -12.62 -3.14
N ARG B 106 -14.00 -13.90 -2.75
CA ARG B 106 -13.72 -15.06 -3.63
C ARG B 106 -14.66 -15.02 -4.86
N LEU B 107 -15.94 -14.73 -4.63
CA LEU B 107 -16.98 -14.62 -5.70
C LEU B 107 -16.67 -13.40 -6.58
N ARG B 108 -16.21 -12.30 -5.99
CA ARG B 108 -15.87 -11.04 -6.69
C ARG B 108 -14.67 -11.28 -7.63
N LYS B 109 -13.59 -11.84 -7.10
CA LYS B 109 -12.30 -12.04 -7.82
C LYS B 109 -12.42 -13.20 -8.82
N SER B 110 -13.47 -14.03 -8.69
CA SER B 110 -13.84 -15.07 -9.68
C SER B 110 -14.49 -14.41 -10.91
N GLY B 111 -15.02 -13.20 -10.73
CA GLY B 111 -15.62 -12.37 -11.80
C GLY B 111 -17.13 -12.50 -11.86
N LEU B 112 -17.75 -12.90 -10.74
CA LEU B 112 -19.22 -13.09 -10.64
C LEU B 112 -19.89 -11.73 -10.43
N ARG B 113 -21.06 -11.52 -11.05
CA ARG B 113 -21.85 -10.27 -10.97
C ARG B 113 -22.78 -10.37 -9.76
N MET B 114 -22.38 -9.78 -8.62
CA MET B 114 -23.01 -9.96 -7.29
C MET B 114 -24.01 -8.83 -7.02
N ALA B 115 -25.10 -9.16 -6.32
CA ALA B 115 -26.18 -8.20 -5.92
C ALA B 115 -26.83 -8.67 -4.61
N VAL B 116 -27.74 -7.84 -4.07
CA VAL B 116 -28.50 -8.12 -2.81
C VAL B 116 -29.99 -8.04 -3.13
N ALA B 117 -30.79 -8.94 -2.52
CA ALA B 117 -32.27 -9.01 -2.63
C ALA B 117 -32.87 -9.18 -1.23
N THR B 118 -33.19 -8.07 -0.56
CA THR B 118 -33.65 -8.02 0.85
C THR B 118 -35.05 -7.38 0.91
N SER B 119 -35.93 -7.92 1.76
CA SER B 119 -37.30 -7.42 2.00
C SER B 119 -37.27 -6.10 2.78
N SER B 120 -36.17 -5.85 3.51
CA SER B 120 -35.92 -4.61 4.28
C SER B 120 -35.91 -3.39 3.35
N ARG B 121 -36.13 -2.19 3.92
CA ARG B 121 -36.14 -0.89 3.19
C ARG B 121 -34.72 -0.57 2.69
N ARG B 122 -34.62 0.30 1.69
CA ARG B 122 -33.32 0.75 1.10
C ARG B 122 -32.53 1.54 2.14
N ALA B 123 -33.20 2.45 2.87
CA ALA B 123 -32.62 3.30 3.93
C ALA B 123 -32.00 2.42 5.03
N ILE B 124 -32.69 1.34 5.40
CA ILE B 124 -32.25 0.37 6.45
C ILE B 124 -31.16 -0.54 5.87
N ALA B 125 -31.33 -0.99 4.61
CA ALA B 125 -30.40 -1.92 3.91
C ALA B 125 -29.02 -1.28 3.77
N GLU B 126 -28.96 -0.10 3.16
CA GLU B 126 -27.71 0.68 2.92
C GLU B 126 -27.01 0.94 4.26
N GLU B 127 -27.76 1.32 5.30
CA GLU B 127 -27.25 1.64 6.66
C GLU B 127 -26.37 0.47 7.15
N TYR B 128 -26.85 -0.77 7.02
CA TYR B 128 -26.17 -2.00 7.50
C TYR B 128 -25.04 -2.39 6.53
N LEU B 129 -25.29 -2.32 5.23
CA LEU B 129 -24.32 -2.68 4.16
C LEU B 129 -23.09 -1.76 4.25
N ILE B 130 -23.30 -0.46 4.51
CA ILE B 130 -22.23 0.56 4.68
C ILE B 130 -21.48 0.28 6.00
N ASN B 131 -22.21 0.08 7.09
CA ASN B 131 -21.67 -0.16 8.46
C ASN B 131 -20.77 -1.41 8.43
N ALA B 132 -21.27 -2.52 7.89
CA ALA B 132 -20.55 -3.81 7.78
C ALA B 132 -19.39 -3.70 6.78
N ASN B 133 -19.46 -2.73 5.86
CA ASN B 133 -18.43 -2.44 4.83
C ASN B 133 -18.39 -3.60 3.84
N VAL B 134 -19.55 -4.02 3.33
CA VAL B 134 -19.72 -5.11 2.33
C VAL B 134 -20.53 -4.61 1.12
N TYR B 135 -20.88 -3.32 1.09
CA TYR B 135 -21.68 -2.68 0.02
C TYR B 135 -20.85 -2.59 -1.27
N LYS B 136 -19.53 -2.50 -1.14
CA LYS B 136 -18.56 -2.38 -2.26
C LYS B 136 -18.54 -3.66 -3.10
N PHE B 137 -18.92 -4.81 -2.53
CA PHE B 137 -18.86 -6.14 -3.17
C PHE B 137 -20.04 -6.35 -4.14
N PHE B 138 -21.06 -5.49 -4.08
CA PHE B 138 -22.33 -5.65 -4.83
C PHE B 138 -22.44 -4.56 -5.91
N ASP B 139 -22.81 -4.97 -7.13
CA ASP B 139 -22.99 -4.09 -8.32
C ASP B 139 -24.32 -3.35 -8.18
N VAL B 140 -25.40 -4.10 -7.92
CA VAL B 140 -26.79 -3.58 -7.72
C VAL B 140 -27.33 -4.12 -6.39
N ILE B 141 -28.33 -3.47 -5.82
CA ILE B 141 -29.11 -4.00 -4.66
C ILE B 141 -30.62 -3.80 -4.94
N THR B 142 -31.44 -4.78 -4.52
CA THR B 142 -32.92 -4.76 -4.64
C THR B 142 -33.52 -4.81 -3.24
N CYS B 143 -34.50 -3.94 -2.97
CA CYS B 143 -35.15 -3.74 -1.64
C CYS B 143 -36.66 -3.91 -1.77
N GLY B 144 -37.36 -3.90 -0.64
CA GLY B 144 -38.84 -4.07 -0.56
C GLY B 144 -39.60 -2.82 -0.98
N ASP B 145 -38.89 -1.70 -1.19
CA ASP B 145 -39.47 -0.38 -1.56
C ASP B 145 -39.94 -0.40 -3.02
N GLU B 146 -39.05 -0.75 -3.95
CA GLU B 146 -39.28 -0.65 -5.41
C GLU B 146 -40.16 -1.82 -5.90
N VAL B 147 -40.00 -3.01 -5.31
CA VAL B 147 -40.78 -4.24 -5.69
C VAL B 147 -42.27 -4.02 -5.34
N GLU B 148 -43.17 -4.38 -6.26
CA GLU B 148 -44.64 -4.24 -6.09
C GLU B 148 -45.16 -5.42 -5.25
N GLN B 149 -44.95 -6.64 -5.74
CA GLN B 149 -45.32 -7.90 -5.03
C GLN B 149 -44.05 -8.49 -4.39
N GLY B 150 -43.88 -8.29 -3.07
CA GLY B 150 -42.70 -8.73 -2.31
C GLY B 150 -42.66 -10.23 -2.11
N LYS B 151 -41.77 -10.71 -1.24
CA LYS B 151 -41.58 -12.16 -0.92
C LYS B 151 -42.87 -12.70 -0.29
N PRO B 152 -43.27 -13.96 -0.57
CA PRO B 152 -42.43 -14.94 -1.26
C PRO B 152 -42.58 -15.01 -2.80
N HIS B 153 -43.04 -13.93 -3.43
CA HIS B 153 -43.16 -13.79 -4.91
C HIS B 153 -41.77 -13.56 -5.50
N PRO B 154 -41.41 -14.19 -6.65
CA PRO B 154 -40.05 -14.09 -7.19
C PRO B 154 -39.67 -12.75 -7.84
N GLU B 155 -40.54 -11.74 -7.78
CA GLU B 155 -40.34 -10.41 -8.41
C GLU B 155 -39.03 -9.78 -7.96
N ILE B 156 -38.71 -9.87 -6.65
CA ILE B 156 -37.52 -9.23 -6.02
C ILE B 156 -36.24 -9.89 -6.52
N PHE B 157 -36.22 -11.23 -6.66
CA PHE B 157 -35.04 -12.04 -7.06
C PHE B 157 -34.88 -12.01 -8.59
N LEU B 158 -35.98 -11.79 -9.33
CA LEU B 158 -35.98 -11.65 -10.80
C LEU B 158 -35.42 -10.27 -11.18
N LYS B 159 -35.86 -9.21 -10.48
CA LYS B 159 -35.43 -7.80 -10.68
C LYS B 159 -33.91 -7.69 -10.45
N ALA B 160 -33.42 -8.35 -9.40
CA ALA B 160 -31.98 -8.40 -9.02
C ALA B 160 -31.16 -9.02 -10.15
N ALA B 161 -31.63 -10.14 -10.70
CA ALA B 161 -30.98 -10.92 -11.79
C ALA B 161 -30.97 -10.09 -13.08
N SER B 162 -32.08 -9.43 -13.40
CA SER B 162 -32.28 -8.62 -14.64
C SER B 162 -31.35 -7.40 -14.64
N GLN B 163 -31.20 -6.74 -13.47
CA GLN B 163 -30.36 -5.52 -13.30
C GLN B 163 -28.86 -5.89 -13.39
N LEU B 164 -28.50 -7.12 -13.04
CA LEU B 164 -27.11 -7.66 -13.16
C LEU B 164 -26.83 -8.02 -14.63
N HIS B 165 -27.87 -8.05 -15.47
CA HIS B 165 -27.80 -8.36 -16.93
C HIS B 165 -27.47 -9.85 -17.10
N LEU B 166 -28.20 -10.72 -16.40
CA LEU B 166 -28.03 -12.19 -16.41
C LEU B 166 -29.41 -12.86 -16.27
N ASP B 167 -29.47 -14.17 -16.54
CA ASP B 167 -30.65 -15.04 -16.24
C ASP B 167 -30.50 -15.54 -14.80
N ALA B 168 -31.62 -15.79 -14.12
CA ALA B 168 -31.69 -16.23 -12.71
C ALA B 168 -30.99 -17.60 -12.55
N ASN B 169 -31.10 -18.47 -13.56
CA ASN B 169 -30.54 -19.85 -13.55
C ASN B 169 -29.01 -19.81 -13.63
N GLN B 170 -28.42 -18.66 -13.99
CA GLN B 170 -26.95 -18.45 -14.05
C GLN B 170 -26.44 -17.88 -12.71
N CYS B 171 -27.36 -17.46 -11.82
CA CYS B 171 -27.05 -16.78 -10.53
C CYS B 171 -27.30 -17.74 -9.36
N LEU B 172 -26.39 -17.73 -8.36
CA LEU B 172 -26.60 -18.36 -7.03
C LEU B 172 -27.50 -17.45 -6.20
N MET B 173 -28.29 -18.03 -5.29
CA MET B 173 -29.25 -17.28 -4.42
C MET B 173 -29.18 -17.84 -2.99
N PHE B 174 -28.71 -16.99 -2.05
CA PHE B 174 -28.57 -17.30 -0.60
C PHE B 174 -29.80 -16.77 0.14
N GLU B 175 -30.33 -17.55 1.10
CA GLU B 175 -31.54 -17.20 1.89
C GLU B 175 -31.54 -18.00 3.20
N ASP B 176 -32.21 -17.47 4.23
CA ASP B 176 -32.37 -18.10 5.57
C ASP B 176 -33.82 -18.57 5.77
N SER B 177 -34.80 -17.73 5.38
CA SER B 177 -36.25 -17.94 5.65
C SER B 177 -36.84 -18.92 4.62
N GLU B 178 -38.07 -19.37 4.88
CA GLU B 178 -38.86 -20.27 3.99
C GLU B 178 -39.49 -19.44 2.87
N ASN B 179 -39.95 -18.23 3.18
CA ASN B 179 -40.60 -17.29 2.22
C ASN B 179 -39.62 -16.93 1.10
N GLY B 180 -38.41 -16.50 1.47
CA GLY B 180 -37.37 -16.06 0.52
C GLY B 180 -36.83 -17.20 -0.34
N LEU B 181 -36.85 -18.43 0.17
CA LEU B 181 -36.40 -19.64 -0.55
C LEU B 181 -37.39 -19.96 -1.68
N THR B 182 -38.69 -19.87 -1.39
CA THR B 182 -39.80 -20.00 -2.37
C THR B 182 -39.64 -18.94 -3.46
N SER B 183 -39.36 -17.69 -3.05
CA SER B 183 -39.12 -16.52 -3.94
C SER B 183 -37.91 -16.78 -4.84
N ALA B 184 -36.83 -17.31 -4.26
CA ALA B 184 -35.56 -17.63 -4.95
C ALA B 184 -35.75 -18.83 -5.89
N HIS B 185 -36.56 -19.81 -5.48
CA HIS B 185 -36.81 -21.08 -6.22
C HIS B 185 -37.69 -20.79 -7.46
N THR B 186 -38.78 -20.04 -7.29
CA THR B 186 -39.75 -19.68 -8.36
C THR B 186 -39.07 -18.84 -9.44
N SER B 187 -38.03 -18.10 -9.08
CA SER B 187 -37.17 -17.29 -10.00
C SER B 187 -36.38 -18.21 -10.94
N LYS B 188 -36.17 -19.48 -10.54
CA LYS B 188 -35.49 -20.55 -11.32
C LYS B 188 -33.97 -20.37 -11.19
N GLY B 189 -33.48 -20.03 -10.00
CA GLY B 189 -32.04 -19.84 -9.71
C GLY B 189 -31.49 -20.96 -8.83
N LEU B 190 -30.17 -21.14 -8.80
CA LEU B 190 -29.47 -22.13 -7.94
C LEU B 190 -29.60 -21.68 -6.47
N THR B 191 -30.63 -22.17 -5.79
CA THR B 191 -31.00 -21.80 -4.39
C THR B 191 -30.00 -22.43 -3.42
N ILE B 192 -29.53 -21.64 -2.44
CA ILE B 192 -28.71 -22.11 -1.28
C ILE B 192 -29.43 -21.67 0.00
N LEU B 193 -29.49 -22.56 0.99
CA LEU B 193 -30.19 -22.33 2.29
C LEU B 193 -29.18 -22.39 3.43
N LEU B 194 -29.23 -21.43 4.34
CA LEU B 194 -28.39 -21.34 5.57
C LEU B 194 -29.30 -21.19 6.80
N LYS B 195 -29.30 -22.17 7.69
CA LYS B 195 -30.12 -22.19 8.94
C LYS B 195 -29.75 -20.96 9.79
N ASP B 196 -30.76 -20.19 10.22
CA ASP B 196 -30.62 -18.99 11.09
C ASP B 196 -31.46 -19.19 12.36
N ILE B 197 -32.79 -19.22 12.21
CA ILE B 197 -33.77 -19.36 13.33
C ILE B 197 -34.60 -20.62 13.12
N LYS B 198 -35.34 -20.69 12.01
CA LYS B 198 -36.26 -21.82 11.68
C LYS B 198 -35.45 -23.02 11.21
N GLU B 199 -35.65 -24.19 11.85
CA GLU B 199 -35.09 -25.49 11.41
C GLU B 199 -35.74 -25.87 10.09
N PRO B 200 -34.95 -26.08 9.00
CA PRO B 200 -35.52 -26.37 7.68
C PRO B 200 -36.55 -27.50 7.68
N ASN B 201 -37.70 -27.28 7.02
CA ASN B 201 -38.76 -28.29 6.77
C ASN B 201 -38.30 -29.23 5.65
N ASP B 202 -39.00 -30.35 5.47
CA ASP B 202 -38.77 -31.32 4.37
C ASP B 202 -39.04 -30.62 3.02
N GLU B 203 -40.04 -29.74 2.98
CA GLU B 203 -40.44 -28.93 1.80
C GLU B 203 -39.28 -28.05 1.35
N MET B 204 -38.60 -27.41 2.31
CA MET B 204 -37.49 -26.44 2.07
C MET B 204 -36.26 -27.19 1.54
N LEU B 205 -35.92 -28.34 2.12
CA LEU B 205 -34.72 -29.16 1.77
C LEU B 205 -34.86 -29.70 0.33
N GLU B 206 -36.09 -29.87 -0.16
CA GLU B 206 -36.39 -30.32 -1.55
C GLU B 206 -36.21 -29.14 -2.51
N LYS B 207 -36.67 -27.94 -2.14
CA LYS B 207 -36.59 -26.70 -2.95
C LYS B 207 -35.13 -26.30 -3.16
N ALA B 208 -34.35 -26.26 -2.07
CA ALA B 208 -32.92 -25.87 -2.05
C ALA B 208 -32.09 -26.92 -2.80
N HIS B 209 -31.16 -26.46 -3.65
CA HIS B 209 -30.19 -27.32 -4.40
C HIS B 209 -29.05 -27.73 -3.45
N PHE B 210 -28.54 -26.79 -2.66
CA PHE B 210 -27.47 -27.00 -1.65
C PHE B 210 -27.95 -26.46 -0.29
N TYR B 211 -27.56 -27.13 0.79
CA TYR B 211 -27.84 -26.73 2.20
C TYR B 211 -26.55 -26.79 3.03
N TYR B 212 -26.43 -25.87 3.99
CA TYR B 212 -25.30 -25.77 4.95
C TYR B 212 -25.84 -25.24 6.29
N ASP B 213 -25.23 -25.68 7.40
CA ASP B 213 -25.65 -25.33 8.79
C ASP B 213 -25.35 -23.85 9.06
N GLN B 214 -24.23 -23.34 8.53
CA GLN B 214 -23.75 -21.95 8.73
C GLN B 214 -23.01 -21.48 7.47
N MET B 215 -22.69 -20.17 7.40
CA MET B 215 -22.03 -19.51 6.23
C MET B 215 -20.63 -20.10 6.02
N TYR B 216 -19.92 -20.46 7.11
CA TYR B 216 -18.53 -20.95 7.08
C TYR B 216 -18.46 -22.34 6.44
N ASP B 217 -19.56 -23.10 6.49
CA ASP B 217 -19.68 -24.45 5.87
C ASP B 217 -19.72 -24.32 4.35
N PHE B 218 -20.40 -23.29 3.83
CA PHE B 218 -20.45 -22.97 2.37
C PHE B 218 -19.06 -22.52 1.89
N LEU B 219 -18.41 -21.64 2.67
CA LEU B 219 -17.04 -21.12 2.39
C LEU B 219 -16.09 -22.30 2.10
N THR B 220 -16.11 -23.30 2.98
CA THR B 220 -15.27 -24.54 2.89
C THR B 220 -15.57 -25.29 1.57
N ASP B 221 -16.86 -25.42 1.24
CA ASP B 221 -17.35 -26.15 0.03
C ASP B 221 -17.01 -25.32 -1.23
N LEU B 222 -17.05 -23.99 -1.13
CA LEU B 222 -16.75 -23.05 -2.25
C LEU B 222 -15.25 -23.07 -2.56
N ASP B 223 -14.42 -23.15 -1.52
CA ASP B 223 -12.94 -22.93 -1.57
C ASP B 223 -12.27 -24.03 -2.42
N GLN B 224 -12.87 -25.22 -2.52
CA GLN B 224 -12.33 -26.37 -3.29
C GLN B 224 -12.48 -26.12 -4.80
N PHE B 225 -13.26 -25.10 -5.19
CA PHE B 225 -13.46 -24.65 -6.59
C PHE B 225 -12.68 -23.34 -6.85
N ILE B 226 -12.51 -22.50 -5.82
CA ILE B 226 -11.79 -21.20 -5.89
C ILE B 226 -10.29 -21.46 -6.01
N PRO B 227 -9.58 -20.84 -6.99
CA PRO B 227 -8.14 -21.01 -7.12
C PRO B 227 -7.34 -20.60 -5.88
N VAL B 228 -6.17 -21.23 -5.67
CA VAL B 228 -5.22 -20.91 -4.57
C VAL B 228 -4.10 -20.02 -5.16
N MET B 229 -3.97 -18.79 -4.66
CA MET B 229 -3.06 -17.75 -5.20
C MET B 229 -1.60 -18.15 -4.91
N ASP B 230 -0.68 -17.71 -5.78
CA ASP B 230 0.74 -18.17 -5.80
C ASP B 230 1.58 -17.32 -4.84
N MET B 231 2.86 -17.67 -4.70
CA MET B 231 3.87 -17.00 -3.81
C MET B 231 3.84 -15.50 -4.05
N PRO B 232 3.63 -14.66 -3.01
CA PRO B 232 3.65 -13.20 -3.18
C PRO B 232 5.02 -12.67 -3.62
N GLU B 233 5.02 -11.61 -4.44
CA GLU B 233 6.23 -10.83 -4.80
C GLU B 233 6.54 -9.87 -3.65
N MET B 234 7.76 -9.33 -3.62
CA MET B 234 8.32 -8.58 -2.46
C MET B 234 7.37 -7.45 -2.05
N GLN B 235 7.10 -6.51 -2.96
CA GLN B 235 6.35 -5.25 -2.66
C GLN B 235 4.88 -5.40 -3.05
N GLU B 236 4.35 -6.63 -3.02
CA GLU B 236 2.94 -6.94 -3.37
C GLU B 236 2.06 -6.53 -2.18
N PRO B 237 0.95 -5.79 -2.40
CA PRO B 237 0.09 -5.34 -1.30
C PRO B 237 -0.61 -6.50 -0.58
N PHE B 238 -0.95 -6.30 0.70
CA PHE B 238 -1.80 -7.23 1.51
C PHE B 238 -3.25 -7.05 1.08
N PRO B 239 -4.14 -8.03 1.35
CA PRO B 239 -5.57 -7.87 1.09
C PRO B 239 -6.19 -6.70 1.87
N GLN B 240 -7.18 -6.03 1.29
CA GLN B 240 -7.92 -4.90 1.93
C GLN B 240 -8.92 -5.46 2.94
N SER B 241 -9.78 -6.39 2.50
CA SER B 241 -10.91 -6.97 3.27
C SER B 241 -10.38 -7.86 4.41
N LEU B 242 -10.99 -7.76 5.59
CA LEU B 242 -10.59 -8.50 6.82
C LEU B 242 -11.62 -9.60 7.11
N ASN B 243 -11.16 -10.83 7.32
CA ASN B 243 -11.99 -11.96 7.82
C ASN B 243 -12.16 -11.80 9.34
N GLN B 244 -12.94 -12.66 9.98
CA GLN B 244 -13.28 -12.59 11.43
C GLN B 244 -12.36 -13.50 12.25
N LEU B 245 -11.29 -14.02 11.66
CA LEU B 245 -10.32 -14.95 12.31
C LEU B 245 -9.22 -14.14 13.01
N THR B 246 -8.70 -14.67 14.12
CA THR B 246 -7.53 -14.14 14.87
C THR B 246 -6.34 -15.10 14.64
N VAL B 247 -5.12 -14.60 14.76
CA VAL B 247 -3.86 -15.42 14.70
C VAL B 247 -2.91 -14.92 15.78
N GLY B 248 -1.98 -15.78 16.21
CA GLY B 248 -1.04 -15.52 17.33
C GLY B 248 0.41 -15.69 16.91
N ILE B 249 1.31 -14.92 17.53
CA ILE B 249 2.79 -15.02 17.34
C ILE B 249 3.44 -15.06 18.73
N HIS B 250 3.60 -16.27 19.29
CA HIS B 250 4.26 -16.51 20.59
C HIS B 250 5.75 -16.19 20.45
N GLY B 251 6.15 -14.96 20.79
CA GLY B 251 7.52 -14.44 20.66
C GLY B 251 7.62 -13.42 19.53
N PHE B 252 7.44 -12.14 19.86
CA PHE B 252 7.55 -10.99 18.92
C PHE B 252 9.03 -10.63 18.74
N GLY B 253 9.79 -11.54 18.13
CA GLY B 253 11.23 -11.42 17.88
C GLY B 253 11.53 -11.15 16.42
N ALA B 254 12.76 -11.45 15.98
CA ALA B 254 13.27 -11.22 14.60
C ALA B 254 12.39 -11.96 13.58
N ILE B 255 12.11 -13.25 13.82
CA ILE B 255 11.30 -14.10 12.89
C ILE B 255 9.82 -13.77 13.08
N GLY B 256 9.35 -13.77 14.34
CA GLY B 256 7.94 -13.51 14.70
C GLY B 256 7.42 -12.23 14.08
N GLY B 257 8.05 -11.10 14.41
CA GLY B 257 7.60 -9.76 13.97
C GLY B 257 8.11 -9.39 12.59
N GLY B 258 9.25 -9.95 12.16
CA GLY B 258 9.97 -9.53 10.95
C GLY B 258 9.80 -10.48 9.77
N TYR B 259 9.00 -11.55 9.92
CA TYR B 259 8.78 -12.57 8.85
C TYR B 259 7.37 -13.16 8.95
N ILE B 260 7.05 -13.81 10.07
CA ILE B 260 5.76 -14.53 10.29
C ILE B 260 4.59 -13.55 10.09
N ALA B 261 4.73 -12.32 10.60
CA ALA B 261 3.70 -11.25 10.54
C ALA B 261 3.33 -10.95 9.09
N GLN B 262 4.31 -10.97 8.17
CA GLN B 262 4.10 -10.76 6.71
C GLN B 262 3.32 -11.94 6.13
N ILE B 263 3.68 -13.17 6.51
CA ILE B 263 3.06 -14.43 6.03
C ILE B 263 1.57 -14.44 6.41
N LEU B 264 1.26 -14.06 7.66
CA LEU B 264 -0.13 -14.05 8.20
C LEU B 264 -0.90 -12.86 7.64
N SER B 265 -0.20 -11.77 7.28
CA SER B 265 -0.79 -10.54 6.71
C SER B 265 -1.21 -10.77 5.24
N HIS B 266 -0.44 -11.56 4.49
CA HIS B 266 -0.81 -12.01 3.11
C HIS B 266 -1.96 -13.02 3.20
N TRP B 267 -1.85 -14.00 4.10
CA TRP B 267 -2.87 -15.05 4.38
C TRP B 267 -3.17 -15.82 3.08
N ASP B 268 -4.43 -15.83 2.62
CA ASP B 268 -4.88 -16.60 1.42
C ASP B 268 -4.92 -15.69 0.20
N GLY B 269 -4.80 -14.37 0.40
CA GLY B 269 -4.81 -13.36 -0.68
C GLY B 269 -6.19 -12.76 -0.89
N TYR B 270 -7.24 -13.42 -0.40
CA TYR B 270 -8.66 -12.98 -0.49
C TYR B 270 -8.97 -12.10 0.72
N THR B 271 -8.75 -12.61 1.94
CA THR B 271 -8.98 -11.90 3.22
C THR B 271 -7.75 -12.00 4.12
N LYS B 272 -7.73 -11.20 5.19
CA LYS B 272 -6.61 -11.08 6.16
C LYS B 272 -7.18 -11.19 7.58
N PRO B 273 -6.49 -11.88 8.52
CA PRO B 273 -6.93 -11.92 9.92
C PRO B 273 -7.28 -10.55 10.49
N LYS B 274 -8.42 -10.47 11.20
CA LYS B 274 -8.95 -9.22 11.82
C LYS B 274 -7.91 -8.62 12.77
N ARG B 275 -7.22 -9.48 13.52
CA ARG B 275 -6.24 -9.08 14.57
C ARG B 275 -5.11 -10.11 14.63
N ILE B 276 -3.87 -9.63 14.82
CA ILE B 276 -2.65 -10.47 15.06
C ILE B 276 -2.15 -10.16 16.47
N ILE B 277 -2.17 -11.15 17.36
CA ILE B 277 -1.68 -11.04 18.77
C ILE B 277 -0.24 -11.57 18.80
N ALA B 278 0.68 -10.83 19.42
CA ALA B 278 2.12 -11.17 19.54
C ALA B 278 2.59 -10.93 20.98
N SER B 279 3.35 -11.88 21.54
CA SER B 279 3.84 -11.86 22.95
C SER B 279 5.33 -11.51 22.99
N THR B 280 5.74 -10.70 23.97
CA THR B 280 7.15 -10.31 24.22
C THR B 280 7.29 -9.79 25.67
N ARG B 281 8.49 -9.89 26.22
CA ARG B 281 8.87 -9.36 27.56
C ARG B 281 9.62 -8.04 27.40
N ASN B 282 9.79 -7.58 26.15
CA ASN B 282 10.38 -6.25 25.82
C ASN B 282 9.25 -5.21 25.88
N SER B 283 9.16 -4.48 27.00
CA SER B 283 8.08 -3.52 27.33
C SER B 283 8.09 -2.32 26.35
N LEU B 284 9.28 -1.86 25.95
CA LEU B 284 9.47 -0.71 25.03
C LEU B 284 8.81 -1.03 23.68
N PHE B 285 9.16 -2.17 23.09
CA PHE B 285 8.58 -2.69 21.82
C PHE B 285 7.06 -2.76 21.95
N ARG B 286 6.57 -3.43 23.00
CA ARG B 286 5.12 -3.63 23.29
C ARG B 286 4.39 -2.29 23.29
N GLU B 287 4.85 -1.34 24.12
CA GLU B 287 4.21 -0.02 24.33
C GLU B 287 4.32 0.84 23.06
N ALA B 288 5.44 0.73 22.34
CA ALA B 288 5.74 1.51 21.11
C ALA B 288 4.75 1.12 19.98
N VAL B 289 4.60 -0.18 19.73
CA VAL B 289 3.74 -0.73 18.64
C VAL B 289 2.27 -0.38 18.94
N ASN B 290 1.85 -0.52 20.19
CA ASN B 290 0.46 -0.24 20.65
C ASN B 290 0.19 1.27 20.61
N ALA B 291 1.22 2.10 20.82
CA ALA B 291 1.14 3.57 20.78
C ALA B 291 0.98 4.06 19.34
N PHE B 292 1.69 3.44 18.39
CA PHE B 292 1.65 3.76 16.93
C PHE B 292 0.44 3.08 16.28
N GLY B 293 0.14 1.84 16.69
CA GLY B 293 -0.94 1.00 16.13
C GLY B 293 -0.40 0.03 15.09
N THR B 294 0.61 0.45 14.33
CA THR B 294 1.30 -0.35 13.30
C THR B 294 2.82 -0.33 13.56
N TYR B 295 3.55 -1.21 12.88
CA TYR B 295 5.03 -1.21 12.78
C TYR B 295 5.42 -1.69 11.38
N SER B 296 6.56 -1.23 10.87
CA SER B 296 7.06 -1.52 9.50
C SER B 296 8.30 -2.43 9.57
N ILE B 297 8.41 -3.36 8.62
CA ILE B 297 9.63 -4.17 8.34
C ILE B 297 10.40 -3.47 7.22
N ARG B 298 11.70 -3.20 7.43
CA ARG B 298 12.57 -2.52 6.44
C ARG B 298 13.35 -3.56 5.64
N TYR B 299 13.10 -3.63 4.33
CA TYR B 299 13.87 -4.45 3.35
C TYR B 299 14.91 -3.54 2.71
N GLY B 300 16.14 -3.57 3.23
CA GLY B 300 17.24 -2.66 2.90
C GLY B 300 17.59 -2.66 1.42
N GLN B 301 17.57 -3.84 0.78
CA GLN B 301 18.03 -4.06 -0.61
C GLN B 301 17.26 -3.15 -1.58
N PHE B 302 15.94 -3.01 -1.39
CA PHE B 302 15.03 -2.21 -2.25
C PHE B 302 14.50 -0.99 -1.48
N SER B 303 15.12 -0.66 -0.34
CA SER B 303 14.78 0.47 0.55
C SER B 303 13.26 0.62 0.70
N TYR B 304 12.58 -0.49 1.00
CA TYR B 304 11.10 -0.60 1.09
C TYR B 304 10.69 -0.87 2.54
N ASP B 305 9.76 -0.06 3.07
CA ASP B 305 9.19 -0.20 4.43
C ASP B 305 7.79 -0.82 4.32
N GLU B 306 7.63 -2.03 4.86
CA GLU B 306 6.37 -2.83 4.79
C GLU B 306 5.61 -2.67 6.11
N ARG B 307 4.54 -1.87 6.11
CA ARG B 307 3.69 -1.59 7.30
C ARG B 307 2.84 -2.82 7.62
N ILE B 308 2.95 -3.33 8.85
CA ILE B 308 2.10 -4.42 9.40
C ILE B 308 1.03 -3.80 10.31
N GLU B 309 -0.24 -3.89 9.92
CA GLU B 309 -1.39 -3.29 10.63
C GLU B 309 -2.26 -4.39 11.26
N ASN B 310 -3.19 -4.00 12.12
CA ASN B 310 -4.08 -4.92 12.91
C ASN B 310 -3.23 -5.71 13.91
N MET B 311 -2.25 -5.05 14.54
CA MET B 311 -1.28 -5.67 15.47
C MET B 311 -1.66 -5.29 16.92
N SER B 312 -1.65 -6.27 17.82
CA SER B 312 -1.81 -6.11 19.29
C SER B 312 -0.68 -6.86 20.00
N ILE B 313 0.23 -6.14 20.65
CA ILE B 313 1.39 -6.73 21.40
C ILE B 313 0.98 -6.88 22.87
N VAL B 314 1.18 -8.07 23.43
CA VAL B 314 0.75 -8.44 24.81
C VAL B 314 1.99 -8.88 25.61
N ASP B 315 1.88 -8.90 26.94
CA ASP B 315 2.93 -9.36 27.88
C ASP B 315 2.86 -10.89 27.98
N SER B 316 3.99 -11.57 27.82
CA SER B 316 4.12 -13.05 27.87
C SER B 316 3.75 -13.58 29.25
N ASP B 317 4.05 -12.82 30.31
CA ASP B 317 3.83 -13.19 31.74
C ASP B 317 2.36 -12.99 32.10
N ASN B 318 1.68 -12.01 31.48
CA ASN B 318 0.24 -11.72 31.67
C ASN B 318 -0.56 -12.94 31.22
N GLU B 319 -1.25 -13.61 32.15
CA GLU B 319 -1.88 -14.94 31.95
C GLU B 319 -3.13 -14.83 31.07
N GLN B 320 -4.03 -13.88 31.36
CA GLN B 320 -5.37 -13.77 30.72
C GLN B 320 -5.22 -13.39 29.24
N GLN B 321 -4.19 -12.59 28.90
CA GLN B 321 -3.92 -12.13 27.51
C GLN B 321 -3.34 -13.27 26.68
N MET B 322 -2.55 -14.17 27.29
CA MET B 322 -1.96 -15.36 26.62
C MET B 322 -3.06 -16.43 26.42
N LEU B 323 -3.97 -16.57 27.38
CA LEU B 323 -5.19 -17.42 27.27
C LEU B 323 -6.09 -16.87 26.15
N GLU B 324 -6.23 -15.54 26.09
CA GLU B 324 -6.99 -14.81 25.03
C GLU B 324 -6.47 -15.23 23.64
N MET B 325 -5.15 -15.36 23.50
CA MET B 325 -4.45 -15.71 22.24
C MET B 325 -4.82 -17.15 21.83
N TYR B 326 -4.71 -18.11 22.75
CA TYR B 326 -4.81 -19.57 22.49
C TYR B 326 -6.28 -20.02 22.37
N THR B 327 -7.24 -19.16 22.72
CA THR B 327 -8.70 -19.45 22.66
C THR B 327 -9.31 -18.91 21.35
N HIS B 328 -8.82 -17.77 20.85
CA HIS B 328 -9.41 -17.03 19.69
C HIS B 328 -8.61 -17.28 18.41
N SER B 329 -7.33 -17.67 18.50
CA SER B 329 -6.41 -17.83 17.34
C SER B 329 -6.75 -19.10 16.56
N SER B 330 -6.80 -18.99 15.22
CA SER B 330 -6.97 -20.12 14.27
C SER B 330 -5.61 -20.75 13.97
N LEU B 331 -4.54 -19.93 13.98
CA LEU B 331 -3.13 -20.35 13.79
C LEU B 331 -2.22 -19.56 14.74
N ILE B 332 -1.35 -20.25 15.48
CA ILE B 332 -0.31 -19.65 16.37
C ILE B 332 1.07 -20.13 15.91
N ALA B 333 2.04 -19.21 15.86
CA ALA B 333 3.45 -19.47 15.49
C ALA B 333 4.35 -19.30 16.72
N LEU B 334 5.00 -20.38 17.15
CA LEU B 334 5.97 -20.39 18.27
C LEU B 334 7.34 -19.97 17.74
N CYS B 335 7.76 -18.74 18.06
CA CYS B 335 9.00 -18.08 17.56
C CYS B 335 9.91 -17.71 18.73
N LEU B 336 10.20 -18.67 19.61
CA LEU B 336 11.04 -18.49 20.83
C LEU B 336 12.37 -19.21 20.64
N PRO B 337 13.45 -18.79 21.33
CA PRO B 337 14.71 -19.51 21.33
C PRO B 337 14.62 -20.81 22.14
N GLU B 338 15.61 -21.70 21.97
CA GLU B 338 15.67 -23.06 22.58
C GLU B 338 15.69 -22.96 24.11
N GLN B 339 16.30 -21.89 24.65
CA GLN B 339 16.51 -21.67 26.11
C GLN B 339 15.18 -21.39 26.82
N ALA B 340 14.20 -20.85 26.11
CA ALA B 340 12.91 -20.36 26.67
C ALA B 340 11.76 -21.35 26.41
N ILE B 341 12.06 -22.55 25.88
CA ILE B 341 11.04 -23.58 25.52
C ILE B 341 10.46 -24.19 26.81
N GLU B 342 11.34 -24.55 27.76
CA GLU B 342 10.97 -25.24 29.03
C GLU B 342 10.06 -24.35 29.89
N SER B 343 10.36 -23.04 29.94
CA SER B 343 9.63 -22.05 30.77
C SER B 343 8.28 -21.72 30.14
N GLU B 344 8.26 -21.47 28.82
CA GLU B 344 7.07 -20.98 28.06
C GLU B 344 6.09 -22.14 27.79
N SER B 345 6.55 -23.40 27.87
CA SER B 345 5.74 -24.62 27.63
C SER B 345 4.54 -24.67 28.60
N LYS B 346 4.72 -24.14 29.81
CA LYS B 346 3.66 -24.07 30.86
C LYS B 346 2.55 -23.11 30.42
N ILE B 347 2.92 -22.02 29.72
CA ILE B 347 1.98 -20.96 29.25
C ILE B 347 1.17 -21.52 28.08
N ILE B 348 1.78 -22.37 27.24
CA ILE B 348 1.14 -23.04 26.07
C ILE B 348 0.10 -24.04 26.60
N ALA B 349 0.49 -24.87 27.58
CA ALA B 349 -0.36 -25.90 28.22
C ALA B 349 -1.66 -25.25 28.74
N LYS B 350 -1.53 -24.14 29.48
CA LYS B 350 -2.67 -23.36 30.04
C LYS B 350 -3.61 -22.93 28.92
N GLY B 351 -3.06 -22.45 27.80
CA GLY B 351 -3.82 -21.96 26.63
C GLY B 351 -4.60 -23.07 25.95
N LEU B 352 -3.94 -24.21 25.69
CA LEU B 352 -4.53 -25.38 24.98
C LEU B 352 -5.62 -26.02 25.85
N TYR B 353 -5.42 -26.08 27.17
CA TYR B 353 -6.38 -26.65 28.15
C TYR B 353 -7.58 -25.72 28.30
N ALA B 354 -7.35 -24.40 28.20
CA ALA B 354 -8.39 -23.35 28.23
C ALA B 354 -9.23 -23.41 26.95
N ARG B 355 -8.63 -23.83 25.84
CA ARG B 355 -9.31 -24.02 24.52
C ARG B 355 -10.20 -25.26 24.58
N PHE B 356 -9.70 -26.34 25.19
CA PHE B 356 -10.40 -27.65 25.36
C PHE B 356 -11.66 -27.44 26.22
N ASN B 357 -11.52 -26.73 27.34
CA ASN B 357 -12.61 -26.46 28.31
C ASN B 357 -13.73 -25.65 27.63
N SER B 358 -13.36 -24.65 26.83
CA SER B 358 -14.29 -23.76 26.08
C SER B 358 -14.84 -24.49 24.84
N GLN B 359 -15.96 -24.00 24.29
CA GLN B 359 -16.58 -24.49 23.03
C GLN B 359 -17.02 -23.30 22.18
N ILE B 364 -11.94 -23.69 19.64
CA ILE B 364 -13.22 -23.94 18.90
C ILE B 364 -12.93 -24.95 17.78
N GLU B 365 -12.03 -24.58 16.86
CA GLU B 365 -11.62 -25.38 15.67
C GLU B 365 -10.23 -25.95 15.94
N PRO B 366 -9.77 -26.97 15.17
CA PRO B 366 -8.43 -27.53 15.35
C PRO B 366 -7.33 -26.49 15.04
N LEU B 367 -6.59 -26.08 16.08
CA LEU B 367 -5.50 -25.07 16.01
C LEU B 367 -4.35 -25.60 15.13
N THR B 368 -3.77 -24.73 14.30
CA THR B 368 -2.54 -24.99 13.50
C THR B 368 -1.36 -24.33 14.23
N PHE B 369 -0.45 -25.15 14.78
CA PHE B 369 0.70 -24.71 15.62
C PHE B 369 2.00 -24.85 14.80
N LEU B 370 2.65 -23.72 14.50
CA LEU B 370 3.92 -23.66 13.72
C LEU B 370 5.10 -23.54 14.69
N ILE B 371 6.02 -24.52 14.66
CA ILE B 371 7.27 -24.54 15.49
C ILE B 371 8.41 -23.96 14.65
N ILE B 372 8.82 -22.72 14.96
CA ILE B 372 9.93 -21.98 14.27
C ILE B 372 11.16 -22.01 15.20
N LEU B 373 12.12 -22.89 14.90
CA LEU B 373 13.36 -23.07 15.72
C LEU B 373 14.45 -23.71 14.85
N ALA B 374 15.64 -23.08 14.83
CA ALA B 374 16.85 -23.56 14.13
C ALA B 374 17.51 -24.66 14.97
N LYS B 375 17.06 -25.91 14.80
CA LYS B 375 17.56 -27.09 15.54
C LYS B 375 17.05 -28.37 14.86
N VAL B 376 17.89 -29.40 14.80
CA VAL B 376 17.52 -30.77 14.34
C VAL B 376 16.68 -31.42 15.44
N GLY B 377 15.48 -31.90 15.11
CA GLY B 377 14.52 -32.46 16.07
C GLY B 377 13.95 -31.39 16.99
N ALA B 378 13.47 -30.29 16.41
CA ALA B 378 12.93 -29.10 17.12
C ALA B 378 11.56 -29.42 17.71
N LYS B 379 10.68 -30.08 16.95
CA LYS B 379 9.30 -30.42 17.36
C LYS B 379 9.35 -31.38 18.57
N TYR B 380 10.19 -32.42 18.49
CA TYR B 380 10.39 -33.43 19.58
C TYR B 380 10.58 -32.72 20.91
N LEU B 381 11.47 -31.71 20.95
CA LEU B 381 11.80 -30.91 22.16
C LEU B 381 10.54 -30.19 22.66
N VAL B 382 9.77 -29.59 21.75
CA VAL B 382 8.54 -28.81 22.07
C VAL B 382 7.45 -29.77 22.57
N MET B 383 7.21 -30.87 21.85
CA MET B 383 6.16 -31.88 22.17
C MET B 383 6.50 -32.58 23.50
N LYS B 384 7.79 -32.80 23.77
CA LYS B 384 8.31 -33.41 25.03
C LYS B 384 7.95 -32.51 26.21
N HIS B 385 8.33 -31.22 26.14
CA HIS B 385 8.14 -30.22 27.22
C HIS B 385 6.65 -29.86 27.38
N LEU B 386 5.87 -29.98 26.31
CA LEU B 386 4.41 -29.67 26.31
C LEU B 386 3.65 -30.76 27.08
N LYS B 387 3.93 -32.03 26.78
CA LYS B 387 3.30 -33.21 27.43
C LYS B 387 3.58 -33.17 28.94
N GLU B 388 4.85 -32.95 29.32
CA GLU B 388 5.31 -32.87 30.73
C GLU B 388 4.56 -31.76 31.46
N ALA B 389 4.39 -30.60 30.81
CA ALA B 389 3.71 -29.40 31.35
C ALA B 389 2.21 -29.65 31.50
N LEU B 390 1.57 -30.20 30.46
CA LEU B 390 0.10 -30.48 30.41
C LEU B 390 -0.27 -31.49 31.50
N LEU B 391 0.47 -32.61 31.60
CA LEU B 391 0.23 -33.70 32.60
C LEU B 391 0.35 -33.12 34.02
N GLU B 392 1.22 -32.12 34.23
CA GLU B 392 1.48 -31.49 35.55
C GLU B 392 0.23 -30.74 36.02
N LEU B 393 -0.51 -30.11 35.09
CA LEU B 393 -1.71 -29.28 35.38
C LEU B 393 -2.97 -30.15 35.34
N THR B 394 -3.19 -30.88 34.24
CA THR B 394 -4.40 -31.69 33.96
C THR B 394 -4.48 -32.88 34.95
N ASN B 395 -3.36 -33.57 35.15
CA ASN B 395 -3.25 -34.80 35.99
C ASN B 395 -4.13 -35.89 35.37
N ASP B 396 -4.06 -36.06 34.05
CA ASP B 396 -4.86 -37.03 33.27
C ASP B 396 -4.17 -37.26 31.92
N GLU B 397 -3.87 -38.52 31.58
CA GLU B 397 -3.16 -38.91 30.33
C GLU B 397 -4.15 -38.93 29.15
N ASP B 398 -5.43 -39.17 29.41
CA ASP B 398 -6.50 -39.32 28.38
C ASP B 398 -6.83 -37.96 27.74
N VAL B 399 -6.91 -36.90 28.54
CA VAL B 399 -7.28 -35.52 28.09
C VAL B 399 -6.09 -34.90 27.34
N THR B 400 -4.86 -35.19 27.76
CA THR B 400 -3.61 -34.62 27.18
C THR B 400 -3.34 -35.21 25.80
N GLU B 401 -3.37 -36.54 25.67
CA GLU B 401 -3.10 -37.26 24.39
C GLU B 401 -4.15 -36.87 23.35
N HIS B 402 -5.37 -36.56 23.80
CA HIS B 402 -6.49 -36.03 22.96
C HIS B 402 -6.09 -34.66 22.39
N ILE B 403 -5.66 -33.73 23.25
CA ILE B 403 -5.23 -32.35 22.88
C ILE B 403 -4.03 -32.42 21.92
N LEU B 404 -3.07 -33.31 22.20
CA LEU B 404 -1.81 -33.46 21.43
C LEU B 404 -2.09 -34.02 20.03
N LYS B 405 -3.22 -34.74 19.86
CA LYS B 405 -3.63 -35.34 18.56
C LYS B 405 -4.77 -34.52 17.92
N GLU B 406 -5.37 -33.59 18.67
CA GLU B 406 -6.45 -32.69 18.19
C GLU B 406 -5.86 -31.64 17.23
N HIS B 407 -4.80 -30.96 17.65
CA HIS B 407 -4.18 -29.79 16.97
C HIS B 407 -3.07 -30.25 16.01
N TYR B 408 -2.76 -29.44 15.01
CA TYR B 408 -1.69 -29.67 14.00
C TYR B 408 -0.39 -28.99 14.46
N PHE B 409 0.59 -29.79 14.88
CA PHE B 409 1.94 -29.34 15.31
C PHE B 409 2.92 -29.53 14.14
N CYS B 410 3.31 -28.43 13.49
CA CYS B 410 4.02 -28.41 12.18
C CYS B 410 5.47 -27.96 12.35
N ASP B 411 6.43 -28.80 11.96
CA ASP B 411 7.86 -28.43 11.77
C ASP B 411 7.95 -27.45 10.59
N THR B 412 8.91 -26.52 10.64
CA THR B 412 9.14 -25.48 9.61
C THR B 412 10.64 -25.35 9.31
N VAL B 413 10.97 -24.80 8.13
CA VAL B 413 12.33 -24.35 7.75
C VAL B 413 12.23 -22.88 7.31
N VAL B 414 12.90 -21.98 8.04
CA VAL B 414 12.96 -20.51 7.76
C VAL B 414 14.38 -20.18 7.29
N ASN B 415 14.52 -19.75 6.03
CA ASN B 415 15.82 -19.39 5.39
C ASN B 415 16.10 -17.88 5.60
N ARG B 416 15.05 -17.07 5.77
CA ARG B 416 15.14 -15.58 5.77
C ARG B 416 16.02 -15.11 6.93
N MET B 417 17.02 -14.27 6.63
CA MET B 417 17.90 -13.60 7.61
C MET B 417 17.24 -12.27 8.03
N VAL B 418 16.89 -12.14 9.30
CA VAL B 418 16.19 -10.95 9.89
C VAL B 418 16.88 -10.56 11.20
N SER B 419 16.90 -9.26 11.51
CA SER B 419 17.46 -8.70 12.77
C SER B 419 16.40 -7.84 13.47
N LYS B 420 16.39 -7.88 14.81
CA LYS B 420 15.53 -7.05 15.68
C LYS B 420 16.29 -5.76 16.01
N LEU B 421 15.66 -4.60 15.84
CA LEU B 421 16.24 -3.27 16.17
C LEU B 421 16.61 -3.25 17.66
N SER B 422 17.79 -2.71 18.00
CA SER B 422 18.27 -2.58 19.40
C SER B 422 17.37 -1.60 20.16
N ASN B 423 17.42 -1.63 21.50
CA ASN B 423 16.62 -0.77 22.39
C ASN B 423 17.12 0.68 22.28
N GLN B 424 18.44 0.86 22.20
CA GLN B 424 19.11 2.19 22.02
C GLN B 424 18.64 2.83 20.71
N ASN B 425 18.58 2.06 19.62
CA ASN B 425 18.19 2.53 18.26
C ASN B 425 16.68 2.81 18.21
N LEU B 426 15.87 2.02 18.95
CA LEU B 426 14.41 2.21 19.05
C LEU B 426 14.12 3.49 19.85
N TYR B 427 14.89 3.75 20.91
CA TYR B 427 14.82 4.99 21.73
C TYR B 427 15.21 6.19 20.87
N ARG B 428 16.28 6.06 20.09
CA ARG B 428 16.80 7.11 19.16
C ARG B 428 15.69 7.50 18.19
N GLN B 429 14.96 6.51 17.65
CA GLN B 429 13.86 6.68 16.67
C GLN B 429 12.70 7.46 17.31
N LEU B 430 12.27 7.04 18.52
CA LEU B 430 11.14 7.65 19.27
C LEU B 430 11.48 9.11 19.64
N ARG B 431 12.73 9.36 20.07
CA ARG B 431 13.24 10.70 20.44
C ARG B 431 13.11 11.65 19.25
N ILE B 432 13.64 11.22 18.09
CA ILE B 432 13.68 12.00 16.81
C ILE B 432 12.24 12.27 16.34
N LYS B 433 11.36 11.27 16.44
CA LYS B 433 9.99 11.31 15.87
C LYS B 433 9.01 11.95 16.87
N HIS B 434 9.41 12.10 18.14
CA HIS B 434 8.64 12.84 19.18
C HIS B 434 8.78 14.35 18.95
N ASN B 435 9.97 14.80 18.57
CA ASN B 435 10.28 16.23 18.32
C ASN B 435 9.44 16.74 17.14
N PHE B 436 9.19 15.89 16.14
CA PHE B 436 8.34 16.21 14.96
C PHE B 436 6.88 16.34 15.39
N LEU B 437 6.42 15.45 16.26
CA LEU B 437 5.03 15.45 16.82
C LEU B 437 4.80 16.75 17.61
N GLU B 438 5.73 17.11 18.51
CA GLU B 438 5.68 18.35 19.33
C GLU B 438 5.48 19.57 18.42
N GLN B 439 6.27 19.66 17.34
CA GLN B 439 6.27 20.81 16.40
C GLN B 439 4.95 20.84 15.61
N HIS B 440 4.40 19.66 15.29
CA HIS B 440 3.12 19.50 14.55
C HIS B 440 1.95 20.05 15.37
N LEU B 441 1.99 19.88 16.70
CA LEU B 441 0.91 20.30 17.64
C LEU B 441 0.86 21.82 17.77
N GLU B 442 1.91 22.53 17.35
CA GLU B 442 1.96 24.02 17.31
C GLU B 442 1.35 24.51 15.98
N ASP B 443 1.49 23.72 14.91
CA ASP B 443 1.02 24.07 13.54
C ASP B 443 -0.51 23.97 13.46
N VAL B 444 -1.09 22.92 14.05
CA VAL B 444 -2.56 22.62 14.01
C VAL B 444 -3.34 23.80 14.61
N GLU B 445 -2.80 24.44 15.66
CA GLU B 445 -3.39 25.64 16.32
C GLU B 445 -4.79 25.30 16.86
N GLU B 451 -16.72 25.04 10.63
CA GLU B 451 -17.82 25.87 10.08
C GLU B 451 -18.15 25.43 8.64
N ILE B 452 -19.08 24.50 8.48
CA ILE B 452 -19.58 24.00 7.16
C ILE B 452 -20.69 24.93 6.68
N GLU B 453 -20.35 25.89 5.82
CA GLU B 453 -21.28 26.93 5.27
C GLU B 453 -21.91 26.41 3.97
N ASP B 454 -22.81 27.19 3.38
CA ASP B 454 -23.43 26.97 2.05
C ASP B 454 -24.33 25.73 2.09
N CYS B 455 -25.65 25.94 2.11
CA CYS B 455 -26.69 24.87 2.05
C CYS B 455 -26.65 24.22 0.66
N ASN B 456 -25.74 23.26 0.46
CA ASN B 456 -25.49 22.57 -0.83
C ASN B 456 -26.32 21.27 -0.86
N LYS B 457 -27.61 21.38 -1.23
CA LYS B 457 -28.58 20.26 -1.35
C LYS B 457 -28.74 19.56 0.01
N LEU B 458 -28.69 20.32 1.11
CA LEU B 458 -28.85 19.82 2.50
C LEU B 458 -29.64 20.85 3.33
N THR B 459 -30.25 20.41 4.43
CA THR B 459 -30.98 21.26 5.40
C THR B 459 -29.98 21.88 6.37
N PRO B 460 -30.27 23.09 6.94
CA PRO B 460 -29.39 23.70 7.94
C PRO B 460 -29.11 22.79 9.16
N ASP B 461 -30.08 21.95 9.53
CA ASP B 461 -30.01 21.03 10.70
C ASP B 461 -28.95 19.95 10.45
N GLN B 462 -28.98 19.34 9.26
CA GLN B 462 -27.99 18.33 8.80
C GLN B 462 -26.59 18.96 8.73
N LEU B 463 -26.51 20.18 8.19
CA LEU B 463 -25.25 20.95 7.97
C LEU B 463 -24.61 21.29 9.32
N ASN B 464 -25.43 21.53 10.35
CA ASN B 464 -24.99 21.84 11.73
C ASN B 464 -24.48 20.57 12.40
N GLN B 465 -25.19 19.45 12.23
CA GLN B 465 -24.83 18.11 12.80
C GLN B 465 -23.54 17.62 12.15
N ALA B 466 -23.36 17.85 10.85
CA ALA B 466 -22.16 17.50 10.06
C ALA B 466 -20.94 18.25 10.61
N SER B 467 -21.12 19.52 10.97
CA SER B 467 -20.05 20.42 11.51
C SER B 467 -19.45 19.83 12.79
N ILE B 468 -20.31 19.28 13.68
CA ILE B 468 -19.90 18.73 15.00
C ILE B 468 -19.13 17.42 14.78
N TYR B 469 -19.54 16.62 13.80
CA TYR B 469 -18.87 15.35 13.41
C TYR B 469 -17.46 15.64 12.90
N VAL B 470 -17.34 16.53 11.91
CA VAL B 470 -16.07 16.88 11.21
C VAL B 470 -15.11 17.56 12.21
N ASP B 471 -15.63 18.34 13.15
CA ASP B 471 -14.83 19.14 14.12
C ASP B 471 -14.06 18.19 15.05
N ASN B 472 -14.75 17.26 15.71
CA ASN B 472 -14.16 16.32 16.70
C ASN B 472 -13.33 15.25 15.97
N MET B 473 -13.75 14.85 14.76
CA MET B 473 -13.00 13.90 13.90
C MET B 473 -11.62 14.50 13.57
N ARG B 474 -11.59 15.74 13.08
CA ARG B 474 -10.34 16.52 12.83
C ARG B 474 -9.53 16.56 14.13
N ARG B 475 -10.16 16.97 15.23
CA ARG B 475 -9.53 17.14 16.58
C ARG B 475 -8.83 15.84 16.99
N ASN B 476 -9.38 14.67 16.62
CA ASN B 476 -8.86 13.33 16.99
C ASN B 476 -7.81 12.86 15.97
N PHE B 477 -8.04 13.09 14.67
CA PHE B 477 -7.20 12.57 13.56
C PHE B 477 -6.03 13.51 13.26
N GLN B 478 -6.20 14.83 13.46
CA GLN B 478 -5.22 15.87 13.03
C GLN B 478 -3.85 15.60 13.64
N PRO B 479 -3.75 15.27 14.96
CA PRO B 479 -2.46 14.92 15.56
C PRO B 479 -1.77 13.73 14.88
N GLY B 480 -2.54 12.79 14.35
CA GLY B 480 -2.06 11.56 13.70
C GLY B 480 -2.11 11.63 12.18
N HIS B 481 -1.97 12.82 11.59
CA HIS B 481 -1.82 13.04 10.12
C HIS B 481 -0.37 12.76 9.70
N ILE B 482 0.56 12.86 10.67
CA ILE B 482 2.03 12.69 10.46
C ILE B 482 2.36 11.21 10.16
N LEU B 483 1.46 10.29 10.52
CA LEU B 483 1.66 8.81 10.40
C LEU B 483 1.61 8.36 8.93
N GLN B 484 1.06 9.18 8.03
CA GLN B 484 0.98 8.89 6.57
C GLN B 484 2.40 8.67 6.01
N SER B 485 3.37 9.47 6.47
CA SER B 485 4.81 9.39 6.10
C SER B 485 5.62 8.70 7.21
N MET B 486 5.33 9.02 8.47
CA MET B 486 6.06 8.53 9.68
C MET B 486 5.65 7.08 9.97
N ASP B 487 6.59 6.14 9.80
CA ASP B 487 6.42 4.70 10.16
C ASP B 487 7.31 4.38 11.36
N LEU B 488 7.03 3.27 12.06
CA LEU B 488 7.86 2.74 13.17
C LEU B 488 8.64 1.52 12.67
N ILE B 489 9.95 1.69 12.44
CA ILE B 489 10.87 0.62 11.94
C ILE B 489 11.37 -0.17 13.15
N LEU B 490 11.16 -1.49 13.15
CA LEU B 490 11.57 -2.40 14.26
C LEU B 490 12.41 -3.57 13.75
N PHE B 491 12.38 -3.87 12.45
CA PHE B 491 13.04 -5.06 11.85
C PHE B 491 13.72 -4.69 10.53
N HIS B 492 14.99 -5.11 10.38
CA HIS B 492 15.76 -5.13 9.10
C HIS B 492 15.78 -6.57 8.59
N SER B 493 15.15 -6.81 7.42
CA SER B 493 14.89 -8.15 6.86
C SER B 493 15.44 -8.26 5.44
N GLU B 494 15.86 -9.47 5.05
CA GLU B 494 16.16 -9.83 3.64
C GLU B 494 14.83 -10.13 2.93
N THR B 495 14.87 -10.33 1.61
CA THR B 495 13.67 -10.37 0.72
C THR B 495 13.13 -11.80 0.57
N ASP B 496 13.76 -12.80 1.18
CA ASP B 496 13.40 -14.24 1.06
C ASP B 496 11.96 -14.46 1.55
N MET B 497 11.07 -14.92 0.67
CA MET B 497 9.60 -15.02 0.91
C MET B 497 9.20 -16.39 1.43
N PRO B 498 9.44 -17.51 0.71
CA PRO B 498 8.76 -18.77 1.00
C PRO B 498 9.20 -19.45 2.31
N ILE B 499 8.24 -19.75 3.19
CA ILE B 499 8.43 -20.61 4.40
C ILE B 499 8.01 -22.05 4.03
N TYR B 500 8.82 -23.04 4.42
CA TYR B 500 8.60 -24.48 4.15
C TYR B 500 8.07 -25.15 5.42
N VAL B 501 6.86 -25.73 5.34
CA VAL B 501 6.11 -26.28 6.50
C VAL B 501 5.73 -27.72 6.20
N GLU B 502 5.58 -28.54 7.26
CA GLU B 502 5.19 -29.97 7.19
C GLU B 502 3.73 -30.06 6.72
N LYS B 503 3.40 -31.10 5.95
CA LYS B 503 2.01 -31.36 5.44
C LYS B 503 1.15 -31.91 6.58
N GLY B 504 -0.14 -31.56 6.59
CA GLY B 504 -1.11 -32.02 7.60
C GLY B 504 -2.33 -31.10 7.68
N SER B 505 -2.13 -29.86 8.15
CA SER B 505 -3.19 -28.84 8.37
C SER B 505 -3.79 -28.42 7.03
N PRO B 506 -5.14 -28.48 6.86
CA PRO B 506 -5.78 -28.01 5.63
C PRO B 506 -5.67 -26.49 5.41
N LEU B 507 -5.50 -25.72 6.49
CA LEU B 507 -5.39 -24.24 6.47
C LEU B 507 -4.16 -23.81 5.67
N LEU B 508 -3.03 -24.51 5.87
CA LEU B 508 -1.70 -24.15 5.31
C LEU B 508 -1.70 -24.30 3.78
N GLU B 509 -2.59 -25.15 3.24
CA GLU B 509 -2.72 -25.42 1.77
C GLU B 509 -3.17 -24.16 1.03
N LYS B 510 -3.87 -23.24 1.71
CA LYS B 510 -4.47 -22.02 1.12
C LYS B 510 -3.60 -20.78 1.42
N LEU B 511 -2.68 -20.86 2.38
CA LEU B 511 -1.76 -19.73 2.73
C LEU B 511 -0.71 -19.58 1.63
N ARG B 512 -0.62 -18.39 1.03
CA ARG B 512 0.16 -18.08 -0.20
C ARG B 512 1.65 -18.25 0.03
N GLN B 513 2.16 -17.72 1.15
CA GLN B 513 3.62 -17.60 1.44
C GLN B 513 4.17 -18.92 1.99
N VAL B 514 3.30 -19.89 2.27
CA VAL B 514 3.65 -21.24 2.79
C VAL B 514 3.84 -22.20 1.61
N VAL B 515 4.93 -22.97 1.62
CA VAL B 515 5.21 -24.09 0.66
C VAL B 515 5.23 -25.40 1.46
N LEU B 516 4.29 -26.30 1.20
CA LEU B 516 4.14 -27.59 1.94
C LEU B 516 5.11 -28.62 1.35
N VAL B 517 5.88 -29.29 2.22
CA VAL B 517 6.90 -30.32 1.86
C VAL B 517 6.62 -31.61 2.65
N ASP B 518 7.21 -32.72 2.21
CA ASP B 518 7.01 -34.07 2.80
C ASP B 518 8.11 -34.34 3.83
N GLN B 519 9.36 -34.48 3.37
CA GLN B 519 10.54 -34.83 4.21
C GLN B 519 11.16 -33.53 4.75
N ILE B 520 10.49 -32.88 5.70
CA ILE B 520 10.94 -31.64 6.39
C ILE B 520 12.24 -31.93 7.15
N THR B 521 12.37 -33.15 7.69
CA THR B 521 13.51 -33.61 8.53
C THR B 521 14.82 -33.52 7.73
N ASP B 522 14.80 -33.92 6.46
CA ASP B 522 15.99 -33.95 5.57
C ASP B 522 16.49 -32.51 5.32
N ILE B 523 15.59 -31.61 4.92
CA ILE B 523 15.94 -30.19 4.57
C ILE B 523 16.26 -29.41 5.85
N GLN B 524 15.70 -29.82 7.00
CA GLN B 524 16.01 -29.25 8.34
C GLN B 524 17.46 -29.57 8.71
N LEU B 525 17.95 -30.77 8.39
CA LEU B 525 19.33 -31.22 8.67
C LEU B 525 20.33 -30.41 7.83
N ILE B 526 20.09 -30.32 6.52
CA ILE B 526 20.92 -29.54 5.56
C ILE B 526 20.92 -28.07 5.99
N LYS B 527 19.74 -27.53 6.29
CA LYS B 527 19.53 -26.14 6.78
C LYS B 527 20.43 -25.89 8.00
N ASN B 528 20.45 -26.81 8.96
CA ASN B 528 21.24 -26.71 10.21
C ASN B 528 22.74 -26.69 9.88
N ARG B 529 23.20 -27.63 9.05
CA ARG B 529 24.65 -27.89 8.77
C ARG B 529 25.18 -26.86 7.77
N LEU B 530 24.51 -26.70 6.62
CA LEU B 530 25.03 -25.96 5.44
C LEU B 530 24.76 -24.46 5.58
N TRP B 531 23.62 -24.06 6.15
CA TRP B 531 23.24 -22.63 6.37
C TRP B 531 23.70 -22.18 7.76
N ASN B 532 22.97 -22.56 8.81
CA ASN B 532 23.15 -22.07 10.21
C ASN B 532 24.59 -22.31 10.69
N GLY B 533 25.19 -23.44 10.32
CA GLY B 533 26.56 -23.83 10.71
C GLY B 533 27.60 -22.88 10.14
N VAL B 534 27.61 -22.72 8.81
CA VAL B 534 28.55 -21.83 8.08
C VAL B 534 28.31 -20.39 8.52
N HIS B 535 27.04 -20.01 8.69
CA HIS B 535 26.58 -18.66 9.14
C HIS B 535 27.23 -18.32 10.49
N ALA B 536 27.11 -19.22 11.46
CA ALA B 536 27.63 -19.07 12.84
C ALA B 536 29.16 -18.98 12.83
N MET B 537 29.82 -19.80 12.01
CA MET B 537 31.31 -19.97 12.00
C MET B 537 31.99 -18.77 11.32
N LEU B 538 31.42 -18.23 10.24
CA LEU B 538 31.98 -17.03 9.56
C LEU B 538 31.67 -15.77 10.40
N ALA B 539 30.60 -15.79 11.18
CA ALA B 539 30.20 -14.71 12.11
C ALA B 539 31.22 -14.60 13.25
N TRP B 540 31.73 -15.74 13.74
CA TRP B 540 32.78 -15.81 14.79
C TRP B 540 34.09 -15.28 14.23
N TYR B 541 34.47 -15.72 13.02
CA TYR B 541 35.69 -15.30 12.29
C TYR B 541 35.65 -13.79 12.06
N ALA B 542 34.52 -13.28 11.56
CA ALA B 542 34.29 -11.85 11.23
C ALA B 542 34.33 -10.99 12.51
N SER B 543 33.67 -11.45 13.58
CA SER B 543 33.59 -10.76 14.89
C SER B 543 34.99 -10.56 15.47
N LEU B 544 35.83 -11.59 15.44
CA LEU B 544 37.21 -11.60 16.01
C LEU B 544 38.14 -10.75 15.13
N MET B 545 37.78 -10.49 13.88
CA MET B 545 38.55 -9.63 12.93
C MET B 545 38.12 -8.16 13.08
N GLY B 546 36.97 -7.90 13.72
CA GLY B 546 36.53 -6.56 14.14
C GLY B 546 35.30 -6.06 13.38
N TYR B 547 34.70 -6.90 12.53
CA TYR B 547 33.47 -6.57 11.75
C TYR B 547 32.24 -6.71 12.65
N GLU B 548 31.31 -5.76 12.54
CA GLU B 548 30.03 -5.74 13.30
C GLU B 548 28.85 -6.03 12.36
N SER B 549 29.12 -6.17 11.05
CA SER B 549 28.10 -6.39 9.98
C SER B 549 28.50 -7.61 9.13
N ILE B 550 27.54 -8.51 8.90
CA ILE B 550 27.73 -9.74 8.06
C ILE B 550 28.01 -9.30 6.62
N GLY B 551 27.20 -8.38 6.09
CA GLY B 551 27.33 -7.82 4.72
C GLY B 551 28.72 -7.26 4.47
N VAL B 552 29.20 -6.42 5.38
CA VAL B 552 30.55 -5.76 5.30
C VAL B 552 31.64 -6.83 5.43
N ALA B 553 31.46 -7.82 6.31
CA ALA B 553 32.43 -8.90 6.60
C ALA B 553 32.69 -9.74 5.34
N MET B 554 31.65 -10.00 4.55
CA MET B 554 31.73 -10.83 3.30
C MET B 554 32.49 -10.07 2.20
N GLY B 555 32.72 -8.76 2.38
CA GLY B 555 33.59 -7.95 1.52
C GLY B 555 35.05 -8.38 1.62
N ASP B 556 35.48 -8.79 2.82
CA ASP B 556 36.85 -9.29 3.11
C ASP B 556 37.06 -10.63 2.40
N HIS B 557 38.18 -10.80 1.69
CA HIS B 557 38.48 -11.96 0.82
C HIS B 557 38.75 -13.21 1.68
N LEU B 558 39.36 -13.04 2.86
CA LEU B 558 39.67 -14.13 3.81
C LEU B 558 38.38 -14.66 4.45
N VAL B 559 37.42 -13.77 4.74
CA VAL B 559 36.11 -14.11 5.37
C VAL B 559 35.28 -14.92 4.38
N LYS B 560 35.21 -14.48 3.12
CA LYS B 560 34.42 -15.15 2.05
C LYS B 560 35.06 -16.49 1.68
N ALA B 561 36.38 -16.52 1.53
CA ALA B 561 37.18 -17.74 1.22
C ALA B 561 36.93 -18.80 2.29
N PHE B 562 36.92 -18.40 3.57
CA PHE B 562 36.66 -19.28 4.75
C PHE B 562 35.28 -19.91 4.63
N ALA B 563 34.26 -19.10 4.31
CA ALA B 563 32.85 -19.52 4.14
C ALA B 563 32.73 -20.51 2.97
N GLU B 564 33.47 -20.27 1.89
CA GLU B 564 33.51 -21.14 0.68
C GLU B 564 34.23 -22.45 1.01
N ASN B 565 35.27 -22.39 1.87
CA ASN B 565 36.05 -23.57 2.32
C ASN B 565 35.20 -24.45 3.25
N LEU B 566 34.44 -23.81 4.16
CA LEU B 566 33.50 -24.50 5.09
C LEU B 566 32.40 -25.19 4.29
N ILE B 567 31.73 -24.45 3.41
CA ILE B 567 30.64 -24.94 2.50
C ILE B 567 31.09 -26.22 1.80
N ALA B 568 32.31 -26.20 1.23
CA ALA B 568 32.92 -27.35 0.51
C ALA B 568 32.99 -28.58 1.41
N GLU B 569 33.49 -28.41 2.64
CA GLU B 569 33.72 -29.50 3.63
C GLU B 569 32.37 -30.06 4.11
N VAL B 570 31.38 -29.20 4.35
CA VAL B 570 30.03 -29.60 4.88
C VAL B 570 29.30 -30.42 3.80
N LYS B 571 29.22 -29.90 2.57
CA LYS B 571 28.50 -30.53 1.43
C LYS B 571 29.05 -31.93 1.17
N GLN B 572 30.38 -32.09 1.18
CA GLN B 572 31.09 -33.38 0.93
C GLN B 572 30.60 -34.42 1.95
N GLY B 573 30.39 -34.01 3.20
CA GLY B 573 29.85 -34.85 4.28
C GLY B 573 28.38 -35.18 4.06
N LEU B 574 27.56 -34.16 3.75
CA LEU B 574 26.09 -34.30 3.52
C LEU B 574 25.83 -35.16 2.28
N ALA B 575 26.74 -35.13 1.30
CA ALA B 575 26.64 -35.87 0.01
C ALA B 575 26.65 -37.38 0.26
N ILE B 576 27.24 -37.83 1.38
CA ILE B 576 27.32 -39.27 1.79
C ILE B 576 26.16 -39.60 2.73
N VAL B 577 25.79 -38.68 3.63
CA VAL B 577 24.69 -38.84 4.62
C VAL B 577 23.34 -38.79 3.89
N LEU B 578 23.18 -37.86 2.95
CA LEU B 578 21.95 -37.68 2.13
C LEU B 578 22.32 -37.64 0.65
N PRO B 579 22.60 -38.81 0.02
CA PRO B 579 22.94 -38.87 -1.40
C PRO B 579 21.82 -38.42 -2.35
N ASN B 580 20.57 -38.45 -1.90
CA ASN B 580 19.36 -38.09 -2.71
C ASN B 580 19.18 -36.57 -2.75
N TYR B 581 19.86 -35.82 -1.89
CA TYR B 581 19.87 -34.33 -1.85
C TYR B 581 21.21 -33.78 -2.37
N ALA B 582 22.13 -34.66 -2.78
CA ALA B 582 23.49 -34.31 -3.24
C ALA B 582 23.44 -33.39 -4.47
N LYS B 583 22.38 -33.50 -5.28
CA LYS B 583 22.19 -32.75 -6.54
C LYS B 583 21.73 -31.31 -6.27
N ASP B 584 21.27 -31.02 -5.04
CA ASP B 584 20.62 -29.73 -4.67
C ASP B 584 21.54 -28.87 -3.79
N LEU B 585 22.64 -29.42 -3.28
CA LEU B 585 23.52 -28.77 -2.26
C LEU B 585 24.19 -27.51 -2.85
N ASP B 586 24.70 -27.60 -4.08
CA ASP B 586 25.43 -26.49 -4.76
C ASP B 586 24.51 -25.27 -4.90
N ARG B 587 23.24 -25.51 -5.22
CA ARG B 587 22.20 -24.44 -5.38
C ARG B 587 21.81 -23.91 -3.99
N MET B 588 21.74 -24.78 -2.98
CA MET B 588 21.37 -24.41 -1.58
C MET B 588 22.50 -23.60 -0.95
N SER B 589 23.77 -23.99 -1.16
CA SER B 589 24.98 -23.32 -0.64
C SER B 589 25.13 -21.93 -1.27
N GLN B 590 24.91 -21.83 -2.59
CA GLN B 590 25.01 -20.56 -3.36
C GLN B 590 23.91 -19.59 -2.92
N SER B 591 22.71 -20.10 -2.64
CA SER B 591 21.54 -19.33 -2.16
C SER B 591 21.85 -18.69 -0.80
N PHE B 592 22.61 -19.39 0.05
CA PHE B 592 23.04 -18.93 1.39
C PHE B 592 24.01 -17.75 1.26
N LEU B 593 25.01 -17.87 0.37
CA LEU B 593 26.05 -16.83 0.14
C LEU B 593 25.41 -15.56 -0.41
N ASP B 594 24.41 -15.69 -1.29
CA ASP B 594 23.65 -14.57 -1.90
C ASP B 594 22.99 -13.74 -0.79
N SER B 595 22.40 -14.42 0.20
CA SER B 595 21.74 -13.79 1.38
C SER B 595 22.78 -13.10 2.27
N CYS B 596 23.92 -13.74 2.49
CA CYS B 596 25.04 -13.25 3.36
C CYS B 596 25.70 -12.02 2.73
N GLU B 597 26.02 -12.08 1.43
CA GLU B 597 26.85 -11.08 0.70
C GLU B 597 26.31 -9.66 0.93
N TYR B 598 25.00 -9.47 0.95
CA TYR B 598 24.34 -8.13 1.04
C TYR B 598 23.40 -8.09 2.25
N ALA B 599 23.84 -8.64 3.38
CA ALA B 599 23.18 -8.56 4.70
C ALA B 599 23.90 -7.50 5.55
N PHE B 600 23.88 -6.25 5.09
CA PHE B 600 24.62 -5.10 5.68
C PHE B 600 24.05 -4.71 7.04
N LYS B 601 22.73 -4.90 7.23
CA LYS B 601 21.98 -4.47 8.44
C LYS B 601 21.78 -5.65 9.40
N ASP B 602 22.26 -6.84 9.04
CA ASP B 602 22.26 -8.06 9.92
C ASP B 602 23.55 -8.06 10.73
N PRO B 603 23.51 -7.82 12.06
CA PRO B 603 24.72 -7.78 12.89
C PRO B 603 25.38 -9.16 13.06
N CYS B 604 26.71 -9.19 13.10
CA CYS B 604 27.53 -10.39 13.42
C CYS B 604 27.15 -10.94 14.80
N GLN B 605 26.97 -10.04 15.78
CA GLN B 605 26.57 -10.34 17.18
C GLN B 605 25.40 -11.34 17.19
N ARG B 606 24.34 -11.03 16.43
CA ARG B 606 23.07 -11.81 16.39
C ARG B 606 23.35 -13.25 15.90
N VAL B 607 24.19 -13.39 14.87
CA VAL B 607 24.50 -14.68 14.20
C VAL B 607 25.43 -15.51 15.09
N ALA B 608 26.22 -14.85 15.95
CA ALA B 608 27.30 -15.46 16.76
C ALA B 608 26.81 -15.78 18.18
N ARG B 609 25.60 -15.38 18.54
CA ARG B 609 25.05 -15.51 19.93
C ARG B 609 24.93 -16.99 20.30
N ASP B 610 25.11 -17.29 21.60
CA ASP B 610 24.96 -18.65 22.20
C ASP B 610 25.94 -19.62 21.53
N PRO B 611 27.27 -19.35 21.56
CA PRO B 611 28.25 -20.23 20.92
C PRO B 611 28.23 -21.69 21.43
N LEU B 612 28.12 -21.88 22.75
CA LEU B 612 28.17 -23.20 23.42
C LEU B 612 27.01 -24.08 22.92
N ARG B 613 25.81 -23.50 22.81
CA ARG B 613 24.60 -24.18 22.27
C ARG B 613 24.92 -24.71 20.86
N LYS B 614 25.53 -23.87 20.02
CA LYS B 614 25.82 -24.15 18.59
C LYS B 614 27.01 -25.11 18.45
N LEU B 615 27.81 -25.26 19.51
CA LEU B 615 28.99 -26.18 19.56
C LEU B 615 28.61 -27.50 20.28
N ASN B 616 27.31 -27.76 20.47
CA ASN B 616 26.80 -29.05 21.01
C ASN B 616 27.11 -30.18 20.02
N HIS B 617 27.19 -31.41 20.52
CA HIS B 617 27.60 -32.63 19.77
C HIS B 617 26.65 -32.90 18.59
N ASN B 618 25.36 -32.56 18.75
CA ASN B 618 24.28 -32.85 17.76
C ASN B 618 23.81 -31.55 17.11
N GLU B 619 24.73 -30.60 16.90
CA GLU B 619 24.41 -29.22 16.41
C GLU B 619 25.30 -28.87 15.21
N ARG B 620 25.20 -27.63 14.75
CA ARG B 620 25.56 -27.14 13.38
C ARG B 620 27.07 -27.14 13.11
N VAL B 621 27.92 -27.42 14.11
CA VAL B 621 29.41 -27.39 13.96
C VAL B 621 29.97 -28.81 14.17
N MET B 622 29.80 -29.38 15.37
CA MET B 622 30.44 -30.65 15.80
C MET B 622 29.91 -31.82 14.96
N ALA B 623 28.63 -31.80 14.58
CA ALA B 623 27.97 -32.86 13.78
C ALA B 623 28.69 -33.01 12.43
N SER B 624 28.96 -31.88 11.75
CA SER B 624 29.68 -31.82 10.45
C SER B 624 31.09 -32.40 10.60
N ILE B 625 31.79 -32.05 11.68
CA ILE B 625 33.18 -32.51 11.99
C ILE B 625 33.18 -34.03 12.15
N ALA B 626 32.24 -34.57 12.94
CA ALA B 626 32.11 -36.01 13.25
C ALA B 626 31.87 -36.82 11.98
N VAL B 627 30.97 -36.34 11.10
CA VAL B 627 30.63 -36.97 9.80
C VAL B 627 31.89 -37.09 8.94
N ASN B 628 32.70 -36.03 8.87
CA ASN B 628 33.89 -35.93 7.98
C ASN B 628 35.02 -36.83 8.49
N ILE B 629 35.13 -37.04 9.81
CA ILE B 629 36.17 -37.92 10.44
C ILE B 629 35.85 -39.38 10.11
N ARG B 630 34.57 -39.78 10.22
CA ARG B 630 34.09 -41.17 9.96
C ARG B 630 34.42 -41.58 8.52
N HIS B 631 34.15 -40.69 7.55
CA HIS B 631 34.26 -40.95 6.09
C HIS B 631 35.61 -40.43 5.55
N ASP B 632 36.52 -40.00 6.43
CA ASP B 632 37.90 -39.56 6.09
C ASP B 632 37.85 -38.43 5.06
N LEU B 633 37.07 -37.39 5.34
CA LEU B 633 36.94 -36.16 4.50
C LEU B 633 37.68 -35.02 5.20
N PRO B 634 38.14 -33.99 4.46
CA PRO B 634 38.77 -32.82 5.09
C PRO B 634 37.81 -32.10 6.04
N TYR B 635 38.26 -31.80 7.27
CA TYR B 635 37.48 -31.07 8.30
C TYR B 635 38.36 -29.97 8.94
N LYS B 636 39.39 -29.52 8.23
CA LYS B 636 40.41 -28.54 8.72
C LYS B 636 39.72 -27.22 9.07
N ASN B 637 38.93 -26.67 8.14
CA ASN B 637 38.24 -25.36 8.26
C ASN B 637 37.12 -25.46 9.31
N LEU B 638 36.39 -26.58 9.31
CA LEU B 638 35.33 -26.88 10.32
C LEU B 638 35.93 -26.84 11.73
N LEU B 639 37.13 -27.39 11.90
CA LEU B 639 37.85 -27.44 13.20
C LEU B 639 38.24 -26.02 13.62
N LYS B 640 38.76 -25.22 12.68
CA LYS B 640 39.09 -23.79 12.90
C LYS B 640 37.80 -23.02 13.25
N GLY B 641 36.68 -23.36 12.61
CA GLY B 641 35.35 -22.80 12.89
C GLY B 641 34.93 -23.04 14.33
N ALA B 642 35.10 -24.27 14.82
CA ALA B 642 34.78 -24.70 16.20
C ALA B 642 35.66 -23.92 17.20
N ALA B 643 36.97 -23.84 16.91
CA ALA B 643 37.99 -23.15 17.74
C ALA B 643 37.61 -21.67 17.91
N LEU B 644 37.22 -21.01 16.82
CA LEU B 644 36.78 -19.58 16.78
C LEU B 644 35.53 -19.42 17.65
N GLY B 645 34.65 -20.43 17.67
CA GLY B 645 33.43 -20.45 18.50
C GLY B 645 33.75 -20.37 19.98
N TYR B 646 34.69 -21.17 20.46
CA TYR B 646 35.16 -21.19 21.86
C TYR B 646 36.00 -19.92 22.13
N ALA B 647 36.79 -19.48 21.14
CA ALA B 647 37.60 -18.24 21.19
C ALA B 647 36.69 -17.02 21.33
N TYR B 648 35.54 -17.03 20.65
CA TYR B 648 34.50 -15.96 20.71
C TYR B 648 33.85 -15.95 22.10
N ALA B 649 33.48 -17.14 22.60
CA ALA B 649 32.78 -17.34 23.90
C ALA B 649 33.63 -16.77 25.06
N ILE B 650 34.95 -17.00 25.02
CA ILE B 650 35.91 -16.60 26.09
C ILE B 650 36.24 -15.11 25.96
N GLN B 651 36.44 -14.61 24.73
CA GLN B 651 36.98 -13.26 24.45
C GLN B 651 35.87 -12.21 24.47
N PHE B 652 34.72 -12.48 23.82
CA PHE B 652 33.59 -11.54 23.64
C PHE B 652 32.56 -11.69 24.76
N LEU B 653 32.08 -12.91 24.99
CA LEU B 653 30.95 -13.21 25.92
C LEU B 653 31.48 -13.42 27.34
N GLU B 654 32.75 -13.79 27.50
CA GLU B 654 33.45 -13.91 28.81
C GLU B 654 32.77 -14.99 29.65
N ILE B 655 32.97 -16.26 29.29
CA ILE B 655 32.33 -17.45 29.93
C ILE B 655 33.32 -18.11 30.92
N GLU B 656 34.62 -17.83 30.78
CA GLU B 656 35.75 -18.47 31.52
C GLU B 656 36.22 -19.70 30.74
N GLU B 657 37.54 -19.86 30.58
CA GLU B 657 38.18 -20.93 29.79
C GLU B 657 37.89 -22.29 30.42
N THR B 658 37.89 -22.37 31.76
CA THR B 658 37.64 -23.60 32.57
C THR B 658 36.33 -24.25 32.12
N LYS B 659 35.27 -23.45 31.90
CA LYS B 659 33.92 -23.94 31.50
C LYS B 659 33.95 -24.35 30.02
N ALA B 660 34.65 -23.56 29.18
CA ALA B 660 34.79 -23.78 27.72
C ALA B 660 35.43 -25.15 27.46
N VAL B 661 36.51 -25.48 28.17
CA VAL B 661 37.27 -26.76 28.02
C VAL B 661 36.39 -27.93 28.51
N GLU B 662 35.62 -27.71 29.58
CA GLU B 662 34.71 -28.75 30.17
C GLU B 662 33.56 -29.04 29.20
N HIS B 663 33.06 -28.02 28.50
CA HIS B 663 32.03 -28.14 27.43
C HIS B 663 32.65 -28.88 26.23
N LEU B 664 33.78 -28.39 25.74
CA LEU B 664 34.62 -29.01 24.67
C LEU B 664 34.76 -30.52 24.93
N GLN B 665 35.25 -30.88 26.12
CA GLN B 665 35.52 -32.28 26.55
C GLN B 665 34.21 -33.08 26.59
N GLN B 666 33.15 -32.51 27.18
CA GLN B 666 31.83 -33.16 27.38
C GLN B 666 31.21 -33.50 26.01
N GLN B 667 31.18 -32.53 25.08
CA GLN B 667 30.51 -32.64 23.76
C GLN B 667 31.24 -33.68 22.90
N ILE B 668 32.58 -33.66 22.88
CA ILE B 668 33.43 -34.61 22.10
C ILE B 668 33.18 -36.05 22.61
N GLN B 669 32.86 -36.20 23.90
CA GLN B 669 32.57 -37.52 24.54
C GLN B 669 31.22 -38.05 24.04
N ASN B 670 30.29 -37.16 23.70
CA ASN B 670 28.91 -37.50 23.26
C ASN B 670 28.89 -37.84 21.76
N LEU B 671 29.95 -37.48 21.01
CA LEU B 671 30.04 -37.74 19.55
C LEU B 671 30.14 -39.24 19.30
N ASP B 672 29.58 -39.70 18.18
CA ASP B 672 29.64 -41.12 17.70
C ASP B 672 30.99 -41.31 16.98
N LEU B 673 32.06 -41.41 17.76
CA LEU B 673 33.46 -41.63 17.28
C LEU B 673 34.14 -42.67 18.18
N SER B 674 35.28 -43.21 17.73
CA SER B 674 36.17 -44.09 18.52
C SER B 674 36.99 -43.25 19.50
N THR B 675 37.46 -43.85 20.60
CA THR B 675 38.26 -43.18 21.67
C THR B 675 39.50 -42.53 21.05
N ALA B 676 40.11 -43.19 20.06
CA ALA B 676 41.27 -42.71 19.29
C ALA B 676 40.94 -41.36 18.62
N GLN B 677 39.80 -41.29 17.95
CA GLN B 677 39.33 -40.10 17.18
C GLN B 677 38.93 -38.98 18.16
N ARG B 678 38.35 -39.35 19.32
CA ARG B 678 37.94 -38.40 20.39
C ARG B 678 39.18 -37.70 20.96
N ARG B 679 40.21 -38.46 21.32
CA ARG B 679 41.48 -37.96 21.91
C ARG B 679 42.18 -37.03 20.90
N GLN B 680 42.26 -37.46 19.63
CA GLN B 680 42.91 -36.69 18.53
C GLN B 680 42.19 -35.35 18.35
N LEU B 681 40.86 -35.39 18.19
CA LEU B 681 39.99 -34.20 17.98
C LEU B 681 40.15 -33.22 19.16
N GLU B 682 40.08 -33.74 20.39
CA GLU B 682 40.19 -32.95 21.64
C GLU B 682 41.55 -32.25 21.69
N ALA B 683 42.61 -32.94 21.28
CA ALA B 683 44.02 -32.46 21.29
C ALA B 683 44.25 -31.43 20.19
N GLU B 684 43.72 -31.70 18.98
CA GLU B 684 43.85 -30.82 17.79
C GLU B 684 43.10 -29.50 18.01
N LEU B 685 41.93 -29.56 18.66
CA LEU B 685 41.02 -28.40 18.86
C LEU B 685 41.56 -27.50 19.97
N VAL B 686 41.95 -28.06 21.11
CA VAL B 686 42.46 -27.32 22.31
C VAL B 686 43.79 -26.64 21.94
N GLN B 687 44.60 -27.26 21.07
CA GLN B 687 45.86 -26.71 20.54
C GLN B 687 45.55 -25.48 19.66
N LEU B 688 44.55 -25.60 18.79
CA LEU B 688 44.17 -24.56 17.80
C LEU B 688 43.49 -23.38 18.52
N ILE B 689 42.85 -23.64 19.67
CA ILE B 689 42.21 -22.59 20.53
C ILE B 689 43.32 -21.76 21.18
N GLN B 690 44.30 -22.41 21.79
CA GLN B 690 45.46 -21.77 22.48
C GLN B 690 46.29 -20.97 21.46
N TYR B 691 46.37 -21.46 20.22
CA TYR B 691 47.09 -20.80 19.09
C TYR B 691 46.48 -19.42 18.81
N LEU B 692 45.15 -19.31 18.87
CA LEU B 692 44.41 -18.05 18.61
C LEU B 692 44.58 -17.07 19.79
N PHE B 693 44.94 -17.58 20.97
CA PHE B 693 45.23 -16.78 22.19
C PHE B 693 46.76 -16.60 22.35
N SER B 694 47.53 -16.83 21.28
CA SER B 694 49.01 -16.65 21.23
C SER B 694 49.44 -16.29 19.80
C1 BME C . -22.28 16.78 -25.92
C2 BME C . -21.05 16.04 -26.36
O1 BME C . -23.08 15.97 -25.07
S2 BME C . -19.83 17.11 -27.16
MG MG D . 30.62 18.80 2.49
S SO4 E . 34.33 18.40 4.45
O1 SO4 E . 35.54 18.14 3.72
O2 SO4 E . 34.56 18.20 5.85
O3 SO4 E . 33.91 19.76 4.22
O4 SO4 E . 33.30 17.51 4.00
MG MG F . 12.76 15.93 -13.87
CL CL G . 13.02 16.43 -4.48
N1 EPE H . 15.47 3.59 12.54
C2 EPE H . 15.94 2.50 11.68
C3 EPE H . 17.47 2.37 11.66
N4 EPE H . 18.01 2.33 13.00
C5 EPE H . 17.64 3.52 13.75
C6 EPE H . 16.12 3.65 13.83
C7 EPE H . 19.45 2.13 13.01
C8 EPE H . 19.80 0.67 12.71
O8 EPE H . 20.19 0.53 11.38
C9 EPE H . 15.45 4.87 11.83
C10 EPE H . 14.08 5.08 11.19
S EPE H . 14.25 5.79 9.53
O1S EPE H . 14.30 7.31 9.82
O2S EPE H . 15.47 5.44 8.81
O3S EPE H . 12.99 5.59 8.89
MG MG I . -34.58 -13.50 5.14
S SO4 J . -34.78 -10.21 4.32
O1 SO4 J . -34.58 -11.54 4.84
O2 SO4 J . -33.51 -9.54 4.26
O3 SO4 J . -35.66 -9.48 5.19
O4 SO4 J . -35.35 -10.29 3.01
S SO4 K . 15.41 -12.56 18.19
O1 SO4 K . 16.60 -12.33 17.42
O2 SO4 K . 15.77 -12.96 19.52
O3 SO4 K . 14.62 -11.35 18.24
O4 SO4 K . 14.64 -13.61 17.57
O3P 44H L . 18.90 -18.16 15.51
P 44H L . 20.32 -18.82 15.90
O1P 44H L . 20.98 -18.01 17.12
O2P 44H L . 20.09 -20.23 16.31
O1 44H L . 21.31 -18.77 14.63
C1 44H L . 21.70 -17.54 14.04
C2 44H L . 21.43 -17.55 12.54
O2 44H L . 22.14 -18.66 11.95
C3 44H L . 19.94 -17.68 12.22
O3 44H L . 19.20 -16.68 12.92
C4 44H L . 19.68 -17.51 10.71
O4 44H L . 19.80 -16.12 10.38
C5 44H L . 18.29 -18.02 10.30
C6 44H L . 18.01 -17.70 8.84
O6 44H L . 19.00 -18.33 8.01
O5 44H L . 18.18 -19.43 10.50
#